data_7XA0
# 
_entry.id   7XA0 
# 
_audit_conform.dict_name       mmcif_pdbx.dic 
_audit_conform.dict_version    5.380 
_audit_conform.dict_location   http://mmcif.pdb.org/dictionaries/ascii/mmcif_pdbx.dic 
# 
loop_
_database_2.database_id 
_database_2.database_code 
_database_2.pdbx_database_accession 
_database_2.pdbx_DOI 
PDB   7XA0         pdb_00007xa0 10.2210/pdb7xa0/pdb 
WWPDB D_1300028417 ?            ?                   
# 
_pdbx_database_status.status_code                     REL 
_pdbx_database_status.status_code_sf                  REL 
_pdbx_database_status.status_code_mr                  ? 
_pdbx_database_status.entry_id                        7XA0 
_pdbx_database_status.recvd_initial_deposition_date   2022-03-16 
_pdbx_database_status.SG_entry                        N 
_pdbx_database_status.deposit_site                    PDBJ 
_pdbx_database_status.process_site                    PDBJ 
_pdbx_database_status.status_code_cs                  ? 
_pdbx_database_status.status_code_nmr_data            ? 
_pdbx_database_status.methods_development_category    ? 
_pdbx_database_status.pdb_format_compatible           Y 
# 
loop_
_audit_author.name 
_audit_author.pdbx_ordinal 
_audit_author.identifier_ORCID 
'Yu, L.'       1 ? 
'Guanghua, Z.' 2 ? 
# 
_citation.abstract                  ? 
_citation.abstract_id_CAS           ? 
_citation.book_id_ISBN              ? 
_citation.book_publisher            ? 
_citation.book_publisher_city       ? 
_citation.book_title                ? 
_citation.coordinate_linkage        ? 
_citation.country                   ? 
_citation.database_id_Medline       ? 
_citation.details                   ? 
_citation.id                        primary 
_citation.journal_abbrev            'To Be Published' 
_citation.journal_id_ASTM           ? 
_citation.journal_id_CSD            0353 
_citation.journal_id_ISSN           ? 
_citation.journal_full              ? 
_citation.journal_issue             ? 
_citation.journal_volume            ? 
_citation.language                  ? 
_citation.page_first                ? 
_citation.page_last                 ? 
_citation.title                     'Thermotoga maritima ferritin variant-Tm-E(S111F)' 
_citation.year                      ? 
_citation.database_id_CSD           ? 
_citation.pdbx_database_id_DOI      ? 
_citation.pdbx_database_id_PubMed   ? 
_citation.pdbx_database_id_patent   ? 
_citation.unpublished_flag          ? 
# 
loop_
_citation_author.citation_id 
_citation_author.name 
_citation_author.ordinal 
_citation_author.identifier_ORCID 
primary 'Yu, L.'       1 ? 
primary 'Guanghua, Z.' 2 ? 
# 
_cell.angle_alpha                  90.000 
_cell.angle_alpha_esd              ? 
_cell.angle_beta                   90.000 
_cell.angle_beta_esd               ? 
_cell.angle_gamma                  120.000 
_cell.angle_gamma_esd              ? 
_cell.entry_id                     7XA0 
_cell.details                      ? 
_cell.formula_units_Z              ? 
_cell.length_a                     55.337 
_cell.length_a_esd                 ? 
_cell.length_b                     55.337 
_cell.length_b_esd                 ? 
_cell.length_c                     128.818 
_cell.length_c_esd                 ? 
_cell.volume                       ? 
_cell.volume_esd                   ? 
_cell.Z_PDB                        6 
_cell.reciprocal_angle_alpha       ? 
_cell.reciprocal_angle_beta        ? 
_cell.reciprocal_angle_gamma       ? 
_cell.reciprocal_angle_alpha_esd   ? 
_cell.reciprocal_angle_beta_esd    ? 
_cell.reciprocal_angle_gamma_esd   ? 
_cell.reciprocal_length_a          ? 
_cell.reciprocal_length_b          ? 
_cell.reciprocal_length_c          ? 
_cell.reciprocal_length_a_esd      ? 
_cell.reciprocal_length_b_esd      ? 
_cell.reciprocal_length_c_esd      ? 
_cell.pdbx_unique_axis             ? 
# 
_symmetry.entry_id                         7XA0 
_symmetry.cell_setting                     ? 
_symmetry.Int_Tables_number                153 
_symmetry.space_group_name_Hall            ? 
_symmetry.space_group_name_H-M             'P 32 1 2' 
_symmetry.pdbx_full_space_group_name_H-M   ? 
# 
loop_
_entity.id 
_entity.type 
_entity.src_method 
_entity.pdbx_description 
_entity.formula_weight 
_entity.pdbx_number_of_molecules 
_entity.pdbx_ec 
_entity.pdbx_mutation 
_entity.pdbx_fragment 
_entity.details 
1 polymer man Ferritin 17494.680 1  1.16.3.2 S111F ? ? 
2 water   nat water    18.015    75 ?        ?     ? ? 
# 
_entity_poly.entity_id                      1 
_entity_poly.type                           'polypeptide(L)' 
_entity_poly.nstd_linkage                   no 
_entity_poly.nstd_monomer                   no 
_entity_poly.pdbx_seq_one_letter_code       
;MMVISEKVRKALNDQLNREIYSSYLYLSMATYFDAEGFKGFAHWMKKQAQEELTHAMKFYEYIYERGGRVELEAIEKPPS
NWNGIKDAFEAALKHEEFVTQSIYNILELAFEEKDHATVSFLKWFVDEQVEEEDQVREILDLLEKANG
;
_entity_poly.pdbx_seq_one_letter_code_can   
;MMVISEKVRKALNDQLNREIYSSYLYLSMATYFDAEGFKGFAHWMKKQAQEELTHAMKFYEYIYERGGRVELEAIEKPPS
NWNGIKDAFEAALKHEEFVTQSIYNILELAFEEKDHATVSFLKWFVDEQVEEEDQVREILDLLEKANG
;
_entity_poly.pdbx_strand_id                 A 
_entity_poly.pdbx_target_identifier         ? 
# 
loop_
_entity_poly_seq.entity_id 
_entity_poly_seq.num 
_entity_poly_seq.mon_id 
_entity_poly_seq.hetero 
1 1   MET n 
1 2   MET n 
1 3   VAL n 
1 4   ILE n 
1 5   SER n 
1 6   GLU n 
1 7   LYS n 
1 8   VAL n 
1 9   ARG n 
1 10  LYS n 
1 11  ALA n 
1 12  LEU n 
1 13  ASN n 
1 14  ASP n 
1 15  GLN n 
1 16  LEU n 
1 17  ASN n 
1 18  ARG n 
1 19  GLU n 
1 20  ILE n 
1 21  TYR n 
1 22  SER n 
1 23  SER n 
1 24  TYR n 
1 25  LEU n 
1 26  TYR n 
1 27  LEU n 
1 28  SER n 
1 29  MET n 
1 30  ALA n 
1 31  THR n 
1 32  TYR n 
1 33  PHE n 
1 34  ASP n 
1 35  ALA n 
1 36  GLU n 
1 37  GLY n 
1 38  PHE n 
1 39  LYS n 
1 40  GLY n 
1 41  PHE n 
1 42  ALA n 
1 43  HIS n 
1 44  TRP n 
1 45  MET n 
1 46  LYS n 
1 47  LYS n 
1 48  GLN n 
1 49  ALA n 
1 50  GLN n 
1 51  GLU n 
1 52  GLU n 
1 53  LEU n 
1 54  THR n 
1 55  HIS n 
1 56  ALA n 
1 57  MET n 
1 58  LYS n 
1 59  PHE n 
1 60  TYR n 
1 61  GLU n 
1 62  TYR n 
1 63  ILE n 
1 64  TYR n 
1 65  GLU n 
1 66  ARG n 
1 67  GLY n 
1 68  GLY n 
1 69  ARG n 
1 70  VAL n 
1 71  GLU n 
1 72  LEU n 
1 73  GLU n 
1 74  ALA n 
1 75  ILE n 
1 76  GLU n 
1 77  LYS n 
1 78  PRO n 
1 79  PRO n 
1 80  SER n 
1 81  ASN n 
1 82  TRP n 
1 83  ASN n 
1 84  GLY n 
1 85  ILE n 
1 86  LYS n 
1 87  ASP n 
1 88  ALA n 
1 89  PHE n 
1 90  GLU n 
1 91  ALA n 
1 92  ALA n 
1 93  LEU n 
1 94  LYS n 
1 95  HIS n 
1 96  GLU n 
1 97  GLU n 
1 98  PHE n 
1 99  VAL n 
1 100 THR n 
1 101 GLN n 
1 102 SER n 
1 103 ILE n 
1 104 TYR n 
1 105 ASN n 
1 106 ILE n 
1 107 LEU n 
1 108 GLU n 
1 109 LEU n 
1 110 ALA n 
1 111 PHE n 
1 112 GLU n 
1 113 GLU n 
1 114 LYS n 
1 115 ASP n 
1 116 HIS n 
1 117 ALA n 
1 118 THR n 
1 119 VAL n 
1 120 SER n 
1 121 PHE n 
1 122 LEU n 
1 123 LYS n 
1 124 TRP n 
1 125 PHE n 
1 126 VAL n 
1 127 ASP n 
1 128 GLU n 
1 129 GLN n 
1 130 VAL n 
1 131 GLU n 
1 132 GLU n 
1 133 GLU n 
1 134 ASP n 
1 135 GLN n 
1 136 VAL n 
1 137 ARG n 
1 138 GLU n 
1 139 ILE n 
1 140 LEU n 
1 141 ASP n 
1 142 LEU n 
1 143 LEU n 
1 144 GLU n 
1 145 LYS n 
1 146 ALA n 
1 147 ASN n 
1 148 GLY n 
# 
_entity_src_gen.entity_id                          1 
_entity_src_gen.pdbx_src_id                        1 
_entity_src_gen.pdbx_alt_source_flag               sample 
_entity_src_gen.pdbx_seq_type                      'Biological sequence' 
_entity_src_gen.pdbx_beg_seq_num                   1 
_entity_src_gen.pdbx_end_seq_num                   148 
_entity_src_gen.gene_src_common_name               ? 
_entity_src_gen.gene_src_genus                     ? 
_entity_src_gen.pdbx_gene_src_gene                 TM_1128 
_entity_src_gen.gene_src_species                   ? 
_entity_src_gen.gene_src_strain                    ? 
_entity_src_gen.gene_src_tissue                    ? 
_entity_src_gen.gene_src_tissue_fraction           ? 
_entity_src_gen.gene_src_details                   ? 
_entity_src_gen.pdbx_gene_src_fragment             ? 
_entity_src_gen.pdbx_gene_src_scientific_name      'Thermotoga maritima' 
_entity_src_gen.pdbx_gene_src_ncbi_taxonomy_id     2336 
_entity_src_gen.pdbx_gene_src_variant              ? 
_entity_src_gen.pdbx_gene_src_cell_line            ? 
_entity_src_gen.pdbx_gene_src_atcc                 ? 
_entity_src_gen.pdbx_gene_src_organ                ? 
_entity_src_gen.pdbx_gene_src_organelle            ? 
_entity_src_gen.pdbx_gene_src_cell                 ? 
_entity_src_gen.pdbx_gene_src_cellular_location    ? 
_entity_src_gen.host_org_common_name               ? 
_entity_src_gen.pdbx_host_org_scientific_name      'Escherichia coli' 
_entity_src_gen.pdbx_host_org_ncbi_taxonomy_id     562 
_entity_src_gen.host_org_genus                     ? 
_entity_src_gen.pdbx_host_org_gene                 ? 
_entity_src_gen.pdbx_host_org_organ                ? 
_entity_src_gen.host_org_species                   ? 
_entity_src_gen.pdbx_host_org_tissue               ? 
_entity_src_gen.pdbx_host_org_tissue_fraction      ? 
_entity_src_gen.pdbx_host_org_strain               ? 
_entity_src_gen.pdbx_host_org_variant              ? 
_entity_src_gen.pdbx_host_org_cell_line            ? 
_entity_src_gen.pdbx_host_org_atcc                 ? 
_entity_src_gen.pdbx_host_org_culture_collection   ? 
_entity_src_gen.pdbx_host_org_cell                 ? 
_entity_src_gen.pdbx_host_org_organelle            ? 
_entity_src_gen.pdbx_host_org_cellular_location    ? 
_entity_src_gen.pdbx_host_org_vector_type          ? 
_entity_src_gen.pdbx_host_org_vector               ? 
_entity_src_gen.host_org_details                   ? 
_entity_src_gen.expression_system_id               ? 
_entity_src_gen.plasmid_name                       ? 
_entity_src_gen.plasmid_details                    ? 
_entity_src_gen.pdbx_description                   ? 
# 
_struct_ref.id                         1 
_struct_ref.db_name                    UNP 
_struct_ref.db_code                    Q9X0L2_THEMA 
_struct_ref.pdbx_db_accession          Q9X0L2 
_struct_ref.pdbx_db_isoform            ? 
_struct_ref.entity_id                  1 
_struct_ref.pdbx_seq_one_letter_code   
;MMVISEKVRKALNDQLNREIYSSYLYLSMATYFDAEGFKGFAHWMKKQAQEELTHAMKFYEYIYERGGRVELEAIEKPPS
NWNGIKDAFEAALKHEEFVTQSIYNILELASEEKDHATVSFLKWFVDEQVEEEDQVREILDLLEKANG
;
_struct_ref.pdbx_align_begin           1 
# 
_struct_ref_seq.align_id                      1 
_struct_ref_seq.ref_id                        1 
_struct_ref_seq.pdbx_PDB_id_code              7XA0 
_struct_ref_seq.pdbx_strand_id                A 
_struct_ref_seq.seq_align_beg                 1 
_struct_ref_seq.pdbx_seq_align_beg_ins_code   ? 
_struct_ref_seq.seq_align_end                 148 
_struct_ref_seq.pdbx_seq_align_end_ins_code   ? 
_struct_ref_seq.pdbx_db_accession             Q9X0L2 
_struct_ref_seq.db_align_beg                  1 
_struct_ref_seq.pdbx_db_align_beg_ins_code    ? 
_struct_ref_seq.db_align_end                  148 
_struct_ref_seq.pdbx_db_align_end_ins_code    ? 
_struct_ref_seq.pdbx_auth_seq_align_beg       1 
_struct_ref_seq.pdbx_auth_seq_align_end       148 
# 
_struct_ref_seq_dif.align_id                     1 
_struct_ref_seq_dif.pdbx_pdb_id_code             7XA0 
_struct_ref_seq_dif.mon_id                       PHE 
_struct_ref_seq_dif.pdbx_pdb_strand_id           A 
_struct_ref_seq_dif.seq_num                      111 
_struct_ref_seq_dif.pdbx_pdb_ins_code            ? 
_struct_ref_seq_dif.pdbx_seq_db_name             UNP 
_struct_ref_seq_dif.pdbx_seq_db_accession_code   Q9X0L2 
_struct_ref_seq_dif.db_mon_id                    SER 
_struct_ref_seq_dif.pdbx_seq_db_seq_num          111 
_struct_ref_seq_dif.details                      'engineered mutation' 
_struct_ref_seq_dif.pdbx_auth_seq_num            111 
_struct_ref_seq_dif.pdbx_ordinal                 1 
# 
loop_
_chem_comp.id 
_chem_comp.type 
_chem_comp.mon_nstd_flag 
_chem_comp.name 
_chem_comp.pdbx_synonyms 
_chem_comp.formula 
_chem_comp.formula_weight 
ALA 'L-peptide linking' y ALANINE         ? 'C3 H7 N O2'     89.093  
ARG 'L-peptide linking' y ARGININE        ? 'C6 H15 N4 O2 1' 175.209 
ASN 'L-peptide linking' y ASPARAGINE      ? 'C4 H8 N2 O3'    132.118 
ASP 'L-peptide linking' y 'ASPARTIC ACID' ? 'C4 H7 N O4'     133.103 
GLN 'L-peptide linking' y GLUTAMINE       ? 'C5 H10 N2 O3'   146.144 
GLU 'L-peptide linking' y 'GLUTAMIC ACID' ? 'C5 H9 N O4'     147.129 
GLY 'peptide linking'   y GLYCINE         ? 'C2 H5 N O2'     75.067  
HIS 'L-peptide linking' y HISTIDINE       ? 'C6 H10 N3 O2 1' 156.162 
HOH non-polymer         . WATER           ? 'H2 O'           18.015  
ILE 'L-peptide linking' y ISOLEUCINE      ? 'C6 H13 N O2'    131.173 
LEU 'L-peptide linking' y LEUCINE         ? 'C6 H13 N O2'    131.173 
LYS 'L-peptide linking' y LYSINE          ? 'C6 H15 N2 O2 1' 147.195 
MET 'L-peptide linking' y METHIONINE      ? 'C5 H11 N O2 S'  149.211 
PHE 'L-peptide linking' y PHENYLALANINE   ? 'C9 H11 N O2'    165.189 
PRO 'L-peptide linking' y PROLINE         ? 'C5 H9 N O2'     115.130 
SER 'L-peptide linking' y SERINE          ? 'C3 H7 N O3'     105.093 
THR 'L-peptide linking' y THREONINE       ? 'C4 H9 N O3'     119.119 
TRP 'L-peptide linking' y TRYPTOPHAN      ? 'C11 H12 N2 O2'  204.225 
TYR 'L-peptide linking' y TYROSINE        ? 'C9 H11 N O3'    181.189 
VAL 'L-peptide linking' y VALINE          ? 'C5 H11 N O2'    117.146 
# 
_exptl.absorpt_coefficient_mu     ? 
_exptl.absorpt_correction_T_max   ? 
_exptl.absorpt_correction_T_min   ? 
_exptl.absorpt_correction_type    ? 
_exptl.absorpt_process_details    ? 
_exptl.entry_id                   7XA0 
_exptl.crystals_number            1 
_exptl.details                    ? 
_exptl.method                     'X-RAY DIFFRACTION' 
_exptl.method_details             ? 
# 
_exptl_crystal.colour                      ? 
_exptl_crystal.density_diffrn              ? 
_exptl_crystal.density_Matthews            3.25 
_exptl_crystal.density_method              ? 
_exptl_crystal.density_percent_sol         62.21 
_exptl_crystal.description                 ? 
_exptl_crystal.F_000                       ? 
_exptl_crystal.id                          1 
_exptl_crystal.preparation                 ? 
_exptl_crystal.size_max                    ? 
_exptl_crystal.size_mid                    ? 
_exptl_crystal.size_min                    ? 
_exptl_crystal.size_rad                    ? 
_exptl_crystal.colour_lustre               ? 
_exptl_crystal.colour_modifier             ? 
_exptl_crystal.colour_primary              ? 
_exptl_crystal.density_meas                ? 
_exptl_crystal.density_meas_esd            ? 
_exptl_crystal.density_meas_gt             ? 
_exptl_crystal.density_meas_lt             ? 
_exptl_crystal.density_meas_temp           ? 
_exptl_crystal.density_meas_temp_esd       ? 
_exptl_crystal.density_meas_temp_gt        ? 
_exptl_crystal.density_meas_temp_lt        ? 
_exptl_crystal.pdbx_crystal_image_url      ? 
_exptl_crystal.pdbx_crystal_image_format   ? 
_exptl_crystal.pdbx_mosaicity              ? 
_exptl_crystal.pdbx_mosaicity_esd          ? 
# 
_exptl_crystal_grow.apparatus       ? 
_exptl_crystal_grow.atmosphere      ? 
_exptl_crystal_grow.crystal_id      1 
_exptl_crystal_grow.details         ? 
_exptl_crystal_grow.method          'VAPOR DIFFUSION, HANGING DROP' 
_exptl_crystal_grow.method_ref      ? 
_exptl_crystal_grow.pH              ? 
_exptl_crystal_grow.pressure        ? 
_exptl_crystal_grow.pressure_esd    ? 
_exptl_crystal_grow.seeding         ? 
_exptl_crystal_grow.seeding_ref     ? 
_exptl_crystal_grow.temp            293 
_exptl_crystal_grow.temp_details    ? 
_exptl_crystal_grow.temp_esd        ? 
_exptl_crystal_grow.time            ? 
_exptl_crystal_grow.pdbx_details    '100mM MES pH 6.0, 200mM Lithium sulfate, 35% MPD' 
_exptl_crystal_grow.pdbx_pH_range   ? 
# 
_diffrn.ambient_environment              ? 
_diffrn.ambient_temp                     100 
_diffrn.ambient_temp_details             ? 
_diffrn.ambient_temp_esd                 ? 
_diffrn.crystal_id                       1 
_diffrn.crystal_support                  ? 
_diffrn.crystal_treatment                ? 
_diffrn.details                          ? 
_diffrn.id                               1 
_diffrn.ambient_pressure                 ? 
_diffrn.ambient_pressure_esd             ? 
_diffrn.ambient_pressure_gt              ? 
_diffrn.ambient_pressure_lt              ? 
_diffrn.ambient_temp_gt                  ? 
_diffrn.ambient_temp_lt                  ? 
_diffrn.pdbx_serial_crystal_experiment   N 
# 
_diffrn_detector.details                      ? 
_diffrn_detector.detector                     PIXEL 
_diffrn_detector.diffrn_id                    1 
_diffrn_detector.type                         'DECTRIS PILATUS 6M' 
_diffrn_detector.area_resol_mean              ? 
_diffrn_detector.dtime                        ? 
_diffrn_detector.pdbx_frames_total            ? 
_diffrn_detector.pdbx_collection_time_total   ? 
_diffrn_detector.pdbx_collection_date         2022-01-02 
_diffrn_detector.pdbx_frequency               ? 
# 
_diffrn_radiation.collimation                      ? 
_diffrn_radiation.diffrn_id                        1 
_diffrn_radiation.filter_edge                      ? 
_diffrn_radiation.inhomogeneity                    ? 
_diffrn_radiation.monochromator                    ? 
_diffrn_radiation.polarisn_norm                    ? 
_diffrn_radiation.polarisn_ratio                   ? 
_diffrn_radiation.probe                            ? 
_diffrn_radiation.type                             ? 
_diffrn_radiation.xray_symbol                      ? 
_diffrn_radiation.wavelength_id                    1 
_diffrn_radiation.pdbx_monochromatic_or_laue_m_l   M 
_diffrn_radiation.pdbx_wavelength_list             ? 
_diffrn_radiation.pdbx_wavelength                  ? 
_diffrn_radiation.pdbx_diffrn_protocol             'SINGLE WAVELENGTH' 
_diffrn_radiation.pdbx_analyzer                    ? 
_diffrn_radiation.pdbx_scattering_type             x-ray 
# 
_diffrn_radiation_wavelength.id           1 
_diffrn_radiation_wavelength.wavelength   0.97915 
_diffrn_radiation_wavelength.wt           1.0 
# 
_diffrn_source.current                     ? 
_diffrn_source.details                     ? 
_diffrn_source.diffrn_id                   1 
_diffrn_source.power                       ? 
_diffrn_source.size                        ? 
_diffrn_source.source                      SYNCHROTRON 
_diffrn_source.target                      ? 
_diffrn_source.type                        'SSRF BEAMLINE BL18U1' 
_diffrn_source.voltage                     ? 
_diffrn_source.take-off_angle              ? 
_diffrn_source.pdbx_wavelength_list        0.97915 
_diffrn_source.pdbx_wavelength             ? 
_diffrn_source.pdbx_synchrotron_beamline   BL18U1 
_diffrn_source.pdbx_synchrotron_site       SSRF 
# 
_reflns.B_iso_Wilson_estimate                          ? 
_reflns.entry_id                                       7XA0 
_reflns.data_reduction_details                         ? 
_reflns.data_reduction_method                          ? 
_reflns.d_resolution_high                              2.03 
_reflns.d_resolution_low                               42.94 
_reflns.details                                        ? 
_reflns.limit_h_max                                    ? 
_reflns.limit_h_min                                    ? 
_reflns.limit_k_max                                    ? 
_reflns.limit_k_min                                    ? 
_reflns.limit_l_max                                    ? 
_reflns.limit_l_min                                    ? 
_reflns.number_all                                     ? 
_reflns.number_obs                                     15978 
_reflns.observed_criterion                             ? 
_reflns.observed_criterion_F_max                       ? 
_reflns.observed_criterion_F_min                       ? 
_reflns.observed_criterion_I_max                       ? 
_reflns.observed_criterion_I_min                       ? 
_reflns.observed_criterion_sigma_F                     ? 
_reflns.observed_criterion_sigma_I                     ? 
_reflns.percent_possible_obs                           98.65 
_reflns.R_free_details                                 ? 
_reflns.Rmerge_F_all                                   ? 
_reflns.Rmerge_F_obs                                   ? 
_reflns.Friedel_coverage                               ? 
_reflns.number_gt                                      ? 
_reflns.threshold_expression                           ? 
_reflns.pdbx_redundancy                                1.1 
_reflns.pdbx_Rmerge_I_obs                              ? 
_reflns.pdbx_Rmerge_I_all                              ? 
_reflns.pdbx_Rsym_value                                ? 
_reflns.pdbx_netI_over_av_sigmaI                       ? 
_reflns.pdbx_netI_over_sigmaI                          21.51 
_reflns.pdbx_res_netI_over_av_sigmaI_2                 ? 
_reflns.pdbx_res_netI_over_sigmaI_2                    ? 
_reflns.pdbx_chi_squared                               ? 
_reflns.pdbx_scaling_rejects                           ? 
_reflns.pdbx_d_res_high_opt                            ? 
_reflns.pdbx_d_res_low_opt                             ? 
_reflns.pdbx_d_res_opt_method                          ? 
_reflns.phase_calculation_details                      ? 
_reflns.pdbx_Rrim_I_all                                ? 
_reflns.pdbx_Rpim_I_all                                ? 
_reflns.pdbx_d_opt                                     ? 
_reflns.pdbx_number_measured_all                       ? 
_reflns.pdbx_diffrn_id                                 1 
_reflns.pdbx_ordinal                                   1 
_reflns.pdbx_CC_half                                   1 
_reflns.pdbx_CC_star                                   ? 
_reflns.pdbx_R_split                                   ? 
_reflns.pdbx_aniso_diffraction_limit_axis_1_ortho[1]   ? 
_reflns.pdbx_aniso_diffraction_limit_axis_1_ortho[2]   ? 
_reflns.pdbx_aniso_diffraction_limit_axis_1_ortho[3]   ? 
_reflns.pdbx_aniso_diffraction_limit_axis_2_ortho[1]   ? 
_reflns.pdbx_aniso_diffraction_limit_axis_2_ortho[2]   ? 
_reflns.pdbx_aniso_diffraction_limit_axis_2_ortho[3]   ? 
_reflns.pdbx_aniso_diffraction_limit_axis_3_ortho[1]   ? 
_reflns.pdbx_aniso_diffraction_limit_axis_3_ortho[2]   ? 
_reflns.pdbx_aniso_diffraction_limit_axis_3_ortho[3]   ? 
_reflns.pdbx_aniso_diffraction_limit_1                 ? 
_reflns.pdbx_aniso_diffraction_limit_2                 ? 
_reflns.pdbx_aniso_diffraction_limit_3                 ? 
_reflns.pdbx_aniso_B_tensor_eigenvector_1_ortho[1]     ? 
_reflns.pdbx_aniso_B_tensor_eigenvector_1_ortho[2]     ? 
_reflns.pdbx_aniso_B_tensor_eigenvector_1_ortho[3]     ? 
_reflns.pdbx_aniso_B_tensor_eigenvector_2_ortho[1]     ? 
_reflns.pdbx_aniso_B_tensor_eigenvector_2_ortho[2]     ? 
_reflns.pdbx_aniso_B_tensor_eigenvector_2_ortho[3]     ? 
_reflns.pdbx_aniso_B_tensor_eigenvector_3_ortho[1]     ? 
_reflns.pdbx_aniso_B_tensor_eigenvector_3_ortho[2]     ? 
_reflns.pdbx_aniso_B_tensor_eigenvector_3_ortho[3]     ? 
_reflns.pdbx_aniso_B_tensor_eigenvalue_1               ? 
_reflns.pdbx_aniso_B_tensor_eigenvalue_2               ? 
_reflns.pdbx_aniso_B_tensor_eigenvalue_3               ? 
_reflns.pdbx_orthogonalization_convention              ? 
_reflns.pdbx_percent_possible_ellipsoidal              ? 
_reflns.pdbx_percent_possible_spherical                ? 
_reflns.pdbx_percent_possible_ellipsoidal_anomalous    ? 
_reflns.pdbx_percent_possible_spherical_anomalous      ? 
_reflns.pdbx_redundancy_anomalous                      ? 
_reflns.pdbx_CC_half_anomalous                         ? 
_reflns.pdbx_absDiff_over_sigma_anomalous              ? 
_reflns.pdbx_percent_possible_anomalous                ? 
_reflns.pdbx_observed_signal_threshold                 ? 
_reflns.pdbx_signal_type                               ? 
_reflns.pdbx_signal_details                            ? 
_reflns.pdbx_signal_software_id                        ? 
# 
_reflns_shell.d_res_high                                    2.03 
_reflns_shell.d_res_low                                     2.103 
_reflns_shell.meanI_over_sigI_all                           ? 
_reflns_shell.meanI_over_sigI_obs                           ? 
_reflns_shell.number_measured_all                           ? 
_reflns_shell.number_measured_obs                           ? 
_reflns_shell.number_possible                               ? 
_reflns_shell.number_unique_all                             ? 
_reflns_shell.number_unique_obs                             1498 
_reflns_shell.percent_possible_all                          ? 
_reflns_shell.percent_possible_obs                          ? 
_reflns_shell.Rmerge_F_all                                  ? 
_reflns_shell.Rmerge_F_obs                                  ? 
_reflns_shell.Rmerge_I_all                                  ? 
_reflns_shell.Rmerge_I_obs                                  ? 
_reflns_shell.meanI_over_sigI_gt                            ? 
_reflns_shell.meanI_over_uI_all                             ? 
_reflns_shell.meanI_over_uI_gt                              ? 
_reflns_shell.number_measured_gt                            ? 
_reflns_shell.number_unique_gt                              ? 
_reflns_shell.percent_possible_gt                           ? 
_reflns_shell.Rmerge_F_gt                                   ? 
_reflns_shell.Rmerge_I_gt                                   ? 
_reflns_shell.pdbx_redundancy                               ? 
_reflns_shell.pdbx_Rsym_value                               ? 
_reflns_shell.pdbx_chi_squared                              ? 
_reflns_shell.pdbx_netI_over_sigmaI_all                     ? 
_reflns_shell.pdbx_netI_over_sigmaI_obs                     ? 
_reflns_shell.pdbx_Rrim_I_all                               ? 
_reflns_shell.pdbx_Rpim_I_all                               ? 
_reflns_shell.pdbx_rejects                                  ? 
_reflns_shell.pdbx_ordinal                                  1 
_reflns_shell.pdbx_diffrn_id                                1 
_reflns_shell.pdbx_CC_half                                  1 
_reflns_shell.pdbx_CC_star                                  ? 
_reflns_shell.pdbx_R_split                                  ? 
_reflns_shell.pdbx_percent_possible_ellipsoidal             ? 
_reflns_shell.pdbx_percent_possible_spherical               ? 
_reflns_shell.pdbx_percent_possible_ellipsoidal_anomalous   ? 
_reflns_shell.pdbx_percent_possible_spherical_anomalous     ? 
_reflns_shell.pdbx_redundancy_anomalous                     ? 
_reflns_shell.pdbx_CC_half_anomalous                        ? 
_reflns_shell.pdbx_absDiff_over_sigma_anomalous             ? 
_reflns_shell.pdbx_percent_possible_anomalous               ? 
# 
_refine.aniso_B[1][1]                            ? 
_refine.aniso_B[1][2]                            ? 
_refine.aniso_B[1][3]                            ? 
_refine.aniso_B[2][2]                            ? 
_refine.aniso_B[2][3]                            ? 
_refine.aniso_B[3][3]                            ? 
_refine.B_iso_max                                76.280 
_refine.B_iso_mean                               34.5583 
_refine.B_iso_min                                16.540 
_refine.correlation_coeff_Fo_to_Fc               ? 
_refine.correlation_coeff_Fo_to_Fc_free          ? 
_refine.details                                  ? 
_refine.diff_density_max                         ? 
_refine.diff_density_max_esd                     ? 
_refine.diff_density_min                         ? 
_refine.diff_density_min_esd                     ? 
_refine.diff_density_rms                         ? 
_refine.diff_density_rms_esd                     ? 
_refine.entry_id                                 7XA0 
_refine.pdbx_refine_id                           'X-RAY DIFFRACTION' 
_refine.ls_abs_structure_details                 ? 
_refine.ls_abs_structure_Flack                   ? 
_refine.ls_abs_structure_Flack_esd               ? 
_refine.ls_abs_structure_Rogers                  ? 
_refine.ls_abs_structure_Rogers_esd              ? 
_refine.ls_d_res_high                            2.0300 
_refine.ls_d_res_low                             42.9400 
_refine.ls_extinction_coef                       ? 
_refine.ls_extinction_coef_esd                   ? 
_refine.ls_extinction_expression                 ? 
_refine.ls_extinction_method                     ? 
_refine.ls_goodness_of_fit_all                   ? 
_refine.ls_goodness_of_fit_all_esd               ? 
_refine.ls_goodness_of_fit_obs                   ? 
_refine.ls_goodness_of_fit_obs_esd               ? 
_refine.ls_hydrogen_treatment                    ? 
_refine.ls_matrix_type                           ? 
_refine.ls_number_constraints                    ? 
_refine.ls_number_parameters                     ? 
_refine.ls_number_reflns_all                     ? 
_refine.ls_number_reflns_obs                     14716 
_refine.ls_number_reflns_R_free                  1489 
_refine.ls_number_reflns_R_work                  13227 
_refine.ls_number_restraints                     ? 
_refine.ls_percent_reflns_obs                    98.6100 
_refine.ls_percent_reflns_R_free                 10.1200 
_refine.ls_R_factor_all                          ? 
_refine.ls_R_factor_obs                          0.2076 
_refine.ls_R_factor_R_free                       0.2453 
_refine.ls_R_factor_R_free_error                 ? 
_refine.ls_R_factor_R_free_error_details         ? 
_refine.ls_R_factor_R_work                       0.2034 
_refine.ls_R_Fsqd_factor_obs                     ? 
_refine.ls_R_I_factor_obs                        ? 
_refine.ls_redundancy_reflns_all                 ? 
_refine.ls_redundancy_reflns_obs                 ? 
_refine.ls_restrained_S_all                      ? 
_refine.ls_restrained_S_obs                      ? 
_refine.ls_shift_over_esd_max                    ? 
_refine.ls_shift_over_esd_mean                   ? 
_refine.ls_structure_factor_coef                 ? 
_refine.ls_weighting_details                     ? 
_refine.ls_weighting_scheme                      ? 
_refine.ls_wR_factor_all                         ? 
_refine.ls_wR_factor_obs                         ? 
_refine.ls_wR_factor_R_free                      ? 
_refine.ls_wR_factor_R_work                      ? 
_refine.occupancy_max                            ? 
_refine.occupancy_min                            ? 
_refine.solvent_model_details                    'FLAT BULK SOLVENT MODEL' 
_refine.solvent_model_param_bsol                 ? 
_refine.solvent_model_param_ksol                 ? 
_refine.pdbx_R_complete                          ? 
_refine.ls_R_factor_gt                           ? 
_refine.ls_goodness_of_fit_gt                    ? 
_refine.ls_goodness_of_fit_ref                   ? 
_refine.ls_shift_over_su_max                     ? 
_refine.ls_shift_over_su_max_lt                  ? 
_refine.ls_shift_over_su_mean                    ? 
_refine.ls_shift_over_su_mean_lt                 ? 
_refine.pdbx_ls_sigma_I                          ? 
_refine.pdbx_ls_sigma_F                          1.430 
_refine.pdbx_ls_sigma_Fsqd                       ? 
_refine.pdbx_data_cutoff_high_absF               ? 
_refine.pdbx_data_cutoff_high_rms_absF           ? 
_refine.pdbx_data_cutoff_low_absF                ? 
_refine.pdbx_isotropic_thermal_model             ? 
_refine.pdbx_ls_cross_valid_method               THROUGHOUT 
_refine.pdbx_method_to_determine_struct          'MOLECULAR REPLACEMENT' 
_refine.pdbx_starting_model                      1vlg 
_refine.pdbx_stereochemistry_target_values       ML 
_refine.pdbx_R_Free_selection_details            ? 
_refine.pdbx_stereochem_target_val_spec_case     ? 
_refine.pdbx_overall_ESU_R                       ? 
_refine.pdbx_overall_ESU_R_Free                  ? 
_refine.pdbx_solvent_vdw_probe_radii             1.1100 
_refine.pdbx_solvent_ion_probe_radii             ? 
_refine.pdbx_solvent_shrinkage_radii             0.9000 
_refine.pdbx_real_space_R                        ? 
_refine.pdbx_density_correlation                 ? 
_refine.pdbx_pd_number_of_powder_patterns        ? 
_refine.pdbx_pd_number_of_points                 ? 
_refine.pdbx_pd_meas_number_of_points            ? 
_refine.pdbx_pd_proc_ls_prof_R_factor            ? 
_refine.pdbx_pd_proc_ls_prof_wR_factor           ? 
_refine.pdbx_pd_Marquardt_correlation_coeff      ? 
_refine.pdbx_pd_Fsqrd_R_factor                   ? 
_refine.pdbx_pd_ls_matrix_band_width             ? 
_refine.pdbx_overall_phase_error                 23.9200 
_refine.pdbx_overall_SU_R_free_Cruickshank_DPI   ? 
_refine.pdbx_overall_SU_R_free_Blow_DPI          ? 
_refine.pdbx_overall_SU_R_Blow_DPI               ? 
_refine.pdbx_TLS_residual_ADP_flag               ? 
_refine.pdbx_diffrn_id                           1 
_refine.overall_SU_B                             ? 
_refine.overall_SU_ML                            0.1900 
_refine.overall_SU_R_Cruickshank_DPI             ? 
_refine.overall_SU_R_free                        ? 
_refine.overall_FOM_free_R_set                   ? 
_refine.overall_FOM_work_R_set                   ? 
_refine.pdbx_average_fsc_overall                 ? 
_refine.pdbx_average_fsc_work                    ? 
_refine.pdbx_average_fsc_free                    ? 
# 
_refine_hist.pdbx_refine_id                   'X-RAY DIFFRACTION' 
_refine_hist.cycle_id                         final 
_refine_hist.details                          ? 
_refine_hist.d_res_high                       2.0300 
_refine_hist.d_res_low                        42.9400 
_refine_hist.number_atoms_solvent             75 
_refine_hist.number_atoms_total               1275 
_refine_hist.number_reflns_all                ? 
_refine_hist.number_reflns_obs                ? 
_refine_hist.number_reflns_R_free             ? 
_refine_hist.number_reflns_R_work             ? 
_refine_hist.R_factor_all                     ? 
_refine_hist.R_factor_obs                     ? 
_refine_hist.R_factor_R_free                  ? 
_refine_hist.R_factor_R_work                  ? 
_refine_hist.pdbx_number_residues_total       143 
_refine_hist.pdbx_B_iso_mean_ligand           ? 
_refine_hist.pdbx_B_iso_mean_solvent          40.90 
_refine_hist.pdbx_number_atoms_protein        1200 
_refine_hist.pdbx_number_atoms_nucleic_acid   0 
_refine_hist.pdbx_number_atoms_ligand         0 
_refine_hist.pdbx_number_atoms_lipid          ? 
_refine_hist.pdbx_number_atoms_carb           ? 
_refine_hist.pdbx_pseudo_atom_details         ? 
# 
loop_
_refine_ls_shell.pdbx_refine_id 
_refine_ls_shell.d_res_high 
_refine_ls_shell.d_res_low 
_refine_ls_shell.number_reflns_all 
_refine_ls_shell.number_reflns_obs 
_refine_ls_shell.number_reflns_R_free 
_refine_ls_shell.number_reflns_R_work 
_refine_ls_shell.percent_reflns_obs 
_refine_ls_shell.percent_reflns_R_free 
_refine_ls_shell.R_factor_all 
_refine_ls_shell.R_factor_obs 
_refine_ls_shell.R_factor_R_free 
_refine_ls_shell.R_factor_R_free_error 
_refine_ls_shell.R_factor_R_work 
_refine_ls_shell.redundancy_reflns_all 
_refine_ls_shell.redundancy_reflns_obs 
_refine_ls_shell.wR_factor_all 
_refine_ls_shell.wR_factor_obs 
_refine_ls_shell.wR_factor_R_free 
_refine_ls_shell.wR_factor_R_work 
_refine_ls_shell.pdbx_R_complete 
_refine_ls_shell.pdbx_total_number_of_bins_used 
_refine_ls_shell.pdbx_phase_error 
_refine_ls_shell.pdbx_fsc_work 
_refine_ls_shell.pdbx_fsc_free 
'X-RAY DIFFRACTION' 2.0300 2.1000  1281 . 130 1151 96.0000  . . . 0.2870 0.0000 0.2252 . . . . . . . 11 . . . 
'X-RAY DIFFRACTION' 2.1000 2.1700  1322 . 132 1190 98.0000  . . . 0.2640 0.0000 0.2242 . . . . . . . 11 . . . 
'X-RAY DIFFRACTION' 2.1700 2.2600  1304 . 131 1173 98.0000  . . . 0.2570 0.0000 0.2107 . . . . . . . 11 . . . 
'X-RAY DIFFRACTION' 2.2600 2.3600  1328 . 138 1190 99.0000  . . . 0.2917 0.0000 0.2054 . . . . . . . 11 . . . 
'X-RAY DIFFRACTION' 2.3600 2.4800  1316 . 132 1184 98.0000  . . . 0.2754 0.0000 0.2086 . . . . . . . 11 . . . 
'X-RAY DIFFRACTION' 2.4800 2.6400  1346 . 138 1208 99.0000  . . . 0.2538 0.0000 0.2179 . . . . . . . 11 . . . 
'X-RAY DIFFRACTION' 2.6400 2.8400  1316 . 131 1185 99.0000  . . . 0.2550 0.0000 0.2237 . . . . . . . 11 . . . 
'X-RAY DIFFRACTION' 2.8400 3.1300  1358 . 136 1222 99.0000  . . . 0.2702 0.0000 0.2099 . . . . . . . 11 . . . 
'X-RAY DIFFRACTION' 3.1300 3.5800  1358 . 139 1219 99.0000  . . . 0.2526 0.0000 0.1949 . . . . . . . 11 . . . 
'X-RAY DIFFRACTION' 3.5800 4.5100  1371 . 137 1234 100.0000 . . . 0.2302 0.0000 0.1821 . . . . . . . 11 . . . 
'X-RAY DIFFRACTION' 4.5200 42.9400 1416 . 145 1271 99.0000  . . . 0.2080 0.0000 0.2029 . . . . . . . 11 . . . 
# 
_struct.entry_id                     7XA0 
_struct.title                        'Thermotoga maritima ferritin variant-Tm-E(S111F)' 
_struct.pdbx_model_details           ? 
_struct.pdbx_formula_weight          ? 
_struct.pdbx_formula_weight_method   ? 
_struct.pdbx_model_type_details      ? 
_struct.pdbx_CASP_flag               N 
# 
_struct_keywords.entry_id        7XA0 
_struct_keywords.text            'protein assembly, METAL BINDING PROTEIN' 
_struct_keywords.pdbx_keywords   'METAL BINDING PROTEIN' 
# 
loop_
_struct_asym.id 
_struct_asym.pdbx_blank_PDB_chainid_flag 
_struct_asym.pdbx_modified 
_struct_asym.entity_id 
_struct_asym.details 
A N N 1 ? 
B N N 2 ? 
# 
loop_
_struct_conf.conf_type_id 
_struct_conf.id 
_struct_conf.pdbx_PDB_helix_id 
_struct_conf.beg_label_comp_id 
_struct_conf.beg_label_asym_id 
_struct_conf.beg_label_seq_id 
_struct_conf.pdbx_beg_PDB_ins_code 
_struct_conf.end_label_comp_id 
_struct_conf.end_label_asym_id 
_struct_conf.end_label_seq_id 
_struct_conf.pdbx_end_PDB_ins_code 
_struct_conf.beg_auth_comp_id 
_struct_conf.beg_auth_asym_id 
_struct_conf.beg_auth_seq_id 
_struct_conf.end_auth_comp_id 
_struct_conf.end_auth_asym_id 
_struct_conf.end_auth_seq_id 
_struct_conf.pdbx_PDB_helix_class 
_struct_conf.details 
_struct_conf.pdbx_PDB_helix_length 
HELX_P HELX_P1 AA1 SER A 5   ? GLU A 36  ? SER A 5   GLU A 36  1 ? 32 
HELX_P HELX_P2 AA2 PHE A 38  ? ARG A 66  ? PHE A 38  ARG A 66  1 ? 29 
HELX_P HELX_P3 AA3 GLY A 84  ? GLU A 113 ? GLY A 84  GLU A 113 1 ? 30 
HELX_P HELX_P4 AA4 ASP A 115 ? GLU A 144 ? ASP A 115 GLU A 144 1 ? 30 
# 
_struct_conf_type.id          HELX_P 
_struct_conf_type.criteria    ? 
_struct_conf_type.reference   ? 
# 
_atom_sites.entry_id                    7XA0 
_atom_sites.Cartn_transf_matrix[1][1]   ? 
_atom_sites.Cartn_transf_matrix[1][2]   ? 
_atom_sites.Cartn_transf_matrix[1][3]   ? 
_atom_sites.Cartn_transf_matrix[2][1]   ? 
_atom_sites.Cartn_transf_matrix[2][2]   ? 
_atom_sites.Cartn_transf_matrix[2][3]   ? 
_atom_sites.Cartn_transf_matrix[3][1]   ? 
_atom_sites.Cartn_transf_matrix[3][2]   ? 
_atom_sites.Cartn_transf_matrix[3][3]   ? 
_atom_sites.Cartn_transf_vector[1]      ? 
_atom_sites.Cartn_transf_vector[2]      ? 
_atom_sites.Cartn_transf_vector[3]      ? 
_atom_sites.fract_transf_matrix[1][1]   0.01209221 
_atom_sites.fract_transf_matrix[1][2]   -0.01010198 
_atom_sites.fract_transf_matrix[1][3]   0.01367980 
_atom_sites.fract_transf_matrix[2][1]   0.00648166 
_atom_sites.fract_transf_matrix[2][2]   -0.01939800 
_atom_sites.fract_transf_matrix[2][3]   -0.00413971 
_atom_sites.fract_transf_matrix[3][1]   0.00632383 
_atom_sites.fract_transf_matrix[3][2]   0.00285592 
_atom_sites.fract_transf_matrix[3][3]   -0.00348095 
_atom_sites.fract_transf_vector[1]      0.097862 
_atom_sites.fract_transf_vector[2]      0.344100 
_atom_sites.fract_transf_vector[3]      -0.074588 
_atom_sites.solution_primary            ? 
_atom_sites.solution_secondary          ? 
_atom_sites.solution_hydrogens          ? 
_atom_sites.special_details             ? 
# 
loop_
_atom_type.symbol 
C 
N 
O 
S 
# 
loop_
_atom_site.group_PDB 
_atom_site.id 
_atom_site.type_symbol 
_atom_site.label_atom_id 
_atom_site.label_alt_id 
_atom_site.label_comp_id 
_atom_site.label_asym_id 
_atom_site.label_entity_id 
_atom_site.label_seq_id 
_atom_site.pdbx_PDB_ins_code 
_atom_site.Cartn_x 
_atom_site.Cartn_y 
_atom_site.Cartn_z 
_atom_site.occupancy 
_atom_site.B_iso_or_equiv 
_atom_site.pdbx_formal_charge 
_atom_site.auth_seq_id 
_atom_site.auth_comp_id 
_atom_site.auth_asym_id 
_atom_site.auth_atom_id 
_atom_site.pdbx_PDB_model_num 
ATOM   1    N N   . VAL A 1 3   ? -18.881 -3.411  -16.623 1.00 51.27 ? 3   VAL A N   1 
ATOM   2    C CA  . VAL A 1 3   ? -18.225 -2.455  -17.513 1.00 56.05 ? 3   VAL A CA  1 
ATOM   3    C C   . VAL A 1 3   ? -16.691 -2.496  -17.365 1.00 55.81 ? 3   VAL A C   1 
ATOM   4    O O   . VAL A 1 3   ? -15.980 -2.062  -18.276 1.00 51.16 ? 3   VAL A O   1 
ATOM   5    C CB  . VAL A 1 3   ? -18.769 -1.032  -17.283 1.00 50.24 ? 3   VAL A CB  1 
ATOM   6    C CG1 . VAL A 1 3   ? -18.065 -0.379  -16.127 1.00 50.44 ? 3   VAL A CG1 1 
ATOM   7    C CG2 . VAL A 1 3   ? -18.637 -0.185  -18.550 1.00 58.64 ? 3   VAL A CG2 1 
ATOM   8    N N   . ILE A 1 4   ? -16.163 -3.013  -16.218 1.00 54.62 ? 4   ILE A N   1 
ATOM   9    C CA  . ILE A 1 4   ? -14.764 -3.439  -16.155 1.00 46.39 ? 4   ILE A CA  1 
ATOM   10   C C   . ILE A 1 4   ? -14.711 -4.911  -16.512 1.00 45.84 ? 4   ILE A C   1 
ATOM   11   O O   . ILE A 1 4   ? -15.562 -5.703  -16.090 1.00 44.34 ? 4   ILE A O   1 
ATOM   12   C CB  . ILE A 1 4   ? -14.108 -3.211  -14.770 1.00 42.49 ? 4   ILE A CB  1 
ATOM   13   C CG1 . ILE A 1 4   ? -15.004 -3.671  -13.616 1.00 50.11 ? 4   ILE A CG1 1 
ATOM   14   C CG2 . ILE A 1 4   ? -13.595 -1.789  -14.601 1.00 45.71 ? 4   ILE A CG2 1 
ATOM   15   C CD1 . ILE A 1 4   ? -14.259 -3.728  -12.268 1.00 42.95 ? 4   ILE A CD1 1 
ATOM   16   N N   . SER A 1 5   ? -13.697 -5.280  -17.284 1.00 41.73 ? 5   SER A N   1 
ATOM   17   C CA  . SER A 1 5   ? -13.442 -6.681  -17.563 1.00 43.02 ? 5   SER A CA  1 
ATOM   18   C C   . SER A 1 5   ? -13.141 -7.433  -16.273 1.00 42.07 ? 5   SER A C   1 
ATOM   19   O O   . SER A 1 5   ? -12.753 -6.848  -15.255 1.00 41.43 ? 5   SER A O   1 
ATOM   20   C CB  . SER A 1 5   ? -12.262 -6.819  -18.520 1.00 43.22 ? 5   SER A CB  1 
ATOM   21   O OG  . SER A 1 5   ? -11.122 -6.157  -17.985 1.00 44.09 ? 5   SER A OG  1 
ATOM   22   N N   . GLU A 1 6   ? -13.317 -8.755  -16.326 1.00 34.59 ? 6   GLU A N   1 
ATOM   23   C CA  . GLU A 1 6   ? -12.939 -9.575  -15.182 1.00 41.57 ? 6   GLU A CA  1 
ATOM   24   C C   . GLU A 1 6   ? -11.442 -9.477  -14.919 1.00 40.94 ? 6   GLU A C   1 
ATOM   25   O O   . GLU A 1 6   ? -11.011 -9.527  -13.761 1.00 38.45 ? 6   GLU A O   1 
ATOM   26   C CB  . GLU A 1 6   ? -13.372 -11.026 -15.411 1.00 38.63 ? 6   GLU A CB  1 
ATOM   27   C CG  . GLU A 1 6   ? -12.839 -12.044 -14.386 1.00 49.99 ? 6   GLU A CG  1 
ATOM   28   C CD  . GLU A 1 6   ? -13.192 -11.702 -12.929 1.00 51.53 ? 6   GLU A CD  1 
ATOM   29   O OE1 . GLU A 1 6   ? -14.214 -11.013 -12.698 1.00 53.43 ? 6   GLU A OE1 1 
ATOM   30   O OE2 . GLU A 1 6   ? -12.445 -12.132 -12.014 1.00 45.75 ? 6   GLU A OE2 1 
ATOM   31   N N   . LYS A 1 7   ? -10.647 -9.296  -15.976 1.00 34.02 ? 7   LYS A N   1 
ATOM   32   C CA  . LYS A 1 7   ? -9.198  -9.203  -15.824 1.00 40.65 ? 7   LYS A CA  1 
ATOM   33   C C   . LYS A 1 7   ? -8.803  -7.988  -14.995 1.00 37.37 ? 7   LYS A C   1 
ATOM   34   O O   . LYS A 1 7   ? -7.966  -8.083  -14.086 1.00 35.66 ? 7   LYS A O   1 
ATOM   35   C CB  . LYS A 1 7   ? -8.545  -9.146  -17.205 1.00 45.46 ? 7   LYS A CB  1 
ATOM   36   C CG  . LYS A 1 7   ? -7.037  -9.123  -17.184 1.00 51.34 ? 7   LYS A CG  1 
ATOM   37   C CD  . LYS A 1 7   ? -6.475  -9.606  -18.513 1.00 58.72 ? 7   LYS A CD  1 
ATOM   38   C CE  . LYS A 1 7   ? -6.451  -11.116 -18.601 1.00 66.21 ? 7   LYS A CE  1 
ATOM   39   N NZ  . LYS A 1 7   ? -5.049  -11.604 -18.736 1.00 70.71 ? 7   LYS A NZ  1 
ATOM   40   N N   . VAL A 1 8   ? -9.372  -6.821  -15.308 1.00 34.13 ? 8   VAL A N   1 
ATOM   41   C CA  . VAL A 1 8   ? -9.105  -5.621  -14.532 1.00 34.28 ? 8   VAL A CA  1 
ATOM   42   C C   . VAL A 1 8   ? -9.713  -5.738  -13.136 1.00 35.21 ? 8   VAL A C   1 
ATOM   43   O O   . VAL A 1 8   ? -9.118  -5.305  -12.150 1.00 31.68 ? 8   VAL A O   1 
ATOM   44   C CB  . VAL A 1 8   ? -9.619  -4.375  -15.275 1.00 33.33 ? 8   VAL A CB  1 
ATOM   45   C CG1 . VAL A 1 8   ? -9.506  -3.132  -14.404 1.00 31.51 ? 8   VAL A CG1 1 
ATOM   46   C CG2 . VAL A 1 8   ? -8.852  -4.180  -16.565 1.00 35.21 ? 8   VAL A CG2 1 
ATOM   47   N N   . ARG A 1 9   ? -10.904 -6.334  -13.034 1.00 38.21 ? 9   ARG A N   1 
ATOM   48   C CA  . ARG A 1 9   ? -11.534 -6.473  -11.724 1.00 33.95 ? 9   ARG A CA  1 
ATOM   49   C C   . ARG A 1 9   ? -10.698 -7.356  -10.809 1.00 36.14 ? 9   ARG A C   1 
ATOM   50   O O   . ARG A 1 9   ? -10.513 -7.042  -9.628  1.00 29.73 ? 9   ARG A O   1 
ATOM   51   C CB  . ARG A 1 9   ? -12.942 -7.041  -11.857 1.00 36.69 ? 9   ARG A CB  1 
ATOM   52   C CG  . ARG A 1 9   ? -13.639 -7.146  -10.490 1.00 34.20 ? 9   ARG A CG  1 
ATOM   53   C CD  . ARG A 1 9   ? -14.382 -8.444  -10.312 1.00 34.98 ? 9   ARG A CD  1 
ATOM   54   N NE  . ARG A 1 9   ? -13.517 -9.614  -10.197 1.00 42.07 ? 9   ARG A NE  1 
ATOM   55   C CZ  . ARG A 1 9   ? -13.015 -10.088 -9.061  1.00 38.68 ? 9   ARG A CZ  1 
ATOM   56   N NH1 . ARG A 1 9   ? -13.265 -9.486  -7.905  1.00 34.87 ? 9   ARG A NH1 1 
ATOM   57   N NH2 . ARG A 1 9   ? -12.252 -11.171 -9.087  1.00 38.48 ? 9   ARG A NH2 1 
ATOM   58   N N   . LYS A 1 10  ? -10.202 -8.481  -11.339 1.00 34.04 ? 10  LYS A N   1 
ATOM   59   C CA  . LYS A 1 10  ? -9.294  -9.333  -10.577 1.00 34.59 ? 10  LYS A CA  1 
ATOM   60   C C   . LYS A 1 10  ? -8.043  -8.565  -10.166 1.00 33.76 ? 10  LYS A C   1 
ATOM   61   O O   . LYS A 1 10  ? -7.602  -8.649  -9.012  1.00 32.47 ? 10  LYS A O   1 
ATOM   62   C CB  . LYS A 1 10  ? -8.922  -10.570 -11.399 1.00 36.38 ? 10  LYS A CB  1 
ATOM   63   C CG  . LYS A 1 10  ? -8.193  -11.649 -10.606 1.00 41.72 ? 10  LYS A CG  1 
ATOM   64   C CD  . LYS A 1 10  ? -9.084  -12.197 -9.503  1.00 46.39 ? 10  LYS A CD  1 
ATOM   65   C CE  . LYS A 1 10  ? -8.468  -13.412 -8.809  1.00 56.09 ? 10  LYS A CE  1 
ATOM   66   N NZ  . LYS A 1 10  ? -7.153  -13.116 -8.156  1.00 54.13 ? 10  LYS A NZ  1 
ATOM   67   N N   . ALA A 1 11  ? -7.451  -7.816  -11.106 1.00 30.02 ? 11  ALA A N   1 
ATOM   68   C CA  . ALA A 1 11  ? -6.257  -7.036  -10.801 1.00 32.14 ? 11  ALA A CA  1 
ATOM   69   C C   . ALA A 1 11  ? -6.533  -6.000  -9.721  1.00 33.14 ? 11  ALA A C   1 
ATOM   70   O O   . ALA A 1 11  ? -5.681  -5.749  -8.860  1.00 26.79 ? 11  ALA A O   1 
ATOM   71   C CB  . ALA A 1 11  ? -5.728  -6.349  -12.064 1.00 30.88 ? 11  ALA A CB  1 
ATOM   72   N N   . LEU A 1 12  ? -7.715  -5.375  -9.753  1.00 29.44 ? 12  LEU A N   1 
ATOM   73   C CA  . LEU A 1 12  ? -8.020  -4.382  -8.730  1.00 26.59 ? 12  LEU A CA  1 
ATOM   74   C C   . LEU A 1 12  ? -8.349  -5.048  -7.402  1.00 22.63 ? 12  LEU A C   1 
ATOM   75   O O   . LEU A 1 12  ? -8.012  -4.503  -6.348  1.00 27.20 ? 12  LEU A O   1 
ATOM   76   C CB  . LEU A 1 12  ? -9.170  -3.482  -9.175  1.00 28.15 ? 12  LEU A CB  1 
ATOM   77   C CG  . LEU A 1 12  ? -8.945  -2.536  -10.360 1.00 28.56 ? 12  LEU A CG  1 
ATOM   78   C CD1 . LEU A 1 12  ? -10.315 -2.027  -10.799 1.00 33.42 ? 12  LEU A CD1 1 
ATOM   79   C CD2 . LEU A 1 12  ? -8.041  -1.370  -10.015 1.00 25.33 ? 12  LEU A CD2 1 
ATOM   80   N N   . ASN A 1 13  ? -8.980  -6.223  -7.437  1.00 24.76 ? 13  ASN A N   1 
ATOM   81   C CA  . ASN A 1 13  ? -9.248  -6.959  -6.207  1.00 29.11 ? 13  ASN A CA  1 
ATOM   82   C C   . ASN A 1 13  ? -7.955  -7.448  -5.569  1.00 28.75 ? 13  ASN A C   1 
ATOM   83   O O   . ASN A 1 13  ? -7.791  -7.377  -4.346  1.00 24.90 ? 13  ASN A O   1 
ATOM   84   C CB  . ASN A 1 13  ? -10.176 -8.142  -6.483  1.00 28.87 ? 13  ASN A CB  1 
ATOM   85   C CG  . ASN A 1 13  ? -10.775 -8.721  -5.200  1.00 29.06 ? 13  ASN A CG  1 
ATOM   86   O OD1 . ASN A 1 13  ? -11.681 -8.141  -4.627  1.00 31.78 ? 13  ASN A OD1 1 
ATOM   87   N ND2 . ASN A 1 13  ? -10.257 -9.857  -4.750  1.00 30.08 ? 13  ASN A ND2 1 
ATOM   88   N N   . ASP A 1 14  ? -7.045  -7.993  -6.385  1.00 26.58 ? 14  ASP A N   1 
ATOM   89   C CA  . ASP A 1 14  ? -5.711  -8.347  -5.909  1.00 29.34 ? 14  ASP A CA  1 
ATOM   90   C C   . ASP A 1 14  ? -5.057  -7.174  -5.202  1.00 24.41 ? 14  ASP A C   1 
ATOM   91   O O   . ASP A 1 14  ? -4.510  -7.320  -4.107  1.00 29.14 ? 14  ASP A O   1 
ATOM   92   C CB  . ASP A 1 14  ? -4.839  -8.819  -7.082  1.00 30.93 ? 14  ASP A CB  1 
ATOM   93   C CG  . ASP A 1 14  ? -5.209  -10.209 -7.560  1.00 35.26 ? 14  ASP A CG  1 
ATOM   94   O OD1 . ASP A 1 14  ? -6.089  -10.839 -6.932  1.00 34.51 ? 14  ASP A OD1 1 
ATOM   95   O OD2 . ASP A 1 14  ? -4.627  -10.670 -8.565  1.00 40.94 ? 14  ASP A OD2 1 
ATOM   96   N N   . GLN A 1 15  ? -5.144  -5.987  -5.803  1.00 21.68 ? 15  GLN A N   1 
ATOM   97   C CA  . GLN A 1 15  ? -4.523  -4.799  -5.223  1.00 25.59 ? 15  GLN A CA  1 
ATOM   98   C C   . GLN A 1 15  ? -5.219  -4.358  -3.941  1.00 27.44 ? 15  GLN A C   1 
ATOM   99   O O   . GLN A 1 15  ? -4.554  -3.914  -2.999  1.00 22.35 ? 15  GLN A O   1 
ATOM   100  C CB  . GLN A 1 15  ? -4.521  -3.664  -6.239  1.00 25.77 ? 15  GLN A CB  1 
ATOM   101  C CG  . GLN A 1 15  ? -3.703  -2.463  -5.816  1.00 28.94 ? 15  GLN A CG  1 
ATOM   102  C CD  . GLN A 1 15  ? -2.208  -2.786  -5.666  1.00 32.33 ? 15  GLN A CD  1 
ATOM   103  O OE1 . GLN A 1 15  ? -1.709  -3.780  -6.194  1.00 31.88 ? 15  GLN A OE1 1 
ATOM   104  N NE2 . GLN A 1 15  ? -1.509  -1.954  -4.918  1.00 28.58 ? 15  GLN A NE2 1 
ATOM   105  N N   . LEU A 1 16  ? -6.557  -4.448  -3.891  1.00 23.47 ? 16  LEU A N   1 
ATOM   106  C CA  . LEU A 1 16  ? -7.272  -4.203  -2.638  1.00 26.23 ? 16  LEU A CA  1 
ATOM   107  C C   . LEU A 1 16  ? -6.696  -5.044  -1.508  1.00 20.63 ? 16  LEU A C   1 
ATOM   108  O O   . LEU A 1 16  ? -6.446  -4.545  -0.402  1.00 24.63 ? 16  LEU A O   1 
ATOM   109  C CB  . LEU A 1 16  ? -8.768  -4.519  -2.806  1.00 22.37 ? 16  LEU A CB  1 
ATOM   110  C CG  . LEU A 1 16  ? -9.695  -4.133  -1.646  1.00 25.50 ? 16  LEU A CG  1 
ATOM   111  C CD1 . LEU A 1 16  ? -11.117 -3.902  -2.200  1.00 25.38 ? 16  LEU A CD1 1 
ATOM   112  C CD2 . LEU A 1 16  ? -9.726  -5.214  -0.555  1.00 24.47 ? 16  LEU A CD2 1 
ATOM   113  N N   . ASN A 1 17  ? -6.535  -6.344  -1.755  1.00 21.05 ? 17  ASN A N   1 
ATOM   114  C CA  . ASN A 1 17  ? -5.957  -7.216  -0.742  1.00 24.31 ? 17  ASN A CA  1 
ATOM   115  C C   . ASN A 1 17  ? -4.504  -6.841  -0.431  1.00 25.16 ? 17  ASN A C   1 
ATOM   116  O O   . ASN A 1 17  ? -4.062  -6.981  0.721   1.00 21.49 ? 17  ASN A O   1 
ATOM   117  C CB  . ASN A 1 17  ? -6.086  -8.668  -1.194  1.00 25.39 ? 17  ASN A CB  1 
ATOM   118  C CG  . ASN A 1 17  ? -7.507  -9.207  -1.018  1.00 29.28 ? 17  ASN A CG  1 
ATOM   119  O OD1 . ASN A 1 17  ? -7.923  -9.516  0.097   1.00 27.96 ? 17  ASN A OD1 1 
ATOM   120  N ND2 . ASN A 1 17  ? -8.260  -9.300  -2.118  1.00 26.94 ? 17  ASN A ND2 1 
ATOM   121  N N   . ARG A 1 18  ? -3.765  -6.332  -1.428  1.00 22.57 ? 18  ARG A N   1 
ATOM   122  C CA  . ARG A 1 18  ? -2.391  -5.867  -1.204  1.00 26.54 ? 18  ARG A CA  1 
ATOM   123  C C   . ARG A 1 18  ? -2.341  -4.660  -0.280  1.00 25.67 ? 18  ARG A C   1 
ATOM   124  O O   . ARG A 1 18  ? -1.392  -4.515  0.502   1.00 22.87 ? 18  ARG A O   1 
ATOM   125  C CB  . ARG A 1 18  ? -1.720  -5.511  -2.533  1.00 22.67 ? 18  ARG A CB  1 
ATOM   126  C CG  . ARG A 1 18  ? -1.032  -6.691  -3.162  1.00 31.97 ? 18  ARG A CG  1 
ATOM   127  C CD  . ARG A 1 18  ? -0.120  -6.314  -4.350  1.00 26.57 ? 18  ARG A CD  1 
ATOM   128  N NE  . ARG A 1 18  ? -0.166  -7.413  -5.298  1.00 29.80 ? 18  ARG A NE  1 
ATOM   129  C CZ  . ARG A 1 18  ? -0.829  -7.388  -6.445  1.00 32.04 ? 18  ARG A CZ  1 
ATOM   130  N NH1 . ARG A 1 18  ? -0.832  -8.464  -7.222  1.00 33.89 ? 18  ARG A NH1 1 
ATOM   131  N NH2 . ARG A 1 18  ? -1.469  -6.280  -6.821  1.00 34.06 ? 18  ARG A NH2 1 
ATOM   132  N N   . GLU A 1 19  ? -3.332  -3.763  -0.385  1.00 24.07 ? 19  GLU A N   1 
ATOM   133  C CA  . GLU A 1 19  ? -3.388  -2.612  0.506   1.00 24.39 ? 19  GLU A CA  1 
ATOM   134  C C   . GLU A 1 19  ? -3.805  -3.017  1.912   1.00 22.73 ? 19  GLU A C   1 
ATOM   135  O O   . GLU A 1 19  ? -3.385  -2.386  2.889   1.00 22.26 ? 19  GLU A O   1 
ATOM   136  C CB  . GLU A 1 19  ? -4.360  -1.559  -0.035  1.00 30.11 ? 19  GLU A CB  1 
ATOM   137  C CG  . GLU A 1 19  ? -4.131  -1.215  -1.503  1.00 32.77 ? 19  GLU A CG  1 
ATOM   138  C CD  . GLU A 1 19  ? -3.095  -0.117  -1.706  1.00 34.68 ? 19  GLU A CD  1 
ATOM   139  O OE1 . GLU A 1 19  ? -2.756  0.595   -0.733  1.00 31.83 ? 19  GLU A OE1 1 
ATOM   140  O OE2 . GLU A 1 19  ? -2.626  0.041   -2.855  1.00 38.96 ? 19  GLU A OE2 1 
ATOM   141  N N   . ILE A 1 20  ? -4.641  -4.047  2.032   1.00 19.43 ? 20  ILE A N   1 
ATOM   142  C CA  . ILE A 1 20  ? -4.963  -4.579  3.355   1.00 22.98 ? 20  ILE A CA  1 
ATOM   143  C C   . ILE A 1 20  ? -3.701  -5.105  4.028   1.00 20.33 ? 20  ILE A C   1 
ATOM   144  O O   . ILE A 1 20  ? -3.433  -4.811  5.199   1.00 20.68 ? 20  ILE A O   1 
ATOM   145  C CB  . ILE A 1 20  ? -6.041  -5.672  3.256   1.00 20.04 ? 20  ILE A CB  1 
ATOM   146  C CG1 . ILE A 1 20  ? -7.340  -5.098  2.661   1.00 27.45 ? 20  ILE A CG1 1 
ATOM   147  C CG2 . ILE A 1 20  ? -6.301  -6.320  4.658   1.00 21.26 ? 20  ILE A CG2 1 
ATOM   148  C CD1 . ILE A 1 20  ? -8.254  -4.431  3.657   1.00 27.88 ? 20  ILE A CD1 1 
ATOM   149  N N   . TYR A 1 21  ? -2.908  -5.900  3.303   1.00 21.50 ? 21  TYR A N   1 
ATOM   150  C CA  . TYR A 1 21  ? -1.658  -6.389  3.882   1.00 24.60 ? 21  TYR A CA  1 
ATOM   151  C C   . TYR A 1 21  ? -0.700  -5.244  4.197   1.00 20.22 ? 21  TYR A C   1 
ATOM   152  O O   . TYR A 1 21  ? -0.005  -5.278  5.221   1.00 21.89 ? 21  TYR A O   1 
ATOM   153  C CB  . TYR A 1 21  ? -0.969  -7.403  2.968   1.00 25.02 ? 21  TYR A CB  1 
ATOM   154  C CG  . TYR A 1 21  ? 0.372   -7.821  3.552   1.00 25.89 ? 21  TYR A CG  1 
ATOM   155  C CD1 . TYR A 1 21  ? 0.431   -8.678  4.647   1.00 28.17 ? 21  TYR A CD1 1 
ATOM   156  C CD2 . TYR A 1 21  ? 1.571   -7.302  3.054   1.00 25.95 ? 21  TYR A CD2 1 
ATOM   157  C CE1 . TYR A 1 21  ? 1.655   -9.046  5.217   1.00 28.12 ? 21  TYR A CE1 1 
ATOM   158  C CE2 . TYR A 1 21  ? 2.797   -7.662  3.618   1.00 31.31 ? 21  TYR A CE2 1 
ATOM   159  C CZ  . TYR A 1 21  ? 2.823   -8.539  4.698   1.00 29.84 ? 21  TYR A CZ  1 
ATOM   160  O OH  . TYR A 1 21  ? 4.024   -8.898  5.273   1.00 30.81 ? 21  TYR A OH  1 
ATOM   161  N N   . SER A 1 22  ? -0.637  -4.221  3.332   1.00 22.07 ? 22  SER A N   1 
ATOM   162  C CA  . SER A 1 22  ? 0.240   -3.078  3.606   1.00 21.89 ? 22  SER A CA  1 
ATOM   163  C C   . SER A 1 22  ? -0.135  -2.403  4.919   1.00 22.49 ? 22  SER A C   1 
ATOM   164  O O   . SER A 1 22  ? 0.739   -2.062  5.723   1.00 24.12 ? 22  SER A O   1 
ATOM   165  C CB  . SER A 1 22  ? 0.194   -2.040  2.470   1.00 21.53 ? 22  SER A CB  1 
ATOM   166  O OG  . SER A 1 22  ? 0.708   -2.582  1.283   1.00 32.64 ? 22  SER A OG  1 
ATOM   167  N N   . SER A 1 23  ? -1.441  -2.180  5.125   1.00 25.75 ? 23  SER A N   1 
ATOM   168  C CA  . SER A 1 23  ? -1.926  -1.672  6.405   1.00 22.41 ? 23  SER A CA  1 
ATOM   169  C C   . SER A 1 23  ? -1.475  -2.558  7.552   1.00 22.45 ? 23  SER A C   1 
ATOM   170  O O   . SER A 1 23  ? -1.044  -2.067  8.608   1.00 23.00 ? 23  SER A O   1 
ATOM   171  C CB  . SER A 1 23  ? -3.458  -1.591  6.377   1.00 25.95 ? 23  SER A CB  1 
ATOM   172  O OG  . SER A 1 23  ? -3.969  -1.135  7.628   1.00 25.88 ? 23  SER A OG  1 
ATOM   173  N N   . TYR A 1 24  ? -1.622  -3.875  7.390   1.00 21.22 ? 24  TYR A N   1 
ATOM   174  C CA  . TYR A 1 24  ? -1.308  -4.820  8.455   1.00 19.43 ? 24  TYR A CA  1 
ATOM   175  C C   . TYR A 1 24  ? 0.194   -4.856  8.734   1.00 24.20 ? 24  TYR A C   1 
ATOM   176  O O   . TYR A 1 24  ? 0.614   -5.011  9.887   1.00 21.42 ? 24  TYR A O   1 
ATOM   177  C CB  . TYR A 1 24  ? -1.829  -6.206  8.063   1.00 16.54 ? 24  TYR A CB  1 
ATOM   178  C CG  . TYR A 1 24  ? -2.165  -7.138  9.202   1.00 22.85 ? 24  TYR A CG  1 
ATOM   179  C CD1 . TYR A 1 24  ? -2.869  -6.702  10.322  1.00 22.09 ? 24  TYR A CD1 1 
ATOM   180  C CD2 . TYR A 1 24  ? -1.804  -8.477  9.140   1.00 22.74 ? 24  TYR A CD2 1 
ATOM   181  C CE1 . TYR A 1 24  ? -3.202  -7.605  11.362  1.00 24.69 ? 24  TYR A CE1 1 
ATOM   182  C CE2 . TYR A 1 24  ? -2.135  -9.370  10.150  1.00 22.51 ? 24  TYR A CE2 1 
ATOM   183  C CZ  . TYR A 1 24  ? -2.817  -8.935  11.251  1.00 23.47 ? 24  TYR A CZ  1 
ATOM   184  O OH  . TYR A 1 24  ? -3.106  -9.841  12.231  1.00 23.71 ? 24  TYR A OH  1 
ATOM   185  N N   . LEU A 1 25  ? 1.010   -4.702  7.682   1.00 20.71 ? 25  LEU A N   1 
ATOM   186  C CA  . LEU A 1 25  ? 2.465   -4.645  7.840   1.00 24.00 ? 25  LEU A CA  1 
ATOM   187  C C   . LEU A 1 25  ? 2.899   -3.393  8.604   1.00 24.15 ? 25  LEU A C   1 
ATOM   188  O O   . LEU A 1 25  ? 3.725   -3.474  9.519   1.00 23.91 ? 25  LEU A O   1 
ATOM   189  C CB  . LEU A 1 25  ? 3.138   -4.686  6.466   1.00 23.76 ? 25  LEU A CB  1 
ATOM   190  C CG  . LEU A 1 25  ? 4.653   -4.424  6.409   1.00 22.58 ? 25  LEU A CG  1 
ATOM   191  C CD1 . LEU A 1 25  ? 5.413   -5.531  7.130   1.00 19.59 ? 25  LEU A CD1 1 
ATOM   192  C CD2 . LEU A 1 25  ? 5.142   -4.287  4.963   1.00 26.08 ? 25  LEU A CD2 1 
ATOM   193  N N   . TYR A 1 26  ? 2.346   -2.229  8.250   1.00 22.40 ? 26  TYR A N   1 
ATOM   194  C CA  . TYR A 1 26  ? 2.659   -1.003  8.988   1.00 22.67 ? 26  TYR A CA  1 
ATOM   195  C C   . TYR A 1 26  ? 2.186   -1.086  10.437  1.00 25.45 ? 26  TYR A C   1 
ATOM   196  O O   . TYR A 1 26  ? 2.861   -0.590  11.346  1.00 24.94 ? 26  TYR A O   1 
ATOM   197  C CB  . TYR A 1 26  ? 2.039   0.208   8.284   1.00 24.43 ? 26  TYR A CB  1 
ATOM   198  C CG  . TYR A 1 26  ? 2.719   0.522   6.969   1.00 27.73 ? 26  TYR A CG  1 
ATOM   199  C CD1 . TYR A 1 26  ? 4.084   0.732   6.921   1.00 32.20 ? 26  TYR A CD1 1 
ATOM   200  C CD2 . TYR A 1 26  ? 2.009   0.586   5.778   1.00 30.06 ? 26  TYR A CD2 1 
ATOM   201  C CE1 . TYR A 1 26  ? 4.720   1.010   5.740   1.00 34.07 ? 26  TYR A CE1 1 
ATOM   202  C CE2 . TYR A 1 26  ? 2.654   0.854   4.570   1.00 27.68 ? 26  TYR A CE2 1 
ATOM   203  C CZ  . TYR A 1 26  ? 4.008   1.070   4.571   1.00 33.09 ? 26  TYR A CZ  1 
ATOM   204  O OH  . TYR A 1 26  ? 4.685   1.353   3.405   1.00 38.15 ? 26  TYR A OH  1 
ATOM   205  N N   . LEU A 1 27  ? 1.020   -1.687  10.677  1.00 20.20 ? 27  LEU A N   1 
ATOM   206  C CA  . LEU A 1 27  ? 0.612   -1.928  12.061  1.00 21.07 ? 27  LEU A CA  1 
ATOM   207  C C   . LEU A 1 27  ? 1.613   -2.838  12.771  1.00 22.06 ? 27  LEU A C   1 
ATOM   208  O O   . LEU A 1 27  ? 1.905   -2.646  13.960  1.00 24.43 ? 27  LEU A O   1 
ATOM   209  C CB  . LEU A 1 27  ? -0.790  -2.529  12.111  1.00 22.88 ? 27  LEU A CB  1 
ATOM   210  C CG  . LEU A 1 27  ? -1.372  -2.758  13.516  1.00 23.35 ? 27  LEU A CG  1 
ATOM   211  C CD1 . LEU A 1 27  ? -1.568  -1.435  14.263  1.00 24.86 ? 27  LEU A CD1 1 
ATOM   212  C CD2 . LEU A 1 27  ? -2.698  -3.532  13.441  1.00 23.73 ? 27  LEU A CD2 1 
ATOM   213  N N   . SER A 1 28  ? 2.148   -3.830  12.058  1.00 20.08 ? 28  SER A N   1 
ATOM   214  C CA  . SER A 1 28  ? 3.162   -4.698  12.649  1.00 21.44 ? 28  SER A CA  1 
ATOM   215  C C   . SER A 1 28  ? 4.451   -3.936  12.956  1.00 24.77 ? 28  SER A C   1 
ATOM   216  O O   . SER A 1 28  ? 5.097   -4.184  13.984  1.00 24.85 ? 28  SER A O   1 
ATOM   217  C CB  . SER A 1 28  ? 3.457   -5.868  11.722  1.00 20.03 ? 28  SER A CB  1 
ATOM   218  O OG  . SER A 1 28  ? 4.099   -6.886  12.466  1.00 23.81 ? 28  SER A OG  1 
ATOM   219  N N   . MET A 1 29  ? 4.858   -3.020  12.075  1.00 21.07 ? 29  MET A N   1 
ATOM   220  C CA  . MET A 1 29  ? 6.025   -2.206  12.390  1.00 20.43 ? 29  MET A CA  1 
ATOM   221  C C   . MET A 1 29  ? 5.764   -1.360  13.624  1.00 22.62 ? 29  MET A C   1 
ATOM   222  O O   . MET A 1 29  ? 6.655   -1.185  14.461  1.00 25.31 ? 29  MET A O   1 
ATOM   223  C CB  . MET A 1 29  ? 6.403   -1.334  11.193  1.00 23.36 ? 29  MET A CB  1 
ATOM   224  C CG  . MET A 1 29  ? 6.924   -2.175  10.038  1.00 20.89 ? 29  MET A CG  1 
ATOM   225  S SD  . MET A 1 29  ? 7.253   -1.184  8.564   1.00 28.49 ? 29  MET A SD  1 
ATOM   226  C CE  . MET A 1 29  ? 7.918   -2.439  7.455   1.00 23.69 ? 29  MET A CE  1 
ATOM   227  N N   . ALA A 1 30  ? 4.538   -0.851  13.767  1.00 20.70 ? 30  ALA A N   1 
ATOM   228  C CA  . ALA A 1 30  ? 4.170   -0.138  14.986  1.00 20.18 ? 30  ALA A CA  1 
ATOM   229  C C   . ALA A 1 30  ? 4.303   -1.022  16.221  1.00 26.52 ? 30  ALA A C   1 
ATOM   230  O O   . ALA A 1 30  ? 4.759   -0.547  17.267  1.00 22.06 ? 30  ALA A O   1 
ATOM   231  C CB  . ALA A 1 30  ? 2.743   0.409   14.884  1.00 23.90 ? 30  ALA A CB  1 
ATOM   232  N N   . THR A 1 31  ? 3.908   -2.309  16.139  1.00 24.05 ? 31  THR A N   1 
ATOM   233  C CA  . THR A 1 31  ? 4.037   -3.165  17.323  1.00 23.09 ? 31  THR A CA  1 
ATOM   234  C C   . THR A 1 31  ? 5.497   -3.291  17.742  1.00 28.60 ? 31  THR A C   1 
ATOM   235  O O   . THR A 1 31  ? 5.797   -3.363  18.941  1.00 26.59 ? 31  THR A O   1 
ATOM   236  C CB  . THR A 1 31  ? 3.430   -4.568  17.104  1.00 22.99 ? 31  THR A CB  1 
ATOM   237  O OG1 . THR A 1 31  ? 4.242   -5.336  16.200  1.00 23.44 ? 31  THR A OG1 1 
ATOM   238  C CG2 . THR A 1 31  ? 2.024   -4.482  16.565  1.00 19.68 ? 31  THR A CG2 1 
ATOM   239  N N   . TYR A 1 32  ? 6.412   -3.297  16.763  1.00 22.97 ? 32  TYR A N   1 
ATOM   240  C CA  . TYR A 1 32  ? 7.846   -3.359  17.037  1.00 27.13 ? 32  TYR A CA  1 
ATOM   241  C C   . TYR A 1 32  ? 8.355   -2.045  17.618  1.00 30.78 ? 32  TYR A C   1 
ATOM   242  O O   . TYR A 1 32  ? 9.074   -2.036  18.628  1.00 29.45 ? 32  TYR A O   1 
ATOM   243  C CB  . TYR A 1 32  ? 8.604   -3.707  15.752  1.00 28.41 ? 32  TYR A CB  1 
ATOM   244  C CG  . TYR A 1 32  ? 10.094  -3.399  15.804  1.00 30.39 ? 32  TYR A CG  1 
ATOM   245  C CD1 . TYR A 1 32  ? 10.955  -4.176  16.569  1.00 33.00 ? 32  TYR A CD1 1 
ATOM   246  C CD2 . TYR A 1 32  ? 10.631  -2.339  15.085  1.00 30.64 ? 32  TYR A CD2 1 
ATOM   247  C CE1 . TYR A 1 32  ? 12.303  -3.908  16.626  1.00 36.74 ? 32  TYR A CE1 1 
ATOM   248  C CE2 . TYR A 1 32  ? 11.984  -2.057  15.130  1.00 33.30 ? 32  TYR A CE2 1 
ATOM   249  C CZ  . TYR A 1 32  ? 12.815  -2.846  15.904  1.00 38.19 ? 32  TYR A CZ  1 
ATOM   250  O OH  . TYR A 1 32  ? 14.154  -2.580  15.958  1.00 37.73 ? 32  TYR A OH  1 
ATOM   251  N N   . PHE A 1 33  ? 8.016   -0.920  16.978  1.00 26.53 ? 33  PHE A N   1 
ATOM   252  C CA  . PHE A 1 33  ? 8.394   0.384   17.520  1.00 27.88 ? 33  PHE A CA  1 
ATOM   253  C C   . PHE A 1 33  ? 7.819   0.595   18.912  1.00 29.41 ? 33  PHE A C   1 
ATOM   254  O O   . PHE A 1 33  ? 8.504   1.122   19.798  1.00 27.34 ? 33  PHE A O   1 
ATOM   255  C CB  . PHE A 1 33  ? 7.924   1.513   16.609  1.00 26.15 ? 33  PHE A CB  1 
ATOM   256  C CG  . PHE A 1 33  ? 8.704   1.644   15.342  1.00 26.06 ? 33  PHE A CG  1 
ATOM   257  C CD1 . PHE A 1 33  ? 10.066  1.406   15.310  1.00 29.63 ? 33  PHE A CD1 1 
ATOM   258  C CD2 . PHE A 1 33  ? 8.070   2.016   14.176  1.00 25.29 ? 33  PHE A CD2 1 
ATOM   259  C CE1 . PHE A 1 33  ? 10.781  1.535   14.123  1.00 31.86 ? 33  PHE A CE1 1 
ATOM   260  C CE2 . PHE A 1 33  ? 8.787   2.147   12.978  1.00 25.73 ? 33  PHE A CE2 1 
ATOM   261  C CZ  . PHE A 1 33  ? 10.137  1.909   12.958  1.00 29.66 ? 33  PHE A CZ  1 
ATOM   262  N N   . ASP A 1 34  ? 6.551   0.224   19.117  1.00 24.31 ? 34  ASP A N   1 
ATOM   263  C CA  . ASP A 1 34  ? 5.955   0.387   20.436  1.00 25.90 ? 34  ASP A CA  1 
ATOM   264  C C   . ASP A 1 34  ? 6.647   -0.501  21.465  1.00 27.28 ? 34  ASP A C   1 
ATOM   265  O O   . ASP A 1 34  ? 6.812   -0.088  22.619  1.00 29.96 ? 34  ASP A O   1 
ATOM   266  C CB  . ASP A 1 34  ? 4.448   0.112   20.383  1.00 27.79 ? 34  ASP A CB  1 
ATOM   267  C CG  . ASP A 1 34  ? 3.633   1.387   20.183  1.00 29.31 ? 34  ASP A CG  1 
ATOM   268  O OD1 . ASP A 1 34  ? 4.046   2.451   20.692  1.00 27.63 ? 34  ASP A OD1 1 
ATOM   269  O OD2 . ASP A 1 34  ? 2.582   1.346   19.521  1.00 27.68 ? 34  ASP A OD2 1 
ATOM   270  N N   . ALA A 1 35  ? 7.096   -1.693  21.060  1.00 23.80 ? 35  ALA A N   1 
ATOM   271  C CA  . ALA A 1 35  ? 7.818   -2.574  21.974  1.00 29.26 ? 35  ALA A CA  1 
ATOM   272  C C   . ALA A 1 35  ? 9.159   -1.973  22.389  1.00 32.55 ? 35  ALA A C   1 
ATOM   273  O O   . ALA A 1 35  ? 9.626   -2.195  23.514  1.00 33.21 ? 35  ALA A O   1 
ATOM   274  C CB  . ALA A 1 35  ? 8.042   -3.938  21.323  1.00 28.73 ? 35  ALA A CB  1 
ATOM   275  N N   . GLU A 1 36  ? 9.805   -1.244  21.482  1.00 33.18 ? 36  GLU A N   1 
ATOM   276  C CA  . GLU A 1 36  ? 11.104  -0.627  21.726  1.00 35.61 ? 36  GLU A CA  1 
ATOM   277  C C   . GLU A 1 36  ? 10.998  0.756   22.351  1.00 38.20 ? 36  GLU A C   1 
ATOM   278  O O   . GLU A 1 36  ? 12.029  1.412   22.548  1.00 41.89 ? 36  GLU A O   1 
ATOM   279  C CB  . GLU A 1 36  ? 11.884  -0.535  20.412  1.00 32.46 ? 36  GLU A CB  1 
ATOM   280  C CG  . GLU A 1 36  ? 12.144  -1.876  19.750  1.00 36.79 ? 36  GLU A CG  1 
ATOM   281  C CD  . GLU A 1 36  ? 13.363  -2.564  20.325  1.00 43.68 ? 36  GLU A CD  1 
ATOM   282  O OE1 . GLU A 1 36  ? 14.007  -1.969  21.215  1.00 49.69 ? 36  GLU A OE1 1 
ATOM   283  O OE2 . GLU A 1 36  ? 13.680  -3.688  19.890  1.00 43.90 ? 36  GLU A OE2 1 
ATOM   284  N N   . GLY A 1 37  ? 9.785   1.224   22.647  1.00 32.04 ? 37  GLY A N   1 
ATOM   285  C CA  . GLY A 1 37  ? 9.598   2.530   23.232  1.00 31.89 ? 37  GLY A CA  1 
ATOM   286  C C   . GLY A 1 37  ? 9.618   3.691   22.265  1.00 33.86 ? 37  GLY A C   1 
ATOM   287  O O   . GLY A 1 37  ? 9.581   4.843   22.714  1.00 33.36 ? 37  GLY A O   1 
ATOM   288  N N   . PHE A 1 38  ? 9.674   3.432   20.954  1.00 30.94 ? 38  PHE A N   1 
ATOM   289  C CA  . PHE A 1 38  ? 9.714   4.497   19.938  1.00 31.48 ? 38  PHE A CA  1 
ATOM   290  C C   . PHE A 1 38  ? 8.297   4.885   19.556  1.00 31.33 ? 38  PHE A C   1 
ATOM   291  O O   . PHE A 1 38  ? 7.785   4.595   18.470  1.00 31.15 ? 38  PHE A O   1 
ATOM   292  C CB  . PHE A 1 38  ? 10.519  4.061   18.729  1.00 29.09 ? 38  PHE A CB  1 
ATOM   293  C CG  . PHE A 1 38  ? 11.949  3.900   19.026  1.00 35.75 ? 38  PHE A CG  1 
ATOM   294  C CD1 . PHE A 1 38  ? 12.464  2.654   19.280  1.00 35.45 ? 38  PHE A CD1 1 
ATOM   295  C CD2 . PHE A 1 38  ? 12.782  5.010   19.093  1.00 43.56 ? 38  PHE A CD2 1 
ATOM   296  C CE1 . PHE A 1 38  ? 13.792  2.491   19.590  1.00 37.63 ? 38  PHE A CE1 1 
ATOM   297  C CE2 . PHE A 1 38  ? 14.121  4.862   19.395  1.00 40.64 ? 38  PHE A CE2 1 
ATOM   298  C CZ  . PHE A 1 38  ? 14.624  3.594   19.643  1.00 37.78 ? 38  PHE A CZ  1 
ATOM   299  N N   . LYS A 1 39  ? 7.668   5.582   20.494  1.00 29.83 ? 39  LYS A N   1 
ATOM   300  C CA  . LYS A 1 39  ? 6.264   5.919   20.390  1.00 33.45 ? 39  LYS A CA  1 
ATOM   301  C C   . LYS A 1 39  ? 5.982   6.826   19.203  1.00 36.90 ? 39  LYS A C   1 
ATOM   302  O O   . LYS A 1 39  ? 4.909   6.722   18.599  1.00 26.39 ? 39  LYS A O   1 
ATOM   303  C CB  . LYS A 1 39  ? 5.818   6.590   21.683  1.00 44.27 ? 39  LYS A CB  1 
ATOM   304  C CG  . LYS A 1 39  ? 4.315   6.777   21.774  1.00 55.51 ? 39  LYS A CG  1 
ATOM   305  C CD  . LYS A 1 39  ? 3.994   7.897   22.724  1.00 60.68 ? 39  LYS A CD  1 
ATOM   306  C CE  . LYS A 1 39  ? 4.839   9.087   22.301  1.00 59.89 ? 39  LYS A CE  1 
ATOM   307  N NZ  . LYS A 1 39  ? 4.203   10.402  22.434  1.00 69.70 ? 39  LYS A NZ  1 
ATOM   308  N N   . GLY A 1 40  ? 6.924   7.714   18.861  1.00 31.04 ? 40  GLY A N   1 
ATOM   309  C CA  . GLY A 1 40  ? 6.713   8.605   17.730  1.00 30.89 ? 40  GLY A CA  1 
ATOM   310  C C   . GLY A 1 40  ? 6.777   7.880   16.402  1.00 29.97 ? 40  GLY A C   1 
ATOM   311  O O   . GLY A 1 40  ? 5.985   8.150   15.491  1.00 29.15 ? 40  GLY A O   1 
ATOM   312  N N   . PHE A 1 41  ? 7.734   6.953   16.256  1.00 25.88 ? 41  PHE A N   1 
ATOM   313  C CA  . PHE A 1 41  ? 7.795   6.148   15.041  1.00 28.52 ? 41  PHE A CA  1 
ATOM   314  C C   . PHE A 1 41  ? 6.609   5.196   14.958  1.00 29.65 ? 41  PHE A C   1 
ATOM   315  O O   . PHE A 1 41  ? 6.068   4.966   13.869  1.00 26.19 ? 41  PHE A O   1 
ATOM   316  C CB  . PHE A 1 41  ? 9.103   5.360   14.973  1.00 27.78 ? 41  PHE A CB  1 
ATOM   317  C CG  . PHE A 1 41  ? 10.325  6.215   14.724  1.00 31.79 ? 41  PHE A CG  1 
ATOM   318  C CD1 . PHE A 1 41  ? 10.464  6.937   13.545  1.00 31.83 ? 41  PHE A CD1 1 
ATOM   319  C CD2 . PHE A 1 41  ? 11.338  6.285   15.666  1.00 35.21 ? 41  PHE A CD2 1 
ATOM   320  C CE1 . PHE A 1 41  ? 11.594  7.717   13.319  1.00 33.52 ? 41  PHE A CE1 1 
ATOM   321  C CE2 . PHE A 1 41  ? 12.465  7.064   15.450  1.00 36.81 ? 41  PHE A CE2 1 
ATOM   322  C CZ  . PHE A 1 41  ? 12.592  7.783   14.276  1.00 32.28 ? 41  PHE A CZ  1 
ATOM   323  N N   . ALA A 1 42  ? 6.204   4.629   16.099  1.00 23.28 ? 42  ALA A N   1 
ATOM   324  C CA  . ALA A 1 42  ? 4.999   3.808   16.141  1.00 26.66 ? 42  ALA A CA  1 
ATOM   325  C C   . ALA A 1 42  ? 3.776   4.602   15.701  1.00 27.96 ? 42  ALA A C   1 
ATOM   326  O O   . ALA A 1 42  ? 2.926   4.085   14.968  1.00 22.55 ? 42  ALA A O   1 
ATOM   327  C CB  . ALA A 1 42  ? 4.789   3.253   17.548  1.00 22.48 ? 42  ALA A CB  1 
ATOM   328  N N   . HIS A 1 43  ? 3.679   5.869   16.129  1.00 25.81 ? 43  HIS A N   1 
ATOM   329  C CA  . HIS A 1 43  ? 2.571   6.713   15.699  1.00 30.07 ? 43  HIS A CA  1 
ATOM   330  C C   . HIS A 1 43  ? 2.626   6.978   14.198  1.00 32.48 ? 43  HIS A C   1 
ATOM   331  O O   . HIS A 1 43  ? 1.583   7.005   13.530  1.00 30.49 ? 43  HIS A O   1 
ATOM   332  C CB  . HIS A 1 43  ? 2.565   8.030   16.482  1.00 33.80 ? 43  HIS A CB  1 
ATOM   333  C CG  . HIS A 1 43  ? 1.411   8.923   16.143  1.00 40.52 ? 43  HIS A CG  1 
ATOM   334  N ND1 . HIS A 1 43  ? 1.536   10.022  15.318  1.00 46.48 ? 43  HIS A ND1 1 
ATOM   335  C CD2 . HIS A 1 43  ? 0.106   8.868   16.501  1.00 45.22 ? 43  HIS A CD2 1 
ATOM   336  C CE1 . HIS A 1 43  ? 0.357   10.607  15.188  1.00 45.58 ? 43  HIS A CE1 1 
ATOM   337  N NE2 . HIS A 1 43  ? -0.526  9.928   15.896  1.00 48.41 ? 43  HIS A NE2 1 
ATOM   338  N N   . TRP A 1 44  ? 3.837   7.171   13.649  1.00 27.33 ? 44  TRP A N   1 
ATOM   339  C CA  . TRP A 1 44  ? 3.976   7.298   12.196  1.00 29.38 ? 44  TRP A CA  1 
ATOM   340  C C   . TRP A 1 44  ? 3.435   6.058   11.490  1.00 27.40 ? 44  TRP A C   1 
ATOM   341  O O   . TRP A 1 44  ? 2.678   6.168   10.519  1.00 24.90 ? 44  TRP A O   1 
ATOM   342  C CB  . TRP A 1 44  ? 5.440   7.542   11.805  1.00 28.92 ? 44  TRP A CB  1 
ATOM   343  C CG  . TRP A 1 44  ? 5.617   7.973   10.349  1.00 30.03 ? 44  TRP A CG  1 
ATOM   344  C CD1 . TRP A 1 44  ? 5.678   9.260   9.869   1.00 26.86 ? 44  TRP A CD1 1 
ATOM   345  C CD2 . TRP A 1 44  ? 5.728   7.113   9.200   1.00 26.61 ? 44  TRP A CD2 1 
ATOM   346  N NE1 . TRP A 1 44  ? 5.827   9.248   8.503   1.00 31.05 ? 44  TRP A NE1 1 
ATOM   347  C CE2 . TRP A 1 44  ? 5.853   7.947   8.065   1.00 32.82 ? 44  TRP A CE2 1 
ATOM   348  C CE3 . TRP A 1 44  ? 5.724   5.723   9.019   1.00 27.21 ? 44  TRP A CE3 1 
ATOM   349  C CZ2 . TRP A 1 44  ? 5.975   7.436   6.774   1.00 28.82 ? 44  TRP A CZ2 1 
ATOM   350  C CZ3 . TRP A 1 44  ? 5.835   5.219   7.739   1.00 29.22 ? 44  TRP A CZ3 1 
ATOM   351  C CH2 . TRP A 1 44  ? 5.968   6.073   6.630   1.00 31.59 ? 44  TRP A CH2 1 
ATOM   352  N N   . MET A 1 45  ? 3.787   4.872   11.990  1.00 22.50 ? 45  MET A N   1 
ATOM   353  C CA  . MET A 1 45  ? 3.342   3.631   11.362  1.00 25.05 ? 45  MET A CA  1 
ATOM   354  C C   . MET A 1 45  ? 1.835   3.431   11.496  1.00 23.06 ? 45  MET A C   1 
ATOM   355  O O   . MET A 1 45  ? 1.186   2.947   10.558  1.00 28.49 ? 45  MET A O   1 
ATOM   356  C CB  . MET A 1 45  ? 4.099   2.449   11.969  1.00 26.58 ? 45  MET A CB  1 
ATOM   357  C CG  . MET A 1 45  ? 5.555   2.406   11.547  1.00 25.48 ? 45  MET A CG  1 
ATOM   358  S SD  . MET A 1 45  ? 5.668   2.118   9.777   1.00 25.38 ? 45  MET A SD  1 
ATOM   359  C CE  . MET A 1 45  ? 7.447   2.173   9.547   1.00 28.53 ? 45  MET A CE  1 
ATOM   360  N N   . LYS A 1 46  ? 1.254   3.775   12.649  1.00 22.48 ? 46  LYS A N   1 
ATOM   361  C CA  . LYS A 1 46  ? -0.191  3.618   12.802  1.00 27.07 ? 46  LYS A CA  1 
ATOM   362  C C   . LYS A 1 46  ? -0.946  4.540   11.856  1.00 28.33 ? 46  LYS A C   1 
ATOM   363  O O   . LYS A 1 46  ? -1.964  4.143   11.275  1.00 24.75 ? 46  LYS A O   1 
ATOM   364  C CB  . LYS A 1 46  ? -0.609  3.883   14.250  1.00 25.51 ? 46  LYS A CB  1 
ATOM   365  C CG  . LYS A 1 46  ? -0.045  2.868   15.237  1.00 24.01 ? 46  LYS A CG  1 
ATOM   366  C CD  . LYS A 1 46  ? -0.300  3.315   16.671  1.00 29.71 ? 46  LYS A CD  1 
ATOM   367  C CE  . LYS A 1 46  ? 0.713   2.698   17.614  1.00 29.84 ? 46  LYS A CE  1 
ATOM   368  N NZ  . LYS A 1 46  ? 0.502   3.102   19.038  1.00 29.86 ? 46  LYS A NZ  1 
ATOM   369  N N   . LYS A 1 47  ? -0.466  5.779   11.705  1.00 23.07 ? 47  LYS A N   1 
ATOM   370  C CA  . LYS A 1 47  ? -0.999  6.689   10.693  1.00 31.26 ? 47  LYS A CA  1 
ATOM   371  C C   . LYS A 1 47  ? -0.913  6.085   9.297   1.00 26.06 ? 47  LYS A C   1 
ATOM   372  O O   . LYS A 1 47  ? -1.863  6.167   8.513   1.00 26.61 ? 47  LYS A O   1 
ATOM   373  C CB  . LYS A 1 47  ? -0.223  8.011   10.723  1.00 30.11 ? 47  LYS A CB  1 
ATOM   374  C CG  . LYS A 1 47  ? -0.955  9.193   11.343  1.00 47.92 ? 47  LYS A CG  1 
ATOM   375  C CD  . LYS A 1 47  ? -1.455  8.890   12.745  1.00 47.01 ? 47  LYS A CD  1 
ATOM   376  C CE  . LYS A 1 47  ? -2.841  9.478   12.984  1.00 59.45 ? 47  LYS A CE  1 
ATOM   377  N NZ  . LYS A 1 47  ? -3.434  9.067   14.305  1.00 60.29 ? 47  LYS A NZ  1 
ATOM   378  N N   . GLN A 1 48  ? 0.237   5.503   8.949   1.00 23.77 ? 48  GLN A N   1 
ATOM   379  C CA  . GLN A 1 48  ? 0.386   4.912   7.625   1.00 25.12 ? 48  GLN A CA  1 
ATOM   380  C C   . GLN A 1 48  ? -0.555  3.723   7.465   1.00 26.58 ? 48  GLN A C   1 
ATOM   381  O O   . GLN A 1 48  ? -1.166  3.541   6.404   1.00 24.35 ? 48  GLN A O   1 
ATOM   382  C CB  . GLN A 1 48  ? 1.846   4.509   7.403   1.00 27.83 ? 48  GLN A CB  1 
ATOM   383  C CG  . GLN A 1 48  ? 2.233   4.278   5.958   1.00 30.73 ? 48  GLN A CG  1 
ATOM   384  C CD  . GLN A 1 48  ? 1.818   5.422   5.040   1.00 38.83 ? 48  GLN A CD  1 
ATOM   385  O OE1 . GLN A 1 48  ? 2.076   6.593   5.327   1.00 36.31 ? 48  GLN A OE1 1 
ATOM   386  N NE2 . GLN A 1 48  ? 1.179   5.079   3.925   1.00 40.34 ? 48  GLN A NE2 1 
ATOM   387  N N   . ALA A 1 49  ? -0.708  2.926   8.524   1.00 23.49 ? 49  ALA A N   1 
ATOM   388  C CA  . ALA A 1 49  ? -1.624  1.794   8.472   1.00 21.90 ? 49  ALA A CA  1 
ATOM   389  C C   . ALA A 1 49  ? -3.043  2.256   8.173   1.00 24.73 ? 49  ALA A C   1 
ATOM   390  O O   . ALA A 1 49  ? -3.782  1.585   7.443   1.00 26.78 ? 49  ALA A O   1 
ATOM   391  C CB  . ALA A 1 49  ? -1.576  1.028   9.795   1.00 24.19 ? 49  ALA A CB  1 
ATOM   392  N N   . GLN A 1 50  ? -3.456  3.383   8.762   1.00 23.88 ? 50  GLN A N   1 
ATOM   393  C CA  . GLN A 1 50  ? -4.794  3.901   8.512   1.00 28.65 ? 50  GLN A CA  1 
ATOM   394  C C   . GLN A 1 50  ? -4.916  4.373   7.077   1.00 28.06 ? 50  GLN A C   1 
ATOM   395  O O   . GLN A 1 50  ? -5.923  4.102   6.414   1.00 26.62 ? 50  GLN A O   1 
ATOM   396  C CB  . GLN A 1 50  ? -5.123  5.044   9.478   1.00 27.34 ? 50  GLN A CB  1 
ATOM   397  C CG  . GLN A 1 50  ? -5.341  4.608   10.908  1.00 38.18 ? 50  GLN A CG  1 
ATOM   398  C CD  . GLN A 1 50  ? -5.512  5.785   11.855  1.00 57.41 ? 50  GLN A CD  1 
ATOM   399  O OE1 . GLN A 1 50  ? -5.484  6.947   11.433  1.00 62.57 ? 50  GLN A OE1 1 
ATOM   400  N NE2 . GLN A 1 50  ? -5.694  5.493   13.142  1.00 62.27 ? 50  GLN A NE2 1 
ATOM   401  N N   . GLU A 1 51  ? -3.889  5.074   6.586   1.00 27.15 ? 51  GLU A N   1 
ATOM   402  C CA  . GLU A 1 51  ? -3.867  5.548   5.203   1.00 30.11 ? 51  GLU A CA  1 
ATOM   403  C C   . GLU A 1 51  ? -4.026  4.394   4.219   1.00 29.75 ? 51  GLU A C   1 
ATOM   404  O O   . GLU A 1 51  ? -4.793  4.491   3.250   1.00 27.71 ? 51  GLU A O   1 
ATOM   405  C CB  . GLU A 1 51  ? -2.562  6.302   4.941   1.00 33.55 ? 51  GLU A CB  1 
ATOM   406  C CG  . GLU A 1 51  ? -2.511  7.066   3.628   1.00 45.04 ? 51  GLU A CG  1 
ATOM   407  C CD  . GLU A 1 51  ? -3.622  8.100   3.504   1.00 61.02 ? 51  GLU A CD  1 
ATOM   408  O OE1 . GLU A 1 51  ? -4.159  8.269   2.385   1.00 67.64 ? 51  GLU A OE1 1 
ATOM   409  O OE2 . GLU A 1 51  ? -3.957  8.742   4.527   1.00 68.60 ? 51  GLU A OE2 1 
ATOM   410  N N   . GLU A 1 52  ? -3.295  3.296   4.436   1.00 24.49 ? 52  GLU A N   1 
ATOM   411  C CA  . GLU A 1 52  ? -3.392  2.147   3.538   1.00 24.63 ? 52  GLU A CA  1 
ATOM   412  C C   . GLU A 1 52  ? -4.789  1.542   3.563   1.00 27.03 ? 52  GLU A C   1 
ATOM   413  O O   . GLU A 1 52  ? -5.301  1.091   2.530   1.00 24.62 ? 52  GLU A O   1 
ATOM   414  C CB  . GLU A 1 52  ? -2.342  1.091   3.903   1.00 25.20 ? 52  GLU A CB  1 
ATOM   415  C CG  . GLU A 1 52  ? -0.910  1.600   3.832   1.00 28.10 ? 52  GLU A CG  1 
ATOM   416  C CD  . GLU A 1 52  ? -0.512  2.019   2.436   1.00 33.74 ? 52  GLU A CD  1 
ATOM   417  O OE1 . GLU A 1 52  ? -0.747  1.246   1.494   1.00 38.98 ? 52  GLU A OE1 1 
ATOM   418  O OE2 . GLU A 1 52  ? 0.026   3.123   2.280   1.00 42.51 ? 52  GLU A OE2 1 
ATOM   419  N N   . LEU A 1 53  ? -5.428  1.519   4.737   1.00 22.03 ? 53  LEU A N   1 
ATOM   420  C CA  . LEU A 1 53  ? -6.785  1.002   4.806   1.00 26.38 ? 53  LEU A CA  1 
ATOM   421  C C   . LEU A 1 53  ? -7.758  1.915   4.069   1.00 22.53 ? 53  LEU A C   1 
ATOM   422  O O   . LEU A 1 53  ? -8.681  1.428   3.410   1.00 24.57 ? 53  LEU A O   1 
ATOM   423  C CB  . LEU A 1 53  ? -7.210  0.808   6.263   1.00 30.15 ? 53  LEU A CB  1 
ATOM   424  C CG  . LEU A 1 53  ? -8.420  -0.088  6.524   1.00 35.70 ? 53  LEU A CG  1 
ATOM   425  C CD1 . LEU A 1 53  ? -8.354  -1.416  5.776   1.00 34.41 ? 53  LEU A CD1 1 
ATOM   426  C CD2 . LEU A 1 53  ? -8.550  -0.328  8.014   1.00 36.44 ? 53  LEU A CD2 1 
ATOM   427  N N   . THR A 1 54  ? -7.573  3.237   4.159   1.00 26.08 ? 54  THR A N   1 
ATOM   428  C CA  . THR A 1 54  ? -8.413  4.113   3.346   1.00 28.10 ? 54  THR A CA  1 
ATOM   429  C C   . THR A 1 54  ? -8.158  3.905   1.854   1.00 27.57 ? 54  THR A C   1 
ATOM   430  O O   . THR A 1 54  ? -9.091  4.030   1.057   1.00 25.11 ? 54  THR A O   1 
ATOM   431  C CB  . THR A 1 54  ? -8.229  5.589   3.721   1.00 30.14 ? 54  THR A CB  1 
ATOM   432  O OG1 . THR A 1 54  ? -6.996  6.078   3.191   1.00 41.60 ? 54  THR A OG1 1 
ATOM   433  C CG2 . THR A 1 54  ? -8.268  5.780   5.236   1.00 21.60 ? 54  THR A CG2 1 
ATOM   434  N N   . HIS A 1 55  ? -6.921  3.561   1.460   1.00 27.92 ? 55  HIS A N   1 
ATOM   435  C CA  . HIS A 1 55  ? -6.658  3.189   0.070   1.00 26.39 ? 55  HIS A CA  1 
ATOM   436  C C   . HIS A 1 55  ? -7.451  1.948   -0.322  1.00 25.62 ? 55  HIS A C   1 
ATOM   437  O O   . HIS A 1 55  ? -8.054  1.895   -1.402  1.00 27.77 ? 55  HIS A O   1 
ATOM   438  C CB  . HIS A 1 55  ? -5.165  2.919   -0.151  1.00 29.13 ? 55  HIS A CB  1 
ATOM   439  C CG  . HIS A 1 55  ? -4.295  4.137   -0.065  1.00 28.71 ? 55  HIS A CG  1 
ATOM   440  N ND1 . HIS A 1 55  ? -4.792  5.405   0.143   1.00 36.30 ? 55  HIS A ND1 1 
ATOM   441  C CD2 . HIS A 1 55  ? -2.951  4.269   -0.147  1.00 35.45 ? 55  HIS A CD2 1 
ATOM   442  C CE1 . HIS A 1 55  ? -3.792  6.267   0.190   1.00 33.86 ? 55  HIS A CE1 1 
ATOM   443  N NE2 . HIS A 1 55  ? -2.666  5.605   0.014   1.00 37.43 ? 55  HIS A NE2 1 
ATOM   444  N N   . ALA A 1 56  ? -7.421  0.913   0.525   1.00 22.03 ? 56  ALA A N   1 
ATOM   445  C CA  . ALA A 1 56  ? -8.150  -0.312  0.228   1.00 22.93 ? 56  ALA A CA  1 
ATOM   446  C C   . ALA A 1 56  ? -9.638  -0.036  0.032   1.00 27.45 ? 56  ALA A C   1 
ATOM   447  O O   . ALA A 1 56  ? -10.275 -0.619  -0.856  1.00 24.56 ? 56  ALA A O   1 
ATOM   448  C CB  . ALA A 1 56  ? -7.941  -1.338  1.348   1.00 24.08 ? 56  ALA A CB  1 
ATOM   449  N N   . MET A 1 57  ? -10.212 0.854   0.852   1.00 24.11 ? 57  MET A N   1 
ATOM   450  C CA  . MET A 1 57  ? -11.635 1.147   0.707   1.00 29.07 ? 57  MET A CA  1 
ATOM   451  C C   . MET A 1 57  ? -11.921 2.018   -0.509  1.00 27.74 ? 57  MET A C   1 
ATOM   452  O O   . MET A 1 57  ? -13.036 1.976   -1.040  1.00 26.45 ? 57  MET A O   1 
ATOM   453  C CB  . MET A 1 57  ? -12.185 1.815   1.972   1.00 25.89 ? 57  MET A CB  1 
ATOM   454  C CG  . MET A 1 57  ? -12.209 0.909   3.210   1.00 25.27 ? 57  MET A CG  1 
ATOM   455  S SD  . MET A 1 57  ? -13.081 -0.662  2.929   1.00 30.87 ? 57  MET A SD  1 
ATOM   456  C CE  . MET A 1 57  ? -14.712 -0.015  2.524   1.00 28.84 ? 57  MET A CE  1 
ATOM   457  N N   . LYS A 1 58  ? -10.951 2.806   -0.976  1.00 25.87 ? 58  LYS A N   1 
ATOM   458  C CA  . LYS A 1 58  ? -11.157 3.468   -2.260  1.00 27.24 ? 58  LYS A CA  1 
ATOM   459  C C   . LYS A 1 58  ? -11.219 2.447   -3.384  1.00 27.54 ? 58  LYS A C   1 
ATOM   460  O O   . LYS A 1 58  ? -12.033 2.583   -4.311  1.00 25.65 ? 58  LYS A O   1 
ATOM   461  C CB  . LYS A 1 58  ? -10.062 4.499   -2.525  1.00 29.83 ? 58  LYS A CB  1 
ATOM   462  C CG  . LYS A 1 58  ? -10.293 5.806   -1.788  1.00 33.63 ? 58  LYS A CG  1 
ATOM   463  C CD  . LYS A 1 58  ? -9.036  6.651   -1.768  1.00 40.19 ? 58  LYS A CD  1 
ATOM   464  C CE  . LYS A 1 58  ? -9.248  7.931   -0.959  1.00 46.47 ? 58  LYS A CE  1 
ATOM   465  N NZ  . LYS A 1 58  ? -7.979  8.692   -0.812  1.00 51.52 ? 58  LYS A NZ  1 
ATOM   466  N N   . PHE A 1 59  ? -10.387 1.404   -3.307  1.00 25.64 ? 59  PHE A N   1 
ATOM   467  C CA  . PHE A 1 59  ? -10.477 0.322   -4.280  1.00 23.94 ? 59  PHE A CA  1 
ATOM   468  C C   . PHE A 1 59  ? -11.806 -0.408  -4.161  1.00 29.25 ? 59  PHE A C   1 
ATOM   469  O O   . PHE A 1 59  ? -12.442 -0.724  -5.176  1.00 26.98 ? 59  PHE A O   1 
ATOM   470  C CB  . PHE A 1 59  ? -9.298  -0.650  -4.111  1.00 25.24 ? 59  PHE A CB  1 
ATOM   471  C CG  . PHE A 1 59  ? -8.048  -0.228  -4.863  1.00 28.20 ? 59  PHE A CG  1 
ATOM   472  C CD1 . PHE A 1 59  ? -7.702  -0.829  -6.066  1.00 28.66 ? 59  PHE A CD1 1 
ATOM   473  C CD2 . PHE A 1 59  ? -7.219  0.763   -4.362  1.00 28.83 ? 59  PHE A CD2 1 
ATOM   474  C CE1 . PHE A 1 59  ? -6.548  -0.434  -6.757  1.00 26.73 ? 59  PHE A CE1 1 
ATOM   475  C CE2 . PHE A 1 59  ? -6.069  1.149   -5.053  1.00 30.04 ? 59  PHE A CE2 1 
ATOM   476  C CZ  . PHE A 1 59  ? -5.747  0.555   -6.253  1.00 23.73 ? 59  PHE A CZ  1 
ATOM   477  N N   . TYR A 1 60  ? -12.235 -0.690  -2.922  1.00 22.23 ? 60  TYR A N   1 
ATOM   478  C CA  . TYR A 1 60  ? -13.532 -1.299  -2.659  1.00 28.71 ? 60  TYR A CA  1 
ATOM   479  C C   . TYR A 1 60  ? -14.648 -0.567  -3.390  1.00 22.89 ? 60  TYR A C   1 
ATOM   480  O O   . TYR A 1 60  ? -15.433 -1.177  -4.120  1.00 24.06 ? 60  TYR A O   1 
ATOM   481  C CB  . TYR A 1 60  ? -13.789 -1.287  -1.146  1.00 26.53 ? 60  TYR A CB  1 
ATOM   482  C CG  . TYR A 1 60  ? -15.047 -1.978  -0.679  1.00 29.26 ? 60  TYR A CG  1 
ATOM   483  C CD1 . TYR A 1 60  ? -16.306 -1.409  -0.892  1.00 25.39 ? 60  TYR A CD1 1 
ATOM   484  C CD2 . TYR A 1 60  ? -14.979 -3.178  0.017   1.00 23.97 ? 60  TYR A CD2 1 
ATOM   485  C CE1 . TYR A 1 60  ? -17.462 -2.028  -0.436  1.00 28.92 ? 60  TYR A CE1 1 
ATOM   486  C CE2 . TYR A 1 60  ? -16.141 -3.805  0.481   1.00 30.12 ? 60  TYR A CE2 1 
ATOM   487  C CZ  . TYR A 1 60  ? -17.377 -3.223  0.242   1.00 29.88 ? 60  TYR A CZ  1 
ATOM   488  O OH  . TYR A 1 60  ? -18.523 -3.834  0.684   1.00 26.21 ? 60  TYR A OH  1 
ATOM   489  N N   . GLU A 1 61  ? -14.759 0.745   -3.171  1.00 25.75 ? 61  GLU A N   1 
ATOM   490  C CA  . GLU A 1 61  ? -15.916 1.447   -3.711  1.00 31.27 ? 61  GLU A CA  1 
ATOM   491  C C   . GLU A 1 61  ? -15.808 1.610   -5.223  1.00 32.86 ? 61  GLU A C   1 
ATOM   492  O O   . GLU A 1 61  ? -16.825 1.560   -5.923  1.00 26.69 ? 61  GLU A O   1 
ATOM   493  C CB  . GLU A 1 61  ? -16.099 2.800   -3.020  1.00 29.94 ? 61  GLU A CB  1 
ATOM   494  C CG  . GLU A 1 61  ? -16.392 2.715   -1.483  1.00 33.32 ? 61  GLU A CG  1 
ATOM   495  C CD  . GLU A 1 61  ? -17.656 1.895   -1.072  1.00 41.76 ? 61  GLU A CD  1 
ATOM   496  O OE1 . GLU A 1 61  ? -17.864 1.688   0.156   1.00 36.69 ? 61  GLU A OE1 1 
ATOM   497  O OE2 . GLU A 1 61  ? -18.440 1.448   -1.948  1.00 43.05 ? 61  GLU A OE2 1 
ATOM   498  N N   . TYR A 1 62  ? -14.590 1.759   -5.748  1.00 28.12 ? 62  TYR A N   1 
ATOM   499  C CA  . TYR A 1 62  ? -14.429 1.835   -7.196  1.00 28.04 ? 62  TYR A CA  1 
ATOM   500  C C   . TYR A 1 62  ? -14.845 0.529   -7.863  1.00 26.81 ? 62  TYR A C   1 
ATOM   501  O O   . TYR A 1 62  ? -15.544 0.540   -8.882  1.00 33.06 ? 62  TYR A O   1 
ATOM   502  C CB  . TYR A 1 62  ? -12.986 2.193   -7.560  1.00 29.67 ? 62  TYR A CB  1 
ATOM   503  C CG  . TYR A 1 62  ? -12.777 2.314   -9.060  1.00 32.05 ? 62  TYR A CG  1 
ATOM   504  C CD1 . TYR A 1 62  ? -13.195 3.451   -9.746  1.00 36.79 ? 62  TYR A CD1 1 
ATOM   505  C CD2 . TYR A 1 62  ? -12.177 1.290   -9.787  1.00 33.87 ? 62  TYR A CD2 1 
ATOM   506  C CE1 . TYR A 1 62  ? -13.021 3.567   -11.126 1.00 34.36 ? 62  TYR A CE1 1 
ATOM   507  C CE2 . TYR A 1 62  ? -11.993 1.394   -11.161 1.00 31.78 ? 62  TYR A CE2 1 
ATOM   508  C CZ  . TYR A 1 62  ? -12.423 2.532   -11.823 1.00 38.76 ? 62  TYR A CZ  1 
ATOM   509  O OH  . TYR A 1 62  ? -12.250 2.644   -13.188 1.00 40.27 ? 62  TYR A OH  1 
ATOM   510  N N   . ILE A 1 63  ? -14.449 -0.607  -7.292  1.00 23.69 ? 63  ILE A N   1 
ATOM   511  C CA  . ILE A 1 63  ? -14.852 -1.895  -7.855  1.00 23.99 ? 63  ILE A CA  1 
ATOM   512  C C   . ILE A 1 63  ? -16.370 -1.989  -7.964  1.00 32.33 ? 63  ILE A C   1 
ATOM   513  O O   . ILE A 1 63  ? -16.909 -2.384  -9.014  1.00 27.65 ? 63  ILE A O   1 
ATOM   514  C CB  . ILE A 1 63  ? -14.267 -3.046  -7.026  1.00 24.35 ? 63  ILE A CB  1 
ATOM   515  C CG1 . ILE A 1 63  ? -12.748 -3.119  -7.255  1.00 25.42 ? 63  ILE A CG1 1 
ATOM   516  C CG2 . ILE A 1 63  ? -14.889 -4.353  -7.422  1.00 23.90 ? 63  ILE A CG2 1 
ATOM   517  C CD1 . ILE A 1 63  ? -12.076 -4.117  -6.324  1.00 25.32 ? 63  ILE A CD1 1 
ATOM   518  N N   . TYR A 1 64  ? -17.093 -1.613  -6.893  1.00 27.98 ? 64  TYR A N   1 
ATOM   519  C CA  . TYR A 1 64  ? -18.556 -1.665  -6.934  1.00 27.44 ? 64  TYR A CA  1 
ATOM   520  C C   . TYR A 1 64  ? -19.141 -0.611  -7.877  1.00 27.71 ? 64  TYR A C   1 
ATOM   521  O O   . TYR A 1 64  ? -20.150 -0.868  -8.542  1.00 35.06 ? 64  TYR A O   1 
ATOM   522  C CB  . TYR A 1 64  ? -19.131 -1.544  -5.511  1.00 27.51 ? 64  TYR A CB  1 
ATOM   523  C CG  . TYR A 1 64  ? -18.988 -2.859  -4.780  1.00 25.47 ? 64  TYR A CG  1 
ATOM   524  C CD1 . TYR A 1 64  ? -19.731 -3.972  -5.164  1.00 26.05 ? 64  TYR A CD1 1 
ATOM   525  C CD2 . TYR A 1 64  ? -18.041 -3.023  -3.775  1.00 26.45 ? 64  TYR A CD2 1 
ATOM   526  C CE1 . TYR A 1 64  ? -19.573 -5.194  -4.535  1.00 25.97 ? 64  TYR A CE1 1 
ATOM   527  C CE2 . TYR A 1 64  ? -17.888 -4.243  -3.130  1.00 26.77 ? 64  TYR A CE2 1 
ATOM   528  C CZ  . TYR A 1 64  ? -18.645 -5.317  -3.513  1.00 25.55 ? 64  TYR A CZ  1 
ATOM   529  O OH  . TYR A 1 64  ? -18.457 -6.529  -2.902  1.00 25.82 ? 64  TYR A OH  1 
ATOM   530  N N   . GLU A 1 65  ? -18.532 0.579   -7.956  1.00 28.16 ? 65  GLU A N   1 
ATOM   531  C CA  . GLU A 1 65  ? -19.006 1.596   -8.895  1.00 34.52 ? 65  GLU A CA  1 
ATOM   532  C C   . GLU A 1 65  ? -18.923 1.116   -10.342 1.00 35.73 ? 65  GLU A C   1 
ATOM   533  O O   . GLU A 1 65  ? -19.792 1.450   -11.153 1.00 34.49 ? 65  GLU A O   1 
ATOM   534  C CB  . GLU A 1 65  ? -18.197 2.886   -8.746  1.00 38.28 ? 65  GLU A CB  1 
ATOM   535  C CG  . GLU A 1 65  ? -18.596 3.748   -7.573  1.00 45.69 ? 65  GLU A CG  1 
ATOM   536  C CD  . GLU A 1 65  ? -17.664 4.936   -7.398  1.00 57.87 ? 65  GLU A CD  1 
ATOM   537  O OE1 . GLU A 1 65  ? -17.002 5.319   -8.392  1.00 59.35 ? 65  GLU A OE1 1 
ATOM   538  O OE2 . GLU A 1 65  ? -17.578 5.469   -6.267  1.00 57.01 ? 65  GLU A OE2 1 
ATOM   539  N N   . ARG A 1 66  ? -17.886 0.343   -10.687 1.00 32.66 ? 66  ARG A N   1 
ATOM   540  C CA  . ARG A 1 66  ? -17.738 -0.236  -12.018 1.00 33.65 ? 66  ARG A CA  1 
ATOM   541  C C   . ARG A 1 66  ? -18.464 -1.565  -12.167 1.00 33.64 ? 66  ARG A C   1 
ATOM   542  O O   . ARG A 1 66  ? -18.177 -2.314  -13.106 1.00 36.34 ? 66  ARG A O   1 
ATOM   543  C CB  . ARG A 1 66  ? -16.258 -0.423  -12.362 1.00 33.64 ? 66  ARG A CB  1 
ATOM   544  C CG  . ARG A 1 66  ? -15.425 0.832   -12.256 1.00 33.88 ? 66  ARG A CG  1 
ATOM   545  C CD  . ARG A 1 66  ? -15.678 1.806   -13.399 1.00 36.59 ? 66  ARG A CD  1 
ATOM   546  N NE  . ARG A 1 66  ? -15.772 1.144   -14.700 1.00 38.59 ? 66  ARG A NE  1 
ATOM   547  C CZ  . ARG A 1 66  ? -14.770 1.063   -15.578 1.00 46.75 ? 66  ARG A CZ  1 
ATOM   548  N NH1 . ARG A 1 66  ? -13.580 1.576   -15.289 1.00 38.42 ? 66  ARG A NH1 1 
ATOM   549  N NH2 . ARG A 1 66  ? -14.949 0.446   -16.738 1.00 44.12 ? 66  ARG A NH2 1 
ATOM   550  N N   . GLY A 1 67  ? -19.377 -1.888  -11.261 1.00 32.47 ? 67  GLY A N   1 
ATOM   551  C CA  . GLY A 1 67  ? -20.203 -3.066  -11.420 1.00 34.56 ? 67  GLY A CA  1 
ATOM   552  C C   . GLY A 1 67  ? -19.549 -4.387  -11.097 1.00 34.57 ? 67  GLY A C   1 
ATOM   553  O O   . GLY A 1 67  ? -20.093 -5.429  -11.478 1.00 32.68 ? 67  GLY A O   1 
ATOM   554  N N   . GLY A 1 68  ? -18.404 -4.388  -10.410 1.00 33.38 ? 68  GLY A N   1 
ATOM   555  C CA  . GLY A 1 68  ? -17.774 -5.612  -9.962  1.00 28.79 ? 68  GLY A CA  1 
ATOM   556  C C   . GLY A 1 68  ? -18.040 -5.889  -8.484  1.00 31.77 ? 68  GLY A C   1 
ATOM   557  O O   . GLY A 1 68  ? -18.770 -5.172  -7.805  1.00 31.52 ? 68  GLY A O   1 
ATOM   558  N N   . ARG A 1 69  ? -17.411 -6.960  -7.996  1.00 29.78 ? 69  ARG A N   1 
ATOM   559  C CA  . ARG A 1 69  ? -17.539 -7.439  -6.626  1.00 29.37 ? 69  ARG A CA  1 
ATOM   560  C C   . ARG A 1 69  ? -16.160 -7.596  -5.989  1.00 34.63 ? 69  ARG A C   1 
ATOM   561  O O   . ARG A 1 69  ? -15.173 -7.871  -6.682  1.00 33.75 ? 69  ARG A O   1 
ATOM   562  C CB  . ARG A 1 69  ? -18.265 -8.787  -6.605  1.00 32.42 ? 69  ARG A CB  1 
ATOM   563  C CG  . ARG A 1 69  ? -18.697 -9.262  -5.257  1.00 38.77 ? 69  ARG A CG  1 
ATOM   564  C CD  . ARG A 1 69  ? -18.535 -10.751 -5.182  1.00 39.25 ? 69  ARG A CD  1 
ATOM   565  N NE  . ARG A 1 69  ? -19.608 -11.408 -4.448  1.00 49.40 ? 69  ARG A NE  1 
ATOM   566  C CZ  . ARG A 1 69  ? -19.641 -11.559 -3.124  1.00 43.87 ? 69  ARG A CZ  1 
ATOM   567  N NH1 . ARG A 1 69  ? -18.662 -11.077 -2.349  1.00 40.27 ? 69  ARG A NH1 1 
ATOM   568  N NH2 . ARG A 1 69  ? -20.664 -12.191 -2.572  1.00 42.38 ? 69  ARG A NH2 1 
ATOM   569  N N   . VAL A 1 70  ? -16.100 -7.456  -4.655  1.00 30.20 ? 70  VAL A N   1 
ATOM   570  C CA  . VAL A 1 70  ? -14.863 -7.613  -3.888  1.00 26.50 ? 70  VAL A CA  1 
ATOM   571  C C   . VAL A 1 70  ? -14.869 -8.974  -3.209  1.00 30.47 ? 70  VAL A C   1 
ATOM   572  O O   . VAL A 1 70  ? -15.866 -9.356  -2.584  1.00 23.30 ? 70  VAL A O   1 
ATOM   573  C CB  . VAL A 1 70  ? -14.700 -6.491  -2.850  1.00 29.08 ? 70  VAL A CB  1 
ATOM   574  C CG1 . VAL A 1 70  ? -13.556 -6.813  -1.858  1.00 29.18 ? 70  VAL A CG1 1 
ATOM   575  C CG2 . VAL A 1 70  ? -14.440 -5.164  -3.525  1.00 25.43 ? 70  VAL A CG2 1 
ATOM   576  N N   . GLU A 1 71  ? -13.753 -9.701  -3.319  1.00 26.11 ? 71  GLU A N   1 
ATOM   577  C CA  . GLU A 1 71  ? -13.521 -10.926 -2.560  1.00 28.38 ? 71  GLU A CA  1 
ATOM   578  C C   . GLU A 1 71  ? -12.270 -10.740 -1.710  1.00 31.66 ? 71  GLU A C   1 
ATOM   579  O O   . GLU A 1 71  ? -11.183 -10.508 -2.244  1.00 26.18 ? 71  GLU A O   1 
ATOM   580  C CB  . GLU A 1 71  ? -13.361 -12.148 -3.471  1.00 29.57 ? 71  GLU A CB  1 
ATOM   581  C CG  . GLU A 1 71  ? -13.110 -13.426 -2.684  1.00 30.74 ? 71  GLU A CG  1 
ATOM   582  C CD  . GLU A 1 71  ? -13.144 -14.698 -3.542  1.00 40.89 ? 71  GLU A CD  1 
ATOM   583  O OE1 . GLU A 1 71  ? -13.141 -14.599 -4.787  1.00 42.32 ? 71  GLU A OE1 1 
ATOM   584  O OE2 . GLU A 1 71  ? -13.181 -15.802 -2.962  1.00 35.43 ? 71  GLU A OE2 1 
ATOM   585  N N   . LEU A 1 72  ? -12.432 -10.844 -0.391  1.00 27.24 ? 72  LEU A N   1 
ATOM   586  C CA  . LEU A 1 72  ? -11.324 -10.691 0.537   1.00 28.35 ? 72  LEU A CA  1 
ATOM   587  C C   . LEU A 1 72  ? -10.578 -12.011 0.689   1.00 27.88 ? 72  LEU A C   1 
ATOM   588  O O   . LEU A 1 72  ? -11.190 -13.074 0.810   1.00 29.88 ? 72  LEU A O   1 
ATOM   589  C CB  . LEU A 1 72  ? -11.853 -10.216 1.897   1.00 26.87 ? 72  LEU A CB  1 
ATOM   590  C CG  . LEU A 1 72  ? -12.615 -8.886  1.867   1.00 22.41 ? 72  LEU A CG  1 
ATOM   591  C CD1 . LEU A 1 72  ? -13.244 -8.581  3.237   1.00 22.66 ? 72  LEU A CD1 1 
ATOM   592  C CD2 . LEU A 1 72  ? -11.692 -7.744  1.422   1.00 23.90 ? 72  LEU A CD2 1 
ATOM   593  N N   . GLU A 1 73  ? -9.255  -11.945 0.681   1.00 25.08 ? 73  GLU A N   1 
ATOM   594  C CA  . GLU A 1 73  ? -8.423  -13.134 0.769   1.00 26.21 ? 73  GLU A CA  1 
ATOM   595  C C   . GLU A 1 73  ? -7.735  -13.175 2.127   1.00 27.50 ? 73  GLU A C   1 
ATOM   596  O O   . GLU A 1 73  ? -7.752  -12.197 2.876   1.00 24.34 ? 73  GLU A O   1 
ATOM   597  C CB  . GLU A 1 73  ? -7.384  -13.162 -0.364  1.00 27.28 ? 73  GLU A CB  1 
ATOM   598  C CG  . GLU A 1 73  ? -7.987  -13.186 -1.771  1.00 29.23 ? 73  GLU A CG  1 
ATOM   599  C CD  . GLU A 1 73  ? -8.730  -14.499 -2.091  1.00 36.11 ? 73  GLU A CD  1 
ATOM   600  O OE1 . GLU A 1 73  ? -8.532  -15.506 -1.375  1.00 32.90 ? 73  GLU A OE1 1 
ATOM   601  O OE2 . GLU A 1 73  ? -9.519  -14.519 -3.066  1.00 36.39 ? 73  GLU A OE2 1 
ATOM   602  N N   . ALA A 1 74  ? -7.129  -14.323 2.441   1.00 24.23 ? 74  ALA A N   1 
ATOM   603  C CA  . ALA A 1 74  ? -6.348  -14.430 3.668   1.00 27.46 ? 74  ALA A CA  1 
ATOM   604  C C   . ALA A 1 74  ? -5.254  -13.364 3.696   1.00 24.15 ? 74  ALA A C   1 
ATOM   605  O O   . ALA A 1 74  ? -4.722  -12.965 2.662   1.00 26.97 ? 74  ALA A O   1 
ATOM   606  C CB  . ALA A 1 74  ? -5.724  -15.822 3.788   1.00 27.24 ? 74  ALA A CB  1 
ATOM   607  N N   . ILE A 1 75  ? -4.933  -12.872 4.890   1.00 26.93 ? 75  ILE A N   1 
ATOM   608  C CA  . ILE A 1 75  ? -3.839  -11.916 5.059   1.00 28.96 ? 75  ILE A CA  1 
ATOM   609  C C   . ILE A 1 75  ? -2.687  -12.660 5.713   1.00 26.62 ? 75  ILE A C   1 
ATOM   610  O O   . ILE A 1 75  ? -2.842  -13.219 6.803   1.00 21.61 ? 75  ILE A O   1 
ATOM   611  C CB  . ILE A 1 75  ? -4.251  -10.697 5.897   1.00 28.98 ? 75  ILE A CB  1 
ATOM   612  C CG1 . ILE A 1 75  ? -5.505  -10.060 5.303   1.00 33.15 ? 75  ILE A CG1 1 
ATOM   613  C CG2 . ILE A 1 75  ? -3.127  -9.658  5.899   1.00 22.92 ? 75  ILE A CG2 1 
ATOM   614  C CD1 . ILE A 1 75  ? -5.278  -9.624  3.845   1.00 33.27 ? 75  ILE A CD1 1 
ATOM   615  N N   . GLU A 1 76  ? -1.534  -12.668 5.056   1.00 30.12 ? 76  GLU A N   1 
ATOM   616  C CA  . GLU A 1 76  ? -0.406  -13.396 5.608   1.00 30.11 ? 76  GLU A CA  1 
ATOM   617  C C   . GLU A 1 76  ? 0.123   -12.696 6.857   1.00 31.94 ? 76  GLU A C   1 
ATOM   618  O O   . GLU A 1 76  ? -0.010  -11.476 7.027   1.00 26.58 ? 76  GLU A O   1 
ATOM   619  C CB  . GLU A 1 76  ? 0.700   -13.556 4.563   1.00 40.18 ? 76  GLU A CB  1 
ATOM   620  C CG  . GLU A 1 76  ? 1.470   -12.296 4.226   1.00 56.14 ? 76  GLU A CG  1 
ATOM   621  C CD  . GLU A 1 76  ? 2.457   -12.512 3.088   1.00 66.46 ? 76  GLU A CD  1 
ATOM   622  O OE1 . GLU A 1 76  ? 3.175   -11.557 2.713   1.00 71.05 ? 76  GLU A OE1 1 
ATOM   623  O OE2 . GLU A 1 76  ? 2.509   -13.646 2.565   1.00 68.16 ? 76  GLU A OE2 1 
ATOM   624  N N   . LYS A 1 77  ? 0.701   -13.493 7.750   1.00 28.77 ? 77  LYS A N   1 
ATOM   625  C CA  . LYS A 1 77  ? 1.339   -12.964 8.941   1.00 30.52 ? 77  LYS A CA  1 
ATOM   626  C C   . LYS A 1 77  ? 2.532   -12.059 8.536   1.00 30.35 ? 77  LYS A C   1 
ATOM   627  O O   . LYS A 1 77  ? 3.405   -12.518 7.797   1.00 28.08 ? 77  LYS A O   1 
ATOM   628  C CB  . LYS A 1 77  ? 1.815   -14.109 9.834   1.00 29.21 ? 77  LYS A CB  1 
ATOM   629  C CG  . LYS A 1 77  ? 2.447   -13.661 11.145  1.00 28.44 ? 77  LYS A CG  1 
ATOM   630  C CD  . LYS A 1 77  ? 2.844   -14.863 11.997  1.00 32.77 ? 77  LYS A CD  1 
ATOM   631  C CE  . LYS A 1 77  ? 3.422   -14.415 13.333  1.00 34.43 ? 77  LYS A CE  1 
ATOM   632  N NZ  . LYS A 1 77  ? 3.419   -15.522 14.328  1.00 37.37 ? 77  LYS A NZ  1 
ATOM   633  N N   . PRO A 1 78  ? 2.558   -10.821 8.992   1.00 26.05 ? 78  PRO A N   1 
ATOM   634  C CA  . PRO A 1 78  ? 3.695   -9.948  8.648   1.00 24.83 ? 78  PRO A CA  1 
ATOM   635  C C   . PRO A 1 78  ? 4.876   -10.210 9.568   1.00 26.00 ? 78  PRO A C   1 
ATOM   636  O O   . PRO A 1 78  ? 4.709   -10.731 10.680  1.00 24.66 ? 78  PRO A O   1 
ATOM   637  C CB  . PRO A 1 78  ? 3.127   -8.543  8.881   1.00 22.75 ? 78  PRO A CB  1 
ATOM   638  C CG  . PRO A 1 78  ? 2.191   -8.753  10.049  1.00 27.47 ? 78  PRO A CG  1 
ATOM   639  C CD  . PRO A 1 78  ? 1.566   -10.123 9.820   1.00 25.18 ? 78  PRO A CD  1 
ATOM   640  N N   . PRO A 1 79  ? 6.079   -9.823  9.162   1.00 26.77 ? 79  PRO A N   1 
ATOM   641  C CA  . PRO A 1 79  ? 7.179   -9.800  10.135  1.00 26.57 ? 79  PRO A CA  1 
ATOM   642  C C   . PRO A 1 79  ? 6.780   -8.932  11.315  1.00 28.62 ? 79  PRO A C   1 
ATOM   643  O O   . PRO A 1 79  ? 5.953   -8.023  11.192  1.00 29.04 ? 79  PRO A O   1 
ATOM   644  C CB  . PRO A 1 79  ? 8.348   -9.187  9.351   1.00 27.85 ? 79  PRO A CB  1 
ATOM   645  C CG  . PRO A 1 79  ? 7.932   -9.149  7.928   1.00 27.64 ? 79  PRO A CG  1 
ATOM   646  C CD  . PRO A 1 79  ? 6.429   -9.158  7.895   1.00 28.14 ? 79  PRO A CD  1 
ATOM   647  N N   . SER A 1 80  ? 7.340   -9.231  12.488  1.00 28.12 ? 80  SER A N   1 
ATOM   648  C CA  . SER A 1 80  ? 7.060   -8.412  13.662  1.00 28.71 ? 80  SER A CA  1 
ATOM   649  C C   . SER A 1 80  ? 8.318   -7.849  14.309  1.00 32.22 ? 80  SER A C   1 
ATOM   650  O O   . SER A 1 80  ? 8.217   -7.221  15.364  1.00 31.57 ? 80  SER A O   1 
ATOM   651  C CB  . SER A 1 80  ? 6.274   -9.194  14.709  1.00 33.24 ? 80  SER A CB  1 
ATOM   652  O OG  . SER A 1 80  ? 7.053   -10.252 15.238  1.00 37.51 ? 80  SER A OG  1 
ATOM   653  N N   . ASN A 1 81  ? 9.486   -8.055  13.710  1.00 34.24 ? 81  ASN A N   1 
ATOM   654  C CA  . ASN A 1 81  ? 10.729  -7.550  14.271  1.00 34.41 ? 81  ASN A CA  1 
ATOM   655  C C   . ASN A 1 81  ? 11.665  -7.113  13.162  1.00 31.17 ? 81  ASN A C   1 
ATOM   656  O O   . ASN A 1 81  ? 11.693  -7.714  12.083  1.00 31.60 ? 81  ASN A O   1 
ATOM   657  C CB  . ASN A 1 81  ? 11.420  -8.603  15.141  1.00 36.92 ? 81  ASN A CB  1 
ATOM   658  C CG  . ASN A 1 81  ? 11.111  -8.417  16.614  1.00 47.39 ? 81  ASN A CG  1 
ATOM   659  O OD1 . ASN A 1 81  ? 10.219  -9.071  17.163  1.00 48.80 ? 81  ASN A OD1 1 
ATOM   660  N ND2 . ASN A 1 81  ? 11.842  -7.509  17.260  1.00 50.18 ? 81  ASN A ND2 1 
ATOM   661  N N   . TRP A 1 82  ? 12.416  -6.048  13.430  1.00 30.17 ? 82  TRP A N   1 
ATOM   662  C CA  . TRP A 1 82  ? 13.441  -5.544  12.529  1.00 36.11 ? 82  TRP A CA  1 
ATOM   663  C C   . TRP A 1 82  ? 14.703  -5.267  13.332  1.00 36.02 ? 82  TRP A C   1 
ATOM   664  O O   . TRP A 1 82  ? 14.692  -5.264  14.567  1.00 36.55 ? 82  TRP A O   1 
ATOM   665  C CB  . TRP A 1 82  ? 12.969  -4.280  11.784  1.00 30.48 ? 82  TRP A CB  1 
ATOM   666  C CG  . TRP A 1 82  ? 11.931  -4.621  10.781  1.00 31.54 ? 82  TRP A CG  1 
ATOM   667  C CD1 . TRP A 1 82  ? 12.120  -4.847  9.451   1.00 28.69 ? 82  TRP A CD1 1 
ATOM   668  C CD2 . TRP A 1 82  ? 10.535  -4.844  11.038  1.00 27.65 ? 82  TRP A CD2 1 
ATOM   669  N NE1 . TRP A 1 82  ? 10.924  -5.180  8.861   1.00 26.66 ? 82  TRP A NE1 1 
ATOM   670  C CE2 . TRP A 1 82  ? 9.938   -5.187  9.811   1.00 28.82 ? 82  TRP A CE2 1 
ATOM   671  C CE3 . TRP A 1 82  ? 9.735   -4.782  12.186  1.00 27.85 ? 82  TRP A CE3 1 
ATOM   672  C CZ2 . TRP A 1 82  ? 8.573   -5.465  9.694   1.00 23.67 ? 82  TRP A CZ2 1 
ATOM   673  C CZ3 . TRP A 1 82  ? 8.388   -5.061  12.074  1.00 29.14 ? 82  TRP A CZ3 1 
ATOM   674  C CH2 . TRP A 1 82  ? 7.817   -5.400  10.832  1.00 26.29 ? 82  TRP A CH2 1 
ATOM   675  N N   . ASN A 1 83  ? 15.794  -5.036  12.611  1.00 37.61 ? 83  ASN A N   1 
ATOM   676  C CA  . ASN A 1 83  ? 17.090  -4.738  13.224  1.00 42.71 ? 83  ASN A CA  1 
ATOM   677  C C   . ASN A 1 83  ? 17.301  -3.230  13.359  1.00 39.64 ? 83  ASN A C   1 
ATOM   678  O O   . ASN A 1 83  ? 18.246  -2.664  12.818  1.00 44.43 ? 83  ASN A O   1 
ATOM   679  C CB  . ASN A 1 83  ? 18.211  -5.363  12.403  1.00 42.85 ? 83  ASN A CB  1 
ATOM   680  C CG  . ASN A 1 83  ? 18.580  -6.748  12.881  1.00 57.54 ? 83  ASN A CG  1 
ATOM   681  O OD1 . ASN A 1 83  ? 17.763  -7.674  12.832  1.00 55.17 ? 83  ASN A OD1 1 
ATOM   682  N ND2 . ASN A 1 83  ? 19.822  -6.903  13.348  1.00 60.13 ? 83  ASN A ND2 1 
ATOM   683  N N   . GLY A 1 84  ? 16.397  -2.577  14.076  1.00 35.95 ? 84  GLY A N   1 
ATOM   684  C CA  . GLY A 1 84  ? 16.526  -1.158  14.361  1.00 38.66 ? 84  GLY A CA  1 
ATOM   685  C C   . GLY A 1 84  ? 15.550  -0.316  13.537  1.00 35.07 ? 84  GLY A C   1 
ATOM   686  O O   . GLY A 1 84  ? 14.845  -0.796  12.664  1.00 31.48 ? 84  GLY A O   1 
ATOM   687  N N   . ILE A 1 85  ? 15.557  0.981   13.871  1.00 29.18 ? 85  ILE A N   1 
ATOM   688  C CA  . ILE A 1 85  ? 14.643  1.921   13.217  1.00 34.27 ? 85  ILE A CA  1 
ATOM   689  C C   . ILE A 1 85  ? 14.900  1.958   11.717  1.00 33.56 ? 85  ILE A C   1 
ATOM   690  O O   . ILE A 1 85  ? 13.975  1.849   10.900  1.00 31.70 ? 85  ILE A O   1 
ATOM   691  C CB  . ILE A 1 85  ? 14.799  3.327   13.821  1.00 31.77 ? 85  ILE A CB  1 
ATOM   692  C CG1 . ILE A 1 85  ? 14.674  3.301   15.342  1.00 36.19 ? 85  ILE A CG1 1 
ATOM   693  C CG2 . ILE A 1 85  ? 13.782  4.268   13.193  1.00 31.74 ? 85  ILE A CG2 1 
ATOM   694  C CD1 . ILE A 1 85  ? 13.442  2.630   15.829  1.00 36.31 ? 85  ILE A CD1 1 
ATOM   695  N N   . LYS A 1 86  ? 16.160  2.151   11.338  1.00 30.89 ? 86  LYS A N   1 
ATOM   696  C CA  . LYS A 1 86  ? 16.519  2.250   9.924   1.00 35.27 ? 86  LYS A CA  1 
ATOM   697  C C   . LYS A 1 86  ? 16.176  0.969   9.172   1.00 35.39 ? 86  LYS A C   1 
ATOM   698  O O   . LYS A 1 86  ? 15.753  1.013   8.009   1.00 31.91 ? 86  LYS A O   1 
ATOM   699  C CB  . LYS A 1 86  ? 18.009  2.569   9.800   1.00 31.36 ? 86  LYS A CB  1 
ATOM   700  C CG  . LYS A 1 86  ? 18.629  2.304   8.433   1.00 41.79 ? 86  LYS A CG  1 
ATOM   701  C CD  . LYS A 1 86  ? 20.156  2.483   8.466   1.00 45.40 ? 86  LYS A CD  1 
ATOM   702  C CE  . LYS A 1 86  ? 20.818  1.848   7.245   1.00 50.37 ? 86  LYS A CE  1 
ATOM   703  N NZ  . LYS A 1 86  ? 22.306  1.738   7.366   1.00 56.08 ? 86  LYS A NZ  1 
ATOM   704  N N   . ASP A 1 87  ? 16.373  -0.184  9.813   1.00 31.18 ? 87  ASP A N   1 
ATOM   705  C CA  . ASP A 1 87  ? 16.064  -1.438  9.145   1.00 32.53 ? 87  ASP A CA  1 
ATOM   706  C C   . ASP A 1 87  ? 14.572  -1.535  8.866   1.00 29.88 ? 87  ASP A C   1 
ATOM   707  O O   . ASP A 1 87  ? 14.162  -1.974  7.787   1.00 29.17 ? 87  ASP A O   1 
ATOM   708  C CB  . ASP A 1 87  ? 16.532  -2.614  9.992   1.00 32.95 ? 87  ASP A CB  1 
ATOM   709  C CG  . ASP A 1 87  ? 16.315  -3.940  9.308   1.00 36.10 ? 87  ASP A CG  1 
ATOM   710  O OD1 . ASP A 1 87  ? 16.762  -4.090  8.153   1.00 39.81 ? 87  ASP A OD1 1 
ATOM   711  O OD2 . ASP A 1 87  ? 15.692  -4.829  9.917   1.00 39.30 ? 87  ASP A OD2 1 
ATOM   712  N N   . ALA A 1 88  ? 13.743  -1.097  9.819   1.00 29.08 ? 88  ALA A N   1 
ATOM   713  C CA  . ALA A 1 88  ? 12.302  -1.138  9.604   1.00 31.14 ? 88  ALA A CA  1 
ATOM   714  C C   . ALA A 1 88  ? 11.896  -0.208  8.468   1.00 28.82 ? 88  ALA A C   1 
ATOM   715  O O   . ALA A 1 88  ? 11.095  -0.581  7.608   1.00 24.79 ? 88  ALA A O   1 
ATOM   716  C CB  . ALA A 1 88  ? 11.561  -0.782  10.896  1.00 28.74 ? 88  ALA A CB  1 
ATOM   717  N N   . PHE A 1 89  ? 12.454  1.009   8.436   1.00 26.89 ? 89  PHE A N   1 
ATOM   718  C CA  . PHE A 1 89  ? 12.060  1.947   7.392   1.00 24.30 ? 89  PHE A CA  1 
ATOM   719  C C   . PHE A 1 89  ? 12.582  1.533   6.026   1.00 23.98 ? 89  PHE A C   1 
ATOM   720  O O   . PHE A 1 89  ? 11.943  1.821   5.008   1.00 23.44 ? 89  PHE A O   1 
ATOM   721  C CB  . PHE A 1 89  ? 12.514  3.366   7.746   1.00 24.74 ? 89  PHE A CB  1 
ATOM   722  C CG  . PHE A 1 89  ? 11.512  4.110   8.598   1.00 26.22 ? 89  PHE A CG  1 
ATOM   723  C CD1 . PHE A 1 89  ? 10.390  4.684   8.026   1.00 25.72 ? 89  PHE A CD1 1 
ATOM   724  C CD2 . PHE A 1 89  ? 11.681  4.206   9.968   1.00 28.51 ? 89  PHE A CD2 1 
ATOM   725  C CE1 . PHE A 1 89  ? 9.459   5.354   8.805   1.00 29.47 ? 89  PHE A CE1 1 
ATOM   726  C CE2 . PHE A 1 89  ? 10.757  4.876   10.755  1.00 25.81 ? 89  PHE A CE2 1 
ATOM   727  C CZ  . PHE A 1 89  ? 9.641   5.443   10.176  1.00 26.69 ? 89  PHE A CZ  1 
ATOM   728  N N   . GLU A 1 90  ? 13.734  0.870   5.961   1.00 23.98 ? 90  GLU A N   1 
ATOM   729  C CA  . GLU A 1 90  ? 14.152  0.351   4.664   1.00 25.78 ? 90  GLU A CA  1 
ATOM   730  C C   . GLU A 1 90  ? 13.211  -0.761  4.193   1.00 25.56 ? 90  GLU A C   1 
ATOM   731  O O   . GLU A 1 90  ? 12.949  -0.891  2.992   1.00 23.24 ? 90  GLU A O   1 
ATOM   732  C CB  . GLU A 1 90  ? 15.596  -0.136  4.737   1.00 29.29 ? 90  GLU A CB  1 
ATOM   733  C CG  . GLU A 1 90  ? 16.600  1.008   4.506   1.00 35.49 ? 90  GLU A CG  1 
ATOM   734  C CD  . GLU A 1 90  ? 17.999  0.673   4.962   1.00 50.34 ? 90  GLU A CD  1 
ATOM   735  O OE1 . GLU A 1 90  ? 18.197  -0.452  5.479   1.00 46.61 ? 90  GLU A OE1 1 
ATOM   736  O OE2 . GLU A 1 90  ? 18.901  1.531   4.794   1.00 51.30 ? 90  GLU A OE2 1 
ATOM   737  N N   . ALA A 1 91  ? 12.695  -1.571  5.120   1.00 25.17 ? 91  ALA A N   1 
ATOM   738  C CA  . ALA A 1 91  ? 11.709  -2.578  4.736   1.00 26.16 ? 91  ALA A CA  1 
ATOM   739  C C   . ALA A 1 91  ? 10.430  -1.916  4.242   1.00 24.22 ? 91  ALA A C   1 
ATOM   740  O O   . ALA A 1 91  ? 9.788   -2.422  3.317   1.00 25.36 ? 91  ALA A O   1 
ATOM   741  C CB  . ALA A 1 91  ? 11.415  -3.512  5.912   1.00 26.21 ? 91  ALA A CB  1 
ATOM   742  N N   . ALA A 1 92  ? 10.058  -0.774  4.837   1.00 24.13 ? 92  ALA A N   1 
ATOM   743  C CA  . ALA A 1 92  ? 8.874   -0.043  4.391   1.00 25.04 ? 92  ALA A CA  1 
ATOM   744  C C   . ALA A 1 92  ? 9.063   0.489   2.981   1.00 26.77 ? 92  ALA A C   1 
ATOM   745  O O   . ALA A 1 92  ? 8.166   0.373   2.140   1.00 25.17 ? 92  ALA A O   1 
ATOM   746  C CB  . ALA A 1 92  ? 8.580   1.112   5.353   1.00 23.07 ? 92  ALA A CB  1 
ATOM   747  N N   . LEU A 1 93  ? 10.236  1.070   2.708   1.00 26.96 ? 93  LEU A N   1 
ATOM   748  C CA  . LEU A 1 93  ? 10.526  1.596   1.376   1.00 30.40 ? 93  LEU A CA  1 
ATOM   749  C C   . LEU A 1 93  ? 10.486  0.492   0.330   1.00 28.10 ? 93  LEU A C   1 
ATOM   750  O O   . LEU A 1 93  ? 9.848   0.638   -0.721  1.00 30.70 ? 93  LEU A O   1 
ATOM   751  C CB  . LEU A 1 93  ? 11.893  2.275   1.372   1.00 26.71 ? 93  LEU A CB  1 
ATOM   752  C CG  . LEU A 1 93  ? 12.295  2.887   0.026   1.00 32.10 ? 93  LEU A CG  1 
ATOM   753  C CD1 . LEU A 1 93  ? 11.250  3.891   -0.430  1.00 32.29 ? 93  LEU A CD1 1 
ATOM   754  C CD2 . LEU A 1 93  ? 13.675  3.535   0.105   1.00 31.33 ? 93  LEU A CD2 1 
ATOM   755  N N   . LYS A 1 94  ? 11.184  -0.615  0.593   1.00 27.85 ? 94  LYS A N   1 
ATOM   756  C CA  . LYS A 1 94  ? 11.111  -1.764  -0.303  1.00 27.62 ? 94  LYS A CA  1 
ATOM   757  C C   . LYS A 1 94  ? 9.667   -2.209  -0.492  1.00 28.38 ? 94  LYS A C   1 
ATOM   758  O O   . LYS A 1 94  ? 9.237   -2.500  -1.613  1.00 26.46 ? 94  LYS A O   1 
ATOM   759  C CB  . LYS A 1 94  ? 11.956  -2.915  0.242   1.00 29.68 ? 94  LYS A CB  1 
ATOM   760  C CG  . LYS A 1 94  ? 12.029  -4.128  -0.692  1.00 40.45 ? 94  LYS A CG  1 
ATOM   761  C CD  . LYS A 1 94  ? 12.836  -5.291  -0.094  1.00 52.13 ? 94  LYS A CD  1 
ATOM   762  C CE  . LYS A 1 94  ? 12.548  -6.627  -0.802  1.00 55.52 ? 94  LYS A CE  1 
ATOM   763  N NZ  . LYS A 1 94  ? 12.967  -6.651  -2.241  1.00 57.00 ? 94  LYS A NZ  1 
ATOM   764  N N   . HIS A 1 95  ? 8.898   -2.257  0.595   1.00 26.11 ? 95  HIS A N   1 
ATOM   765  C CA  . HIS A 1 95  ? 7.505   -2.679  0.471   1.00 24.92 ? 95  HIS A CA  1 
ATOM   766  C C   . HIS A 1 95  ? 6.713   -1.719  -0.407  1.00 23.33 ? 95  HIS A C   1 
ATOM   767  O O   . HIS A 1 95  ? 5.937   -2.142  -1.270  1.00 24.48 ? 95  HIS A O   1 
ATOM   768  C CB  . HIS A 1 95  ? 6.846   -2.779  1.846   1.00 26.60 ? 95  HIS A CB  1 
ATOM   769  C CG  . HIS A 1 95  ? 5.374   -2.994  1.743   1.00 25.78 ? 95  HIS A CG  1 
ATOM   770  N ND1 . HIS A 1 95  ? 4.835   -4.213  1.404   1.00 22.37 ? 95  HIS A ND1 1 
ATOM   771  C CD2 . HIS A 1 95  ? 4.334   -2.136  1.865   1.00 27.02 ? 95  HIS A CD2 1 
ATOM   772  C CE1 . HIS A 1 95  ? 3.517   -4.107  1.354   1.00 28.83 ? 95  HIS A CE1 1 
ATOM   773  N NE2 . HIS A 1 95  ? 3.188   -2.858  1.633   1.00 27.79 ? 95  HIS A NE2 1 
ATOM   774  N N   . GLU A 1 96  ? 6.883   -0.415  -0.190  1.00 24.94 ? 96  GLU A N   1 
ATOM   775  C CA  . GLU A 1 96  ? 6.171   0.570   -0.998  1.00 34.11 ? 96  GLU A CA  1 
ATOM   776  C C   . GLU A 1 96  ? 6.570   0.489   -2.469  1.00 32.58 ? 96  GLU A C   1 
ATOM   777  O O   . GLU A 1 96  ? 5.718   0.613   -3.361  1.00 28.60 ? 96  GLU A O   1 
ATOM   778  C CB  . GLU A 1 96  ? 6.438   1.975   -0.455  1.00 36.85 ? 96  GLU A CB  1 
ATOM   779  C CG  . GLU A 1 96  ? 5.503   2.371   0.664   1.00 38.02 ? 96  GLU A CG  1 
ATOM   780  C CD  . GLU A 1 96  ? 4.048   2.075   0.327   1.00 46.32 ? 96  GLU A CD  1 
ATOM   781  O OE1 . GLU A 1 96  ? 3.634   2.444   -0.796  1.00 46.78 ? 96  GLU A OE1 1 
ATOM   782  O OE2 . GLU A 1 96  ? 3.323   1.472   1.169   1.00 44.31 ? 96  GLU A OE2 1 
ATOM   783  N N   . GLU A 1 97  ? 7.866   0.305   -2.743  1.00 30.16 ? 97  GLU A N   1 
ATOM   784  C CA  . GLU A 1 97  ? 8.307   0.160   -4.126  1.00 28.68 ? 97  GLU A CA  1 
ATOM   785  C C   . GLU A 1 97  ? 7.616   -1.024  -4.791  1.00 26.24 ? 97  GLU A C   1 
ATOM   786  O O   . GLU A 1 97  ? 7.224   -0.946  -5.960  1.00 26.22 ? 97  GLU A O   1 
ATOM   787  C CB  . GLU A 1 97  ? 9.833   0.016   -4.175  1.00 31.38 ? 97  GLU A CB  1 
ATOM   788  C CG  . GLU A 1 97  ? 10.588  1.343   -3.975  1.00 37.90 ? 97  GLU A CG  1 
ATOM   789  C CD  . GLU A 1 97  ? 12.062  1.160   -3.619  1.00 40.58 ? 97  GLU A CD  1 
ATOM   790  O OE1 . GLU A 1 97  ? 12.458  0.037   -3.221  1.00 43.09 ? 97  GLU A OE1 1 
ATOM   791  O OE2 . GLU A 1 97  ? 12.832  2.142   -3.736  1.00 47.26 ? 97  GLU A OE2 1 
ATOM   792  N N   . PHE A 1 98  ? 7.417   -2.118  -4.044  1.00 23.84 ? 98  PHE A N   1 
ATOM   793  C CA  . PHE A 1 98  ? 6.660   -3.254  -4.562  1.00 23.22 ? 98  PHE A CA  1 
ATOM   794  C C   . PHE A 1 98  ? 5.212   -2.867  -4.840  1.00 27.92 ? 98  PHE A C   1 
ATOM   795  O O   . PHE A 1 98  ? 4.640   -3.241  -5.874  1.00 26.39 ? 98  PHE A O   1 
ATOM   796  C CB  . PHE A 1 98  ? 6.733   -4.420  -3.571  1.00 26.35 ? 98  PHE A CB  1 
ATOM   797  C CG  . PHE A 1 98  ? 5.651   -5.472  -3.761  1.00 30.10 ? 98  PHE A CG  1 
ATOM   798  C CD1 . PHE A 1 98  ? 5.749   -6.412  -4.776  1.00 31.85 ? 98  PHE A CD1 1 
ATOM   799  C CD2 . PHE A 1 98  ? 4.548   -5.519  -2.919  1.00 30.68 ? 98  PHE A CD2 1 
ATOM   800  C CE1 . PHE A 1 98  ? 4.766   -7.384  -4.956  1.00 33.50 ? 98  PHE A CE1 1 
ATOM   801  C CE2 . PHE A 1 98  ? 3.563   -6.481  -3.084  1.00 30.00 ? 98  PHE A CE2 1 
ATOM   802  C CZ  . PHE A 1 98  ? 3.675   -7.421  -4.107  1.00 30.89 ? 98  PHE A CZ  1 
ATOM   803  N N   . VAL A 1 99  ? 4.597   -2.114  -3.930  1.00 26.18 ? 99  VAL A N   1 
ATOM   804  C CA  . VAL A 1 99  ? 3.220   -1.686  -4.160  1.00 29.72 ? 99  VAL A CA  1 
ATOM   805  C C   . VAL A 1 99  ? 3.159   -0.746  -5.364  1.00 27.55 ? 99  VAL A C   1 
ATOM   806  O O   . VAL A 1 99  ? 2.236   -0.818  -6.181  1.00 29.20 ? 99  VAL A O   1 
ATOM   807  C CB  . VAL A 1 99  ? 2.633   -1.053  -2.879  1.00 34.25 ? 99  VAL A CB  1 
ATOM   808  C CG1 . VAL A 1 99  ? 1.263   -0.476  -3.157  1.00 32.99 ? 99  VAL A CG1 1 
ATOM   809  C CG2 . VAL A 1 99  ? 2.517   -2.105  -1.753  1.00 25.10 ? 99  VAL A CG2 1 
ATOM   810  N N   . THR A 1 100 ? 4.164   0.113   -5.532  1.00 28.02 ? 100 THR A N   1 
ATOM   811  C CA  . THR A 1 100 ? 4.164   0.982   -6.703  1.00 31.77 ? 100 THR A CA  1 
ATOM   812  C C   . THR A 1 100 ? 4.294   0.177   -7.994  1.00 31.77 ? 100 THR A C   1 
ATOM   813  O O   . THR A 1 100 ? 3.610   0.471   -8.979  1.00 30.43 ? 100 THR A O   1 
ATOM   814  C CB  . THR A 1 100 ? 5.277   2.010   -6.596  1.00 36.82 ? 100 THR A CB  1 
ATOM   815  O OG1 . THR A 1 100 ? 5.017   2.844   -5.466  1.00 38.15 ? 100 THR A OG1 1 
ATOM   816  C CG2 . THR A 1 100 ? 5.346   2.879   -7.872  1.00 38.01 ? 100 THR A CG2 1 
ATOM   817  N N   . GLN A 1 101 ? 5.135   -0.862  -7.998  1.00 26.69 ? 101 GLN A N   1 
ATOM   818  C CA  . GLN A 1 101 ? 5.208   -1.721  -9.180  1.00 24.52 ? 101 GLN A CA  1 
ATOM   819  C C   . GLN A 1 101 ? 3.881   -2.407  -9.444  1.00 28.74 ? 101 GLN A C   1 
ATOM   820  O O   . GLN A 1 101 ? 3.439   -2.496  -10.604 1.00 23.48 ? 101 GLN A O   1 
ATOM   821  C CB  . GLN A 1 101 ? 6.311   -2.769  -9.023  1.00 26.63 ? 101 GLN A CB  1 
ATOM   822  C CG  . GLN A 1 101 ? 6.331   -3.774  -10.172 1.00 27.10 ? 101 GLN A CG  1 
ATOM   823  C CD  . GLN A 1 101 ? 6.797   -3.138  -11.491 1.00 30.20 ? 101 GLN A CD  1 
ATOM   824  O OE1 . GLN A 1 101 ? 7.990   -3.099  -11.778 1.00 27.02 ? 101 GLN A OE1 1 
ATOM   825  N NE2 . GLN A 1 101 ? 5.855   -2.632  -12.281 1.00 21.54 ? 101 GLN A NE2 1 
ATOM   826  N N   . SER A 1 102 ? 3.230   -2.924  -8.391  1.00 21.20 ? 102 SER A N   1 
ATOM   827  C CA  . SER A 1 102 ? 1.955   -3.608  -8.553  1.00 28.31 ? 102 SER A CA  1 
ATOM   828  C C   . SER A 1 102 ? 0.929   -2.705  -9.222  1.00 26.08 ? 102 SER A C   1 
ATOM   829  O O   . SER A 1 102 ? 0.156   -3.149  -10.075 1.00 27.37 ? 102 SER A O   1 
ATOM   830  C CB  . SER A 1 102 ? 1.423   -4.076  -7.198  1.00 28.81 ? 102 SER A CB  1 
ATOM   831  O OG  . SER A 1 102 ? 2.298   -5.025  -6.625  1.00 28.68 ? 102 SER A OG  1 
ATOM   832  N N   . ILE A 1 103 ? 0.922   -1.432  -8.837  1.00 29.00 ? 103 ILE A N   1 
ATOM   833  C CA  . ILE A 1 103 ? -0.051  -0.495  -9.388  1.00 31.22 ? 103 ILE A CA  1 
ATOM   834  C C   . ILE A 1 103 ? 0.277   -0.173  -10.843 1.00 32.53 ? 103 ILE A C   1 
ATOM   835  O O   . ILE A 1 103 ? -0.622  -0.099  -11.694 1.00 26.45 ? 103 ILE A O   1 
ATOM   836  C CB  . ILE A 1 103 ? -0.098  0.764   -8.509  1.00 30.58 ? 103 ILE A CB  1 
ATOM   837  C CG1 . ILE A 1 103 ? -0.993  0.515   -7.291  1.00 34.64 ? 103 ILE A CG1 1 
ATOM   838  C CG2 . ILE A 1 103 ? -0.615  1.954   -9.288  1.00 35.11 ? 103 ILE A CG2 1 
ATOM   839  C CD1 . ILE A 1 103 ? -1.032  1.674   -6.373  1.00 36.38 ? 103 ILE A CD1 1 
ATOM   840  N N   . TYR A 1 104 ? 1.565   -0.012  -11.166 1.00 27.07 ? 104 TYR A N   1 
ATOM   841  C CA  . TYR A 1 104 ? 1.921   0.266   -12.552 1.00 31.09 ? 104 TYR A CA  1 
ATOM   842  C C   . TYR A 1 104 ? 1.517   -0.882  -13.459 1.00 28.77 ? 104 TYR A C   1 
ATOM   843  O O   . TYR A 1 104 ? 1.093   -0.651  -14.594 1.00 32.07 ? 104 TYR A O   1 
ATOM   844  C CB  . TYR A 1 104 ? 3.411   0.566   -12.675 1.00 25.93 ? 104 TYR A CB  1 
ATOM   845  C CG  . TYR A 1 104 ? 3.724   2.045   -12.605 1.00 32.34 ? 104 TYR A CG  1 
ATOM   846  C CD1 . TYR A 1 104 ? 3.556   2.866   -13.716 1.00 37.03 ? 104 TYR A CD1 1 
ATOM   847  C CD2 . TYR A 1 104 ? 4.189   2.619   -11.438 1.00 31.97 ? 104 TYR A CD2 1 
ATOM   848  C CE1 . TYR A 1 104 ? 3.839   4.219   -13.654 1.00 37.19 ? 104 TYR A CE1 1 
ATOM   849  C CE2 . TYR A 1 104 ? 4.477   3.969   -11.367 1.00 35.37 ? 104 TYR A CE2 1 
ATOM   850  C CZ  . TYR A 1 104 ? 4.302   4.761   -12.476 1.00 35.81 ? 104 TYR A CZ  1 
ATOM   851  O OH  . TYR A 1 104 ? 4.592   6.097   -12.394 1.00 40.36 ? 104 TYR A OH  1 
ATOM   852  N N   . ASN A 1 105 ? 1.582   -2.116  -12.959 1.00 26.83 ? 105 ASN A N   1 
ATOM   853  C CA  . ASN A 1 105 ? 1.114   -3.243  -13.751 1.00 28.54 ? 105 ASN A CA  1 
ATOM   854  C C   . ASN A 1 105 ? -0.395  -3.193  -13.982 1.00 32.01 ? 105 ASN A C   1 
ATOM   855  O O   . ASN A 1 105 ? -0.876  -3.657  -15.023 1.00 29.10 ? 105 ASN A O   1 
ATOM   856  C CB  . ASN A 1 105 ? 1.528   -4.548  -13.077 1.00 25.68 ? 105 ASN A CB  1 
ATOM   857  C CG  . ASN A 1 105 ? 3.014   -4.841  -13.259 1.00 28.26 ? 105 ASN A CG  1 
ATOM   858  O OD1 . ASN A 1 105 ? 3.653   -4.277  -14.141 1.00 30.50 ? 105 ASN A OD1 1 
ATOM   859  N ND2 . ASN A 1 105 ? 3.572   -5.697  -12.409 1.00 27.54 ? 105 ASN A ND2 1 
ATOM   860  N N   . ILE A 1 106 ? -1.164  -2.636  -13.039 1.00 29.23 ? 106 ILE A N   1 
ATOM   861  C CA  . ILE A 1 106 ? -2.589  -2.451  -13.305 1.00 31.14 ? 106 ILE A CA  1 
ATOM   862  C C   . ILE A 1 106 ? -2.792  -1.345  -14.327 1.00 29.20 ? 106 ILE A C   1 
ATOM   863  O O   . ILE A 1 106 ? -3.601  -1.476  -15.253 1.00 33.06 ? 106 ILE A O   1 
ATOM   864  C CB  . ILE A 1 106 ? -3.369  -2.157  -12.010 1.00 30.40 ? 106 ILE A CB  1 
ATOM   865  C CG1 . ILE A 1 106 ? -2.926  -3.085  -10.877 1.00 32.03 ? 106 ILE A CG1 1 
ATOM   866  C CG2 . ILE A 1 106 ? -4.873  -2.329  -12.262 1.00 31.68 ? 106 ILE A CG2 1 
ATOM   867  C CD1 . ILE A 1 106 ? -3.725  -2.891  -9.598  1.00 32.43 ? 106 ILE A CD1 1 
ATOM   868  N N   . LEU A 1 107 ? -2.076  -0.228  -14.162 1.00 30.41 ? 107 LEU A N   1 
ATOM   869  C CA  . LEU A 1 107 ? -2.091  0.842   -15.154 1.00 32.71 ? 107 LEU A CA  1 
ATOM   870  C C   . LEU A 1 107 ? -1.806  0.319   -16.554 1.00 37.33 ? 107 LEU A C   1 
ATOM   871  O O   . LEU A 1 107 ? -2.456  0.728   -17.520 1.00 36.53 ? 107 LEU A O   1 
ATOM   872  C CB  . LEU A 1 107 ? -1.059  1.903   -14.794 1.00 32.19 ? 107 LEU A CB  1 
ATOM   873  C CG  . LEU A 1 107 ? -1.511  3.034   -13.897 1.00 37.96 ? 107 LEU A CG  1 
ATOM   874  C CD1 . LEU A 1 107 ? -0.352  3.985   -13.658 1.00 37.32 ? 107 LEU A CD1 1 
ATOM   875  C CD2 . LEU A 1 107 ? -2.696  3.756   -14.533 1.00 36.57 ? 107 LEU A CD2 1 
ATOM   876  N N   . GLU A 1 108 ? -0.828  -0.587  -16.678 1.00 33.31 ? 108 GLU A N   1 
ATOM   877  C CA  . GLU A 1 108 ? -0.498  -1.131  -17.994 1.00 33.83 ? 108 GLU A CA  1 
ATOM   878  C C   . GLU A 1 108 ? -1.643  -1.959  -18.546 1.00 36.88 ? 108 GLU A C   1 
ATOM   879  O O   . GLU A 1 108 ? -1.979  -1.856  -19.735 1.00 36.64 ? 108 GLU A O   1 
ATOM   880  C CB  . GLU A 1 108 ? 0.768   -1.983  -17.913 1.00 35.41 ? 108 GLU A CB  1 
ATOM   881  C CG  . GLU A 1 108 ? 1.402   -2.231  -19.272 1.00 33.84 ? 108 GLU A CG  1 
ATOM   882  C CD  . GLU A 1 108 ? 0.709   -3.326  -20.061 1.00 40.01 ? 108 GLU A CD  1 
ATOM   883  O OE1 . GLU A 1 108 ? 0.731   -3.265  -21.311 1.00 43.48 ? 108 GLU A OE1 1 
ATOM   884  O OE2 . GLU A 1 108 ? 0.147   -4.251  -19.438 1.00 34.75 ? 108 GLU A OE2 1 
ATOM   885  N N   . LEU A 1 109 ? -2.229  -2.812  -17.708 1.00 33.79 ? 109 LEU A N   1 
ATOM   886  C CA  . LEU A 1 109 ? -3.373  -3.604  -18.129 1.00 39.19 ? 109 LEU A CA  1 
ATOM   887  C C   . LEU A 1 109 ? -4.548  -2.709  -18.512 1.00 38.62 ? 109 LEU A C   1 
ATOM   888  O O   . LEU A 1 109 ? -5.232  -2.965  -19.511 1.00 41.91 ? 109 LEU A O   1 
ATOM   889  C CB  . LEU A 1 109 ? -3.757  -4.573  -17.013 1.00 35.80 ? 109 LEU A CB  1 
ATOM   890  C CG  . LEU A 1 109 ? -5.027  -5.400  -17.157 1.00 38.53 ? 109 LEU A CG  1 
ATOM   891  C CD1 . LEU A 1 109 ? -4.928  -6.328  -18.350 1.00 43.28 ? 109 LEU A CD1 1 
ATOM   892  C CD2 . LEU A 1 109 ? -5.254  -6.194  -15.882 1.00 39.22 ? 109 LEU A CD2 1 
ATOM   893  N N   . ALA A 1 110 ? -4.792  -1.647  -17.737 1.00 36.98 ? 110 ALA A N   1 
ATOM   894  C CA  . ALA A 1 110 ? -5.892  -0.737  -18.052 1.00 39.60 ? 110 ALA A CA  1 
ATOM   895  C C   . ALA A 1 110 ? -5.669  -0.056  -19.396 1.00 42.20 ? 110 ALA A C   1 
ATOM   896  O O   . ALA A 1 110 ? -6.607  0.107   -20.185 1.00 42.54 ? 110 ALA A O   1 
ATOM   897  C CB  . ALA A 1 110 ? -6.048  0.309   -16.945 1.00 34.96 ? 110 ALA A CB  1 
ATOM   898  N N   . PHE A 1 111 ? -4.431  0.357   -19.665 1.00 39.50 ? 111 PHE A N   1 
ATOM   899  C CA  . PHE A 1 111 ? -4.088  0.919   -20.965 1.00 39.84 ? 111 PHE A CA  1 
ATOM   900  C C   . PHE A 1 111 ? -4.322  -0.082  -22.093 1.00 40.17 ? 111 PHE A C   1 
ATOM   901  O O   . PHE A 1 111 ? -4.849  0.282   -23.149 1.00 44.78 ? 111 PHE A O   1 
ATOM   902  C CB  . PHE A 1 111 ? -2.637  1.384   -20.948 1.00 36.44 ? 111 PHE A CB  1 
ATOM   903  C CG  . PHE A 1 111 ? -2.460  2.781   -20.455 1.00 36.09 ? 111 PHE A CG  1 
ATOM   904  C CD1 . PHE A 1 111 ? -3.125  3.825   -21.056 1.00 35.96 ? 111 PHE A CD1 1 
ATOM   905  C CD2 . PHE A 1 111 ? -1.615  3.055   -19.393 1.00 34.97 ? 111 PHE A CD2 1 
ATOM   906  C CE1 . PHE A 1 111 ? -2.953  5.114   -20.605 1.00 33.60 ? 111 PHE A CE1 1 
ATOM   907  C CE2 . PHE A 1 111 ? -1.439  4.342   -18.939 1.00 35.03 ? 111 PHE A CE2 1 
ATOM   908  C CZ  . PHE A 1 111 ? -2.106  5.375   -19.547 1.00 38.65 ? 111 PHE A CZ  1 
ATOM   909  N N   . GLU A 1 112 ? -3.945  -1.347  -21.891 1.00 40.09 ? 112 GLU A N   1 
ATOM   910  C CA  . GLU A 1 112 ? -4.131  -2.351  -22.935 1.00 44.39 ? 112 GLU A CA  1 
ATOM   911  C C   . GLU A 1 112 ? -5.603  -2.595  -23.244 1.00 50.03 ? 112 GLU A C   1 
ATOM   912  O O   . GLU A 1 112 ? -5.949  -2.935  -24.382 1.00 48.79 ? 112 GLU A O   1 
ATOM   913  C CB  . GLU A 1 112 ? -3.470  -3.669  -22.537 1.00 44.85 ? 112 GLU A CB  1 
ATOM   914  C CG  . GLU A 1 112 ? -1.963  -3.666  -22.696 1.00 48.59 ? 112 GLU A CG  1 
ATOM   915  C CD  . GLU A 1 112 ? -1.369  -5.060  -22.648 1.00 54.01 ? 112 GLU A CD  1 
ATOM   916  O OE1 . GLU A 1 112 ? -0.170  -5.217  -22.961 1.00 58.57 ? 112 GLU A OE1 1 
ATOM   917  O OE2 . GLU A 1 112 ? -2.103  -6.004  -22.290 1.00 59.74 ? 112 GLU A OE2 1 
ATOM   918  N N   . GLU A 1 113 ? -6.477  -2.449  -22.254 1.00 45.60 ? 113 GLU A N   1 
ATOM   919  C CA  . GLU A 1 113 ? -7.905  -2.635  -22.458 1.00 45.41 ? 113 GLU A CA  1 
ATOM   920  C C   . GLU A 1 113 ? -8.632  -1.321  -22.688 1.00 42.12 ? 113 GLU A C   1 
ATOM   921  O O   . GLU A 1 113 ? -9.867  -1.306  -22.732 1.00 52.58 ? 113 GLU A O   1 
ATOM   922  C CB  . GLU A 1 113 ? -8.504  -3.387  -21.267 1.00 47.89 ? 113 GLU A CB  1 
ATOM   923  C CG  . GLU A 1 113 ? -7.627  -4.542  -20.818 1.00 49.76 ? 113 GLU A CG  1 
ATOM   924  C CD  . GLU A 1 113 ? -8.414  -5.741  -20.355 1.00 55.47 ? 113 GLU A CD  1 
ATOM   925  O OE1 . GLU A 1 113 ? -7.893  -6.872  -20.472 1.00 58.40 ? 113 GLU A OE1 1 
ATOM   926  O OE2 . GLU A 1 113 ? -9.546  -5.555  -19.866 1.00 55.86 ? 113 GLU A OE2 1 
ATOM   927  N N   . LYS A 1 114 ? -7.890  -0.223  -22.842 1.00 37.78 ? 114 LYS A N   1 
ATOM   928  C CA  . LYS A 1 114 ? -8.453  1.113   -23.070 1.00 48.59 ? 114 LYS A CA  1 
ATOM   929  C C   . LYS A 1 114 ? -9.473  1.479   -21.991 1.00 51.66 ? 114 LYS A C   1 
ATOM   930  O O   . LYS A 1 114 ? -10.443 2.198   -22.246 1.00 48.90 ? 114 LYS A O   1 
ATOM   931  C CB  . LYS A 1 114 ? -9.063  1.229   -24.475 1.00 54.23 ? 114 LYS A CB  1 
ATOM   932  C CG  . LYS A 1 114 ? -8.405  0.316   -25.530 1.00 51.40 ? 114 LYS A CG  1 
ATOM   933  C CD  . LYS A 1 114 ? -9.282  0.145   -26.767 1.00 61.09 ? 114 LYS A CD  1 
ATOM   934  C CE  . LYS A 1 114 ? -9.101  -1.231  -27.396 1.00 57.69 ? 114 LYS A CE  1 
ATOM   935  N NZ  . LYS A 1 114 ? -9.486  -1.233  -28.843 1.00 59.26 ? 114 LYS A NZ  1 
ATOM   936  N N   . ASP A 1 115 ? -9.251  0.976   -20.772 1.00 45.28 ? 115 ASP A N   1 
ATOM   937  C CA  . ASP A 1 115 ? -10.074 1.300   -19.605 1.00 38.93 ? 115 ASP A CA  1 
ATOM   938  C C   . ASP A 1 115 ? -9.579  2.624   -19.039 1.00 42.60 ? 115 ASP A C   1 
ATOM   939  O O   . ASP A 1 115 ? -8.812  2.682   -18.073 1.00 39.45 ? 115 ASP A O   1 
ATOM   940  C CB  . ASP A 1 115 ? -9.999  0.185   -18.573 1.00 39.84 ? 115 ASP A CB  1 
ATOM   941  C CG  . ASP A 1 115 ? -10.982 0.376   -17.424 1.00 39.96 ? 115 ASP A CG  1 
ATOM   942  O OD1 . ASP A 1 115 ? -11.468 1.508   -17.216 1.00 35.85 ? 115 ASP A OD1 1 
ATOM   943  O OD2 . ASP A 1 115 ? -11.262 -0.621  -16.726 1.00 39.19 ? 115 ASP A OD2 1 
ATOM   944  N N   . HIS A 1 116 ? -10.053 3.714   -19.654 1.00 42.98 ? 116 HIS A N   1 
ATOM   945  C CA  . HIS A 1 116 ? -9.556  5.039   -19.314 1.00 39.41 ? 116 HIS A CA  1 
ATOM   946  C C   . HIS A 1 116 ? -10.043 5.512   -17.952 1.00 40.78 ? 116 HIS A C   1 
ATOM   947  O O   . HIS A 1 116 ? -9.383  6.355   -17.328 1.00 40.19 ? 116 HIS A O   1 
ATOM   948  C CB  . HIS A 1 116 ? -9.943  6.017   -20.420 1.00 46.84 ? 116 HIS A CB  1 
ATOM   949  C CG  . HIS A 1 116 ? -9.436  5.610   -21.774 1.00 56.94 ? 116 HIS A CG  1 
ATOM   950  N ND1 . HIS A 1 116 ? -8.096  5.620   -22.105 1.00 63.72 ? 116 HIS A ND1 1 
ATOM   951  C CD2 . HIS A 1 116 ? -10.088 5.151   -22.871 1.00 60.55 ? 116 HIS A CD2 1 
ATOM   952  C CE1 . HIS A 1 116 ? -7.946  5.201   -23.349 1.00 61.47 ? 116 HIS A CE1 1 
ATOM   953  N NE2 . HIS A 1 116 ? -9.139  4.910   -23.836 1.00 63.32 ? 116 HIS A NE2 1 
ATOM   954  N N   . ALA A 1 117 ? -11.161 4.974   -17.462 1.00 39.02 ? 117 ALA A N   1 
ATOM   955  C CA  . ALA A 1 117 ? -11.595 5.306   -16.106 1.00 41.52 ? 117 ALA A CA  1 
ATOM   956  C C   . ALA A 1 117 ? -10.661 4.695   -15.066 1.00 36.16 ? 117 ALA A C   1 
ATOM   957  O O   . ALA A 1 117 ? -10.329 5.336   -14.059 1.00 38.99 ? 117 ALA A O   1 
ATOM   958  C CB  . ALA A 1 117 ? -13.031 4.838   -15.891 1.00 35.35 ? 117 ALA A CB  1 
ATOM   959  N N   . THR A 1 118 ? -10.224 3.460   -15.290 1.00 35.84 ? 118 THR A N   1 
ATOM   960  C CA  . THR A 1 118 ? -9.272  2.851   -14.370 1.00 37.48 ? 118 THR A CA  1 
ATOM   961  C C   . THR A 1 118 ? -7.929  3.570   -14.414 1.00 39.57 ? 118 THR A C   1 
ATOM   962  O O   . THR A 1 118 ? -7.311  3.796   -13.368 1.00 37.70 ? 118 THR A O   1 
ATOM   963  C CB  . THR A 1 118 ? -9.132  1.369   -14.683 1.00 35.00 ? 118 THR A CB  1 
ATOM   964  O OG1 . THR A 1 118 ? -10.397 0.732   -14.448 1.00 33.61 ? 118 THR A OG1 1 
ATOM   965  C CG2 . THR A 1 118 ? -8.082  0.725   -13.794 1.00 35.46 ? 118 THR A CG2 1 
ATOM   966  N N   . VAL A 1 119 ? -7.485  3.994   -15.610 1.00 37.03 ? 119 VAL A N   1 
ATOM   967  C CA  . VAL A 1 119 ? -6.234  4.747   -15.720 1.00 36.61 ? 119 VAL A CA  1 
ATOM   968  C C   . VAL A 1 119 ? -6.281  6.007   -14.866 1.00 37.77 ? 119 VAL A C   1 
ATOM   969  O O   . VAL A 1 119 ? -5.319  6.336   -14.161 1.00 36.82 ? 119 VAL A O   1 
ATOM   970  C CB  . VAL A 1 119 ? -5.928  5.090   -17.193 1.00 35.32 ? 119 VAL A CB  1 
ATOM   971  C CG1 . VAL A 1 119 ? -4.820  6.106   -17.253 1.00 33.36 ? 119 VAL A CG1 1 
ATOM   972  C CG2 . VAL A 1 119 ? -5.574  3.844   -17.988 1.00 31.64 ? 119 VAL A CG2 1 
ATOM   973  N N   . SER A 1 120 ? -7.392  6.745   -14.917 1.00 38.26 ? 120 SER A N   1 
ATOM   974  C CA  . SER A 1 120 ? -7.449  7.979   -14.140 1.00 38.19 ? 120 SER A CA  1 
ATOM   975  C C   . SER A 1 120 ? -7.631  7.695   -12.654 1.00 34.76 ? 120 SER A C   1 
ATOM   976  O O   . SER A 1 120 ? -7.130  8.451   -11.813 1.00 36.07 ? 120 SER A O   1 
ATOM   977  C CB  . SER A 1 120 ? -8.569  8.883   -14.658 1.00 44.39 ? 120 SER A CB  1 
ATOM   978  O OG  . SER A 1 120 ? -9.823  8.245   -14.507 1.00 51.89 ? 120 SER A OG  1 
ATOM   979  N N   . PHE A 1 121 ? -8.325  6.607   -12.315 1.00 37.60 ? 121 PHE A N   1 
ATOM   980  C CA  . PHE A 1 121 ? -8.462  6.208   -10.915 1.00 39.04 ? 121 PHE A CA  1 
ATOM   981  C C   . PHE A 1 121 ? -7.111  5.862   -10.298 1.00 38.64 ? 121 PHE A C   1 
ATOM   982  O O   . PHE A 1 121 ? -6.813  6.261   -9.163  1.00 35.21 ? 121 PHE A O   1 
ATOM   983  C CB  . PHE A 1 121 ? -9.407  5.014   -10.806 1.00 36.44 ? 121 PHE A CB  1 
ATOM   984  C CG  . PHE A 1 121 ? -9.455  4.402   -9.435  1.00 36.32 ? 121 PHE A CG  1 
ATOM   985  C CD1 . PHE A 1 121 ? -10.173 5.012   -8.424  1.00 33.44 ? 121 PHE A CD1 1 
ATOM   986  C CD2 . PHE A 1 121 ? -8.784  3.213   -9.159  1.00 33.67 ? 121 PHE A CD2 1 
ATOM   987  C CE1 . PHE A 1 121 ? -10.229 4.456   -7.155  1.00 31.31 ? 121 PHE A CE1 1 
ATOM   988  C CE2 . PHE A 1 121 ? -8.833  2.648   -7.884  1.00 35.60 ? 121 PHE A CE2 1 
ATOM   989  C CZ  . PHE A 1 121 ? -9.565  3.274   -6.887  1.00 31.50 ? 121 PHE A CZ  1 
ATOM   990  N N   . LEU A 1 122 ? -6.279  5.118   -11.033 1.00 37.90 ? 122 LEU A N   1 
ATOM   991  C CA  . LEU A 1 122 ? -5.001  4.661   -10.505 1.00 34.54 ? 122 LEU A CA  1 
ATOM   992  C C   . LEU A 1 122 ? -3.962  5.770   -10.434 1.00 39.80 ? 122 LEU A C   1 
ATOM   993  O O   . LEU A 1 122 ? -3.017  5.670   -9.637  1.00 40.38 ? 122 LEU A O   1 
ATOM   994  C CB  . LEU A 1 122 ? -4.467  3.510   -11.358 1.00 33.60 ? 122 LEU A CB  1 
ATOM   995  C CG  . LEU A 1 122 ? -5.289  2.224   -11.383 1.00 29.01 ? 122 LEU A CG  1 
ATOM   996  C CD1 . LEU A 1 122 ? -4.738  1.266   -12.413 1.00 29.20 ? 122 LEU A CD1 1 
ATOM   997  C CD2 . LEU A 1 122 ? -5.328  1.560   -10.006 1.00 31.48 ? 122 LEU A CD2 1 
ATOM   998  N N   . LYS A 1 123 ? -4.102  6.825   -11.237 1.00 41.99 ? 123 LYS A N   1 
ATOM   999  C CA  . LYS A 1 123 ? -3.048  7.829   -11.253 1.00 43.81 ? 123 LYS A CA  1 
ATOM   1000 C C   . LYS A 1 123 ? -2.987  8.576   -9.929  1.00 41.24 ? 123 LYS A C   1 
ATOM   1001 O O   . LYS A 1 123 ? -1.906  9.017   -9.515  1.00 38.73 ? 123 LYS A O   1 
ATOM   1002 C CB  . LYS A 1 123 ? -3.227  8.771   -12.445 1.00 50.77 ? 123 LYS A CB  1 
ATOM   1003 C CG  . LYS A 1 123 ? -2.472  8.268   -13.700 1.00 51.73 ? 123 LYS A CG  1 
ATOM   1004 C CD  . LYS A 1 123 ? -3.076  8.767   -15.008 1.00 59.20 ? 123 LYS A CD  1 
ATOM   1005 C CE  . LYS A 1 123 ? -2.231  9.875   -15.644 1.00 65.73 ? 123 LYS A CE  1 
ATOM   1006 N NZ  . LYS A 1 123 ? -1.101  9.351   -16.470 1.00 63.50 ? 123 LYS A NZ  1 
ATOM   1007 N N   . TRP A 1 124 ? -4.118  8.682   -9.228  1.00 39.95 ? 124 TRP A N   1 
ATOM   1008 C CA  . TRP A 1 124 ? -4.080  9.221   -7.875  1.00 38.54 ? 124 TRP A CA  1 
ATOM   1009 C C   . TRP A 1 124 ? -3.196  8.369   -6.961  1.00 33.96 ? 124 TRP A C   1 
ATOM   1010 O O   . TRP A 1 124 ? -2.446  8.901   -6.134  1.00 32.00 ? 124 TRP A O   1 
ATOM   1011 C CB  . TRP A 1 124 ? -5.499  9.333   -7.310  1.00 41.19 ? 124 TRP A CB  1 
ATOM   1012 C CG  . TRP A 1 124 ? -5.496  10.028  -6.001  1.00 40.81 ? 124 TRP A CG  1 
ATOM   1013 C CD1 . TRP A 1 124 ? -5.591  11.370  -5.784  1.00 41.96 ? 124 TRP A CD1 1 
ATOM   1014 C CD2 . TRP A 1 124 ? -5.327  9.421   -4.715  1.00 43.91 ? 124 TRP A CD2 1 
ATOM   1015 N NE1 . TRP A 1 124 ? -5.510  11.638  -4.436  1.00 43.01 ? 124 TRP A NE1 1 
ATOM   1016 C CE2 . TRP A 1 124 ? -5.348  10.456  -3.759  1.00 46.98 ? 124 TRP A CE2 1 
ATOM   1017 C CE3 . TRP A 1 124 ? -5.168  8.101   -4.279  1.00 42.39 ? 124 TRP A CE3 1 
ATOM   1018 C CZ2 . TRP A 1 124 ? -5.221  10.209  -2.390  1.00 48.25 ? 124 TRP A CZ2 1 
ATOM   1019 C CZ3 . TRP A 1 124 ? -5.035  7.860   -2.925  1.00 43.55 ? 124 TRP A CZ3 1 
ATOM   1020 C CH2 . TRP A 1 124 ? -5.060  8.908   -1.995  1.00 47.40 ? 124 TRP A CH2 1 
ATOM   1021 N N   . PHE A 1 125 ? -3.272  7.041   -7.091  1.00 35.36 ? 125 PHE A N   1 
ATOM   1022 C CA  . PHE A 1 125 ? -2.481  6.168   -6.229  1.00 34.95 ? 125 PHE A CA  1 
ATOM   1023 C C   . PHE A 1 125 ? -1.005  6.206   -6.594  1.00 36.43 ? 125 PHE A C   1 
ATOM   1024 O O   . PHE A 1 125 ? -0.148  6.075   -5.714  1.00 35.06 ? 125 PHE A O   1 
ATOM   1025 C CB  . PHE A 1 125 ? -3.026  4.743   -6.294  1.00 34.67 ? 125 PHE A CB  1 
ATOM   1026 C CG  . PHE A 1 125 ? -4.377  4.607   -5.688  1.00 35.98 ? 125 PHE A CG  1 
ATOM   1027 C CD1 . PHE A 1 125 ? -5.516  4.764   -6.465  1.00 36.14 ? 125 PHE A CD1 1 
ATOM   1028 C CD2 . PHE A 1 125 ? -4.519  4.384   -4.328  1.00 34.30 ? 125 PHE A CD2 1 
ATOM   1029 C CE1 . PHE A 1 125 ? -6.766  4.677   -5.901  1.00 36.65 ? 125 PHE A CE1 1 
ATOM   1030 C CE2 . PHE A 1 125 ? -5.770  4.289   -3.758  1.00 36.51 ? 125 PHE A CE2 1 
ATOM   1031 C CZ  . PHE A 1 125 ? -6.899  4.437   -4.543  1.00 32.92 ? 125 PHE A CZ  1 
ATOM   1032 N N   . VAL A 1 126 ? -0.683  6.408   -7.872  1.00 35.24 ? 126 VAL A N   1 
ATOM   1033 C CA  . VAL A 1 126 ? 0.716   6.554   -8.258  1.00 40.74 ? 126 VAL A CA  1 
ATOM   1034 C C   . VAL A 1 126 ? 1.306   7.825   -7.652  1.00 41.07 ? 126 VAL A C   1 
ATOM   1035 O O   . VAL A 1 126 ? 2.448   7.831   -7.174  1.00 42.48 ? 126 VAL A O   1 
ATOM   1036 C CB  . VAL A 1 126 ? 0.849   6.534   -9.792  1.00 41.87 ? 126 VAL A CB  1 
ATOM   1037 C CG1 . VAL A 1 126 ? 2.288   6.769   -10.196 1.00 44.80 ? 126 VAL A CG1 1 
ATOM   1038 C CG2 . VAL A 1 126 ? 0.349   5.217   -10.334 1.00 40.96 ? 126 VAL A CG2 1 
ATOM   1039 N N   . ASP A 1 127 ? 0.537   8.917   -7.663  1.00 39.56 ? 127 ASP A N   1 
ATOM   1040 C CA  . ASP A 1 127 ? 1.008   10.152  -7.035  1.00 38.21 ? 127 ASP A CA  1 
ATOM   1041 C C   . ASP A 1 127 ? 1.194   9.965   -5.537  1.00 36.08 ? 127 ASP A C   1 
ATOM   1042 O O   . ASP A 1 127 ? 2.190   10.417  -4.963  1.00 35.05 ? 127 ASP A O   1 
ATOM   1043 C CB  . ASP A 1 127 ? 0.020   11.289  -7.299  1.00 39.37 ? 127 ASP A CB  1 
ATOM   1044 C CG  . ASP A 1 127 ? -0.082  11.654  -8.769  1.00 44.55 ? 127 ASP A CG  1 
ATOM   1045 O OD1 . ASP A 1 127 ? 0.728   11.137  -9.569  1.00 43.80 ? 127 ASP A OD1 1 
ATOM   1046 O OD2 . ASP A 1 127 ? -0.984  12.452  -9.116  1.00 47.15 ? 127 ASP A OD2 1 
ATOM   1047 N N   . GLU A 1 128 ? 0.244   9.297   -4.887  1.00 34.05 ? 128 GLU A N   1 
ATOM   1048 C CA  . GLU A 1 128 ? 0.300   9.125   -3.443  1.00 38.01 ? 128 GLU A CA  1 
ATOM   1049 C C   . GLU A 1 128 ? 1.469   8.238   -3.029  1.00 40.62 ? 128 GLU A C   1 
ATOM   1050 O O   . GLU A 1 128 ? 2.138   8.512   -2.025  1.00 37.50 ? 128 GLU A O   1 
ATOM   1051 C CB  . GLU A 1 128 ? -1.017  8.536   -2.935  1.00 41.82 ? 128 GLU A CB  1 
ATOM   1052 C CG  . GLU A 1 128 ? -1.469  9.105   -1.599  1.00 47.39 ? 128 GLU A CG  1 
ATOM   1053 C CD  . GLU A 1 128 ? -1.843  10.578  -1.683  1.00 51.65 ? 128 GLU A CD  1 
ATOM   1054 O OE1 . GLU A 1 128 ? -1.717  11.281  -0.662  1.00 55.62 ? 128 GLU A OE1 1 
ATOM   1055 O OE2 . GLU A 1 128 ? -2.261  11.038  -2.769  1.00 53.38 ? 128 GLU A OE2 1 
ATOM   1056 N N   . GLN A 1 129 ? 1.734   7.172   -3.787  1.00 39.27 ? 129 GLN A N   1 
ATOM   1057 C CA  . GLN A 1 129 ? 2.776   6.241   -3.365  1.00 41.67 ? 129 GLN A CA  1 
ATOM   1058 C C   . GLN A 1 129 ? 4.167   6.788   -3.643  1.00 41.00 ? 129 GLN A C   1 
ATOM   1059 O O   . GLN A 1 129 ? 5.114   6.459   -2.923  1.00 44.31 ? 129 GLN A O   1 
ATOM   1060 C CB  . GLN A 1 129 ? 2.573   4.879   -4.026  1.00 44.07 ? 129 GLN A CB  1 
ATOM   1061 C CG  . GLN A 1 129 ? 1.921   3.878   -3.084  1.00 39.78 ? 129 GLN A CG  1 
ATOM   1062 C CD  . GLN A 1 129 ? 1.131   2.850   -3.840  1.00 53.03 ? 129 GLN A CD  1 
ATOM   1063 O OE1 . GLN A 1 129 ? 1.612   2.307   -4.839  1.00 58.82 ? 129 GLN A OE1 1 
ATOM   1064 N NE2 . GLN A 1 129 ? -0.092  2.560   -3.371  1.00 52.40 ? 129 GLN A NE2 1 
ATOM   1065 N N   . VAL A 1 130 ? 4.313   7.635   -4.656  1.00 41.16 ? 130 VAL A N   1 
ATOM   1066 C CA  . VAL A 1 130 ? 5.591   8.308   -4.827  1.00 45.28 ? 130 VAL A CA  1 
ATOM   1067 C C   . VAL A 1 130 ? 5.824   9.291   -3.688  1.00 40.75 ? 130 VAL A C   1 
ATOM   1068 O O   . VAL A 1 130 ? 6.927   9.372   -3.136  1.00 41.42 ? 130 VAL A O   1 
ATOM   1069 C CB  . VAL A 1 130 ? 5.660   8.984   -6.206  1.00 47.36 ? 130 VAL A CB  1 
ATOM   1070 C CG1 . VAL A 1 130 ? 6.924   9.814   -6.321  1.00 50.26 ? 130 VAL A CG1 1 
ATOM   1071 C CG2 . VAL A 1 130 ? 5.620   7.916   -7.290  1.00 55.47 ? 130 VAL A CG2 1 
ATOM   1072 N N   . GLU A 1 131 ? 4.782   10.024  -3.286  1.00 35.89 ? 131 GLU A N   1 
ATOM   1073 C CA  . GLU A 1 131 ? 4.896   10.858  -2.099  1.00 37.94 ? 131 GLU A CA  1 
ATOM   1074 C C   . GLU A 1 131 ? 5.200   10.018  -0.855  1.00 37.52 ? 131 GLU A C   1 
ATOM   1075 O O   . GLU A 1 131 ? 5.971   10.440  0.012   1.00 33.65 ? 131 GLU A O   1 
ATOM   1076 C CB  . GLU A 1 131 ? 3.622   11.675  -1.902  1.00 39.94 ? 131 GLU A CB  1 
ATOM   1077 C CG  . GLU A 1 131 ? 3.701   12.618  -0.722  1.00 51.11 ? 131 GLU A CG  1 
ATOM   1078 C CD  . GLU A 1 131 ? 2.476   13.502  -0.589  1.00 59.25 ? 131 GLU A CD  1 
ATOM   1079 O OE1 . GLU A 1 131 ? 1.916   13.577  0.526   1.00 66.01 ? 131 GLU A OE1 1 
ATOM   1080 O OE2 . GLU A 1 131 ? 2.071   14.119  -1.598  1.00 67.69 ? 131 GLU A OE2 1 
ATOM   1081 N N   . GLU A 1 132 ? 4.616   8.817   -0.765  1.00 32.87 ? 132 GLU A N   1 
ATOM   1082 C CA  . GLU A 1 132 ? 4.920   7.930   0.358   1.00 37.87 ? 132 GLU A CA  1 
ATOM   1083 C C   . GLU A 1 132 ? 6.378   7.462   0.306   1.00 33.42 ? 132 GLU A C   1 
ATOM   1084 O O   . GLU A 1 132 ? 7.112   7.555   1.300   1.00 31.71 ? 132 GLU A O   1 
ATOM   1085 C CB  . GLU A 1 132 ? 3.934   6.748   0.363   1.00 39.40 ? 132 GLU A CB  1 
ATOM   1086 C CG  . GLU A 1 132 ? 2.530   7.133   0.912   1.00 43.97 ? 132 GLU A CG  1 
ATOM   1087 C CD  . GLU A 1 132 ? 1.431   6.052   0.780   1.00 50.18 ? 132 GLU A CD  1 
ATOM   1088 O OE1 . GLU A 1 132 ? 0.237   6.430   0.728   1.00 47.40 ? 132 GLU A OE1 1 
ATOM   1089 O OE2 . GLU A 1 132 ? 1.741   4.839   0.744   1.00 45.74 ? 132 GLU A OE2 1 
ATOM   1090 N N   . GLU A 1 133 ? 6.831   7.004   -0.863  1.00 31.42 ? 133 GLU A N   1 
ATOM   1091 C CA  . GLU A 1 133 ? 8.225   6.596   -1.021  1.00 35.30 ? 133 GLU A CA  1 
ATOM   1092 C C   . GLU A 1 133 ? 9.180   7.732   -0.663  1.00 30.84 ? 133 GLU A C   1 
ATOM   1093 O O   . GLU A 1 133 ? 10.159  7.527   0.059   1.00 29.81 ? 133 GLU A O   1 
ATOM   1094 C CB  . GLU A 1 133 ? 8.474   6.123   -2.453  1.00 32.61 ? 133 GLU A CB  1 
ATOM   1095 C CG  . GLU A 1 133 ? 7.799   4.821   -2.821  1.00 38.05 ? 133 GLU A CG  1 
ATOM   1096 C CD  . GLU A 1 133 ? 8.136   4.392   -4.237  1.00 46.45 ? 133 GLU A CD  1 
ATOM   1097 O OE1 . GLU A 1 133 ? 9.245   4.733   -4.727  1.00 49.64 ? 133 GLU A OE1 1 
ATOM   1098 O OE2 . GLU A 1 133 ? 7.289   3.716   -4.860  1.00 46.83 ? 133 GLU A OE2 1 
ATOM   1099 N N   . ASP A 1 134 ? 8.919   8.935   -1.183  1.00 34.75 ? 134 ASP A N   1 
ATOM   1100 C CA  . ASP A 1 134 ? 9.754   10.089  -0.871  1.00 33.67 ? 134 ASP A CA  1 
ATOM   1101 C C   . ASP A 1 134 ? 9.779   10.361  0.627   1.00 34.78 ? 134 ASP A C   1 
ATOM   1102 O O   . ASP A 1 134 ? 10.826  10.710  1.183   1.00 34.49 ? 134 ASP A O   1 
ATOM   1103 C CB  . ASP A 1 134 ? 9.245   11.321  -1.621  1.00 35.96 ? 134 ASP A CB  1 
ATOM   1104 C CG  . ASP A 1 134 ? 9.475   11.240  -3.132  1.00 50.75 ? 134 ASP A CG  1 
ATOM   1105 O OD1 . ASP A 1 134 ? 10.093  10.256  -3.609  1.00 48.11 ? 134 ASP A OD1 1 
ATOM   1106 O OD2 . ASP A 1 134 ? 9.043   12.185  -3.835  1.00 51.70 ? 134 ASP A OD2 1 
ATOM   1107 N N   . GLN A 1 135 ? 8.633   10.203  1.293   1.00 35.14 ? 135 GLN A N   1 
ATOM   1108 C CA  . GLN A 1 135 ? 8.561   10.458  2.728   1.00 36.90 ? 135 GLN A CA  1 
ATOM   1109 C C   . GLN A 1 135 ? 9.415   9.470   3.511   1.00 33.83 ? 135 GLN A C   1 
ATOM   1110 O O   . GLN A 1 135 ? 10.125  9.863   4.439   1.00 31.74 ? 135 GLN A O   1 
ATOM   1111 C CB  . GLN A 1 135 ? 7.110   10.404  3.179   1.00 40.02 ? 135 GLN A CB  1 
ATOM   1112 C CG  . GLN A 1 135 ? 6.797   11.133  4.460   1.00 49.28 ? 135 GLN A CG  1 
ATOM   1113 C CD  . GLN A 1 135 ? 5.367   10.833  4.929   1.00 56.30 ? 135 GLN A CD  1 
ATOM   1114 O OE1 . GLN A 1 135 ? 5.100   10.816  6.122   1.00 59.27 ? 135 GLN A OE1 1 
ATOM   1115 N NE2 . GLN A 1 135 ? 4.447   10.617  3.987   1.00 50.48 ? 135 GLN A NE2 1 
ATOM   1116 N N   . VAL A 1 136 ? 9.386   8.187   3.133   1.00 31.05 ? 136 VAL A N   1 
ATOM   1117 C CA  . VAL A 1 136 ? 10.261  7.218   3.796   1.00 31.68 ? 136 VAL A CA  1 
ATOM   1118 C C   . VAL A 1 136 ? 11.731  7.515   3.487   1.00 30.72 ? 136 VAL A C   1 
ATOM   1119 O O   . VAL A 1 136 ? 12.596  7.429   4.367   1.00 28.27 ? 136 VAL A O   1 
ATOM   1120 C CB  . VAL A 1 136 ? 9.873   5.776   3.402   1.00 26.82 ? 136 VAL A CB  1 
ATOM   1121 C CG1 . VAL A 1 136 ? 10.872  4.770   3.939   1.00 27.21 ? 136 VAL A CG1 1 
ATOM   1122 C CG2 . VAL A 1 136 ? 8.475   5.445   3.901   1.00 28.88 ? 136 VAL A CG2 1 
ATOM   1123 N N   . ARG A 1 137 ? 12.039  7.885   2.242   1.00 28.27 ? 137 ARG A N   1 
ATOM   1124 C CA  . ARG A 1 137 ? 13.416  8.263   1.923   1.00 35.15 ? 137 ARG A CA  1 
ATOM   1125 C C   . ARG A 1 137 ? 13.877  9.459   2.754   1.00 30.87 ? 137 ARG A C   1 
ATOM   1126 O O   . ARG A 1 137 ? 15.020  9.495   3.220   1.00 32.24 ? 137 ARG A O   1 
ATOM   1127 C CB  . ARG A 1 137 ? 13.552  8.569   0.434   1.00 32.71 ? 137 ARG A CB  1 
ATOM   1128 C CG  . ARG A 1 137 ? 13.847  7.364   -0.402  1.00 33.91 ? 137 ARG A CG  1 
ATOM   1129 C CD  . ARG A 1 137 ? 14.085  7.746   -1.857  1.00 38.19 ? 137 ARG A CD  1 
ATOM   1130 N NE  . ARG A 1 137 ? 13.692  6.643   -2.720  1.00 44.93 ? 137 ARG A NE  1 
ATOM   1131 C CZ  . ARG A 1 137 ? 12.530  6.585   -3.359  1.00 44.81 ? 137 ARG A CZ  1 
ATOM   1132 N NH1 . ARG A 1 137 ? 11.663  7.588   -3.246  1.00 46.35 ? 137 ARG A NH1 1 
ATOM   1133 N NH2 . ARG A 1 137 ? 12.242  5.530   -4.111  1.00 44.87 ? 137 ARG A NH2 1 
ATOM   1134 N N   . GLU A 1 138 ? 12.997  10.442  2.954   1.00 30.86 ? 138 GLU A N   1 
ATOM   1135 C CA  . GLU A 1 138 ? 13.359  11.605  3.761   1.00 33.87 ? 138 GLU A CA  1 
ATOM   1136 C C   . GLU A 1 138 ? 13.611  11.219  5.212   1.00 32.05 ? 138 GLU A C   1 
ATOM   1137 O O   . GLU A 1 138 ? 14.504  11.775  5.868   1.00 29.73 ? 138 GLU A O   1 
ATOM   1138 C CB  . GLU A 1 138 ? 12.258  12.659  3.676   1.00 35.85 ? 138 GLU A CB  1 
ATOM   1139 C CG  . GLU A 1 138 ? 12.244  13.422  2.364   1.00 47.60 ? 138 GLU A CG  1 
ATOM   1140 C CD  . GLU A 1 138 ? 11.091  14.406  2.266   1.00 59.53 ? 138 GLU A CD  1 
ATOM   1141 O OE1 . GLU A 1 138 ? 10.728  14.778  1.127   1.00 66.88 ? 138 GLU A OE1 1 
ATOM   1142 O OE2 . GLU A 1 138 ? 10.555  14.805  3.326   1.00 63.66 ? 138 GLU A OE2 1 
ATOM   1143 N N   . ILE A 1 139 ? 12.826  10.279  5.741   1.00 29.03 ? 139 ILE A N   1 
ATOM   1144 C CA  . ILE A 1 139 ? 13.062  9.818   7.106   1.00 26.39 ? 139 ILE A CA  1 
ATOM   1145 C C   . ILE A 1 139 ? 14.403  9.097   7.197   1.00 26.98 ? 139 ILE A C   1 
ATOM   1146 O O   . ILE A 1 139 ? 15.200  9.351   8.105   1.00 29.34 ? 139 ILE A O   1 
ATOM   1147 C CB  . ILE A 1 139 ? 11.897  8.934   7.584   1.00 27.84 ? 139 ILE A CB  1 
ATOM   1148 C CG1 . ILE A 1 139 ? 10.682  9.818   7.909   1.00 27.96 ? 139 ILE A CG1 1 
ATOM   1149 C CG2 . ILE A 1 139 ? 12.298  8.169   8.821   1.00 26.66 ? 139 ILE A CG2 1 
ATOM   1150 C CD1 . ILE A 1 139 ? 9.426   9.058   8.197   1.00 32.19 ? 139 ILE A CD1 1 
ATOM   1151 N N   . LEU A 1 140 ? 14.672  8.179   6.262   1.00 26.05 ? 140 LEU A N   1 
ATOM   1152 C CA  . LEU A 1 140 ? 15.947  7.466   6.273   1.00 27.77 ? 140 LEU A CA  1 
ATOM   1153 C C   . LEU A 1 140 ? 17.125  8.427   6.143   1.00 31.19 ? 140 LEU A C   1 
ATOM   1154 O O   . LEU A 1 140 ? 18.151  8.259   6.813   1.00 33.33 ? 140 LEU A O   1 
ATOM   1155 C CB  . LEU A 1 140 ? 15.980  6.440   5.144   1.00 27.98 ? 140 LEU A CB  1 
ATOM   1156 C CG  . LEU A 1 140 ? 15.151  5.163   5.365   1.00 27.75 ? 140 LEU A CG  1 
ATOM   1157 C CD1 . LEU A 1 140 ? 14.914  4.483   4.037   1.00 27.38 ? 140 LEU A CD1 1 
ATOM   1158 C CD2 . LEU A 1 140 ? 15.879  4.234   6.316   1.00 28.27 ? 140 LEU A CD2 1 
ATOM   1159 N N   . ASP A 1 141 ? 17.007  9.423   5.267   1.00 29.56 ? 141 ASP A N   1 
ATOM   1160 C CA  . ASP A 1 141 ? 18.075  10.404  5.125   1.00 35.99 ? 141 ASP A CA  1 
ATOM   1161 C C   . ASP A 1 141 ? 18.254  11.199  6.407   1.00 33.32 ? 141 ASP A C   1 
ATOM   1162 O O   . ASP A 1 141 ? 19.385  11.494  6.807   1.00 28.61 ? 141 ASP A O   1 
ATOM   1163 C CB  . ASP A 1 141 ? 17.787  11.343  3.950   1.00 37.77 ? 141 ASP A CB  1 
ATOM   1164 C CG  . ASP A 1 141 ? 18.007  10.679  2.607   1.00 42.76 ? 141 ASP A CG  1 
ATOM   1165 O OD1 . ASP A 1 141 ? 17.314  11.050  1.634   1.00 45.75 ? 141 ASP A OD1 1 
ATOM   1166 O OD2 . ASP A 1 141 ? 18.870  9.782   2.526   1.00 47.05 ? 141 ASP A OD2 1 
ATOM   1167 N N   . LEU A 1 142 ? 17.148  11.543  7.072   1.00 30.76 ? 142 LEU A N   1 
ATOM   1168 C CA  . LEU A 1 142 ? 17.231  12.299  8.316   1.00 28.82 ? 142 LEU A CA  1 
ATOM   1169 C C   . LEU A 1 142 ? 18.017  11.548  9.382   1.00 29.98 ? 142 LEU A C   1 
ATOM   1170 O O   . LEU A 1 142 ? 18.728  12.164  10.189  1.00 29.93 ? 142 LEU A O   1 
ATOM   1171 C CB  . LEU A 1 142 ? 15.829  12.620  8.829   1.00 30.94 ? 142 LEU A CB  1 
ATOM   1172 C CG  . LEU A 1 142 ? 15.758  13.578  10.018  1.00 33.50 ? 142 LEU A CG  1 
ATOM   1173 C CD1 . LEU A 1 142 ? 16.215  15.000  9.623   1.00 33.12 ? 142 LEU A CD1 1 
ATOM   1174 C CD2 . LEU A 1 142 ? 14.351  13.605  10.605  1.00 33.57 ? 142 LEU A CD2 1 
ATOM   1175 N N   . LEU A 1 143 ? 17.903  10.220  9.399   1.00 29.34 ? 143 LEU A N   1 
ATOM   1176 C CA  . LEU A 1 143 ? 18.446  9.365   10.448  1.00 29.25 ? 143 LEU A CA  1 
ATOM   1177 C C   . LEU A 1 143 ? 19.855  8.862   10.157  1.00 29.28 ? 143 LEU A C   1 
ATOM   1178 O O   . LEU A 1 143 ? 20.445  8.201   11.011  1.00 28.71 ? 143 LEU A O   1 
ATOM   1179 C CB  . LEU A 1 143 ? 17.519  8.148   10.653  1.00 31.70 ? 143 LEU A CB  1 
ATOM   1180 C CG  . LEU A 1 143 ? 16.130  8.482   11.205  1.00 32.15 ? 143 LEU A CG  1 
ATOM   1181 C CD1 . LEU A 1 143 ? 15.253  7.241   11.376  1.00 34.81 ? 143 LEU A CD1 1 
ATOM   1182 C CD2 . LEU A 1 143 ? 16.263  9.240   12.524  1.00 32.40 ? 143 LEU A CD2 1 
ATOM   1183 N N   . GLU A 1 144 ? 20.408  9.149   8.983   1.00 34.99 ? 144 GLU A N   1 
ATOM   1184 C CA  . GLU A 1 144 ? 21.576  8.425   8.505   1.00 40.65 ? 144 GLU A CA  1 
ATOM   1185 C C   . GLU A 1 144 ? 22.768  8.588   9.445   1.00 47.19 ? 144 GLU A C   1 
ATOM   1186 O O   . GLU A 1 144 ? 23.080  9.695   9.891   1.00 49.66 ? 144 GLU A O   1 
ATOM   1187 C CB  . GLU A 1 144 ? 21.919  8.907   7.094   1.00 46.13 ? 144 GLU A CB  1 
ATOM   1188 C CG  . GLU A 1 144 ? 23.025  8.070   6.441   1.00 50.87 ? 144 GLU A CG  1 
ATOM   1189 C CD  . GLU A 1 144 ? 23.219  8.400   4.999   1.00 65.47 ? 144 GLU A CD  1 
ATOM   1190 O OE1 . GLU A 1 144 ? 23.725  7.548   4.233   1.00 76.28 ? 144 GLU A OE1 1 
ATOM   1191 O OE2 . GLU A 1 144 ? 22.846  9.531   4.634   1.00 66.21 ? 144 GLU A OE2 1 
ATOM   1192 N N   . LYS A 1 145 ? 23.464  7.473   9.673   1.00 53.74 ? 145 LYS A N   1 
ATOM   1193 C CA  . LYS A 1 145 ? 24.644  7.335   10.528  1.00 51.98 ? 145 LYS A CA  1 
ATOM   1194 C C   . LYS A 1 145 ? 24.388  7.617   12.002  1.00 50.63 ? 145 LYS A C   1 
ATOM   1195 O O   . LYS A 1 145 ? 23.256  7.625   12.477  1.00 51.79 ? 145 LYS A O   1 
ATOM   1196 C CB  . LYS A 1 145 ? 25.783  8.226   10.038  1.00 50.86 ? 145 LYS A CB  1 
ATOM   1197 C CG  . LYS A 1 145 ? 26.472  7.751   8.773   1.00 55.97 ? 145 LYS A CG  1 
ATOM   1198 C CD  . LYS A 1 145 ? 28.002  7.760   8.961   1.00 63.18 ? 145 LYS A CD  1 
ATOM   1199 C CE  . LYS A 1 145 ? 28.668  6.532   8.347   1.00 64.49 ? 145 LYS A CE  1 
ATOM   1200 N NZ  . LYS A 1 145 ? 28.276  5.253   9.011   1.00 70.48 ? 145 LYS A NZ  1 
HETATM 1201 O O   . HOH B 2 .   ? -6.154  6.637   -21.407 1.00 58.31 ? 201 HOH A O   1 
HETATM 1202 O O   . HOH B 2 .   ? -11.565 -2.702  -17.661 1.00 40.98 ? 202 HOH A O   1 
HETATM 1203 O O   . HOH B 2 .   ? -5.303  -13.369 -9.585  1.00 59.25 ? 203 HOH A O   1 
HETATM 1204 O O   . HOH B 2 .   ? -21.681 -12.105 -5.443  1.00 42.32 ? 204 HOH A O   1 
HETATM 1205 O O   . HOH B 2 .   ? -0.495  -5.449  -10.364 1.00 30.12 ? 205 HOH A O   1 
HETATM 1206 O O   . HOH B 2 .   ? -0.976  2.378   -1.061  1.00 44.06 ? 206 HOH A O   1 
HETATM 1207 O O   . HOH B 2 .   ? 22.917  5.286   8.640   1.00 44.86 ? 207 HOH A O   1 
HETATM 1208 O O   . HOH B 2 .   ? -7.348  -11.233 -4.800  1.00 39.38 ? 208 HOH A O   1 
HETATM 1209 O O   . HOH B 2 .   ? -6.071  -9.737  -13.921 1.00 41.79 ? 209 HOH A O   1 
HETATM 1210 O O   . HOH B 2 .   ? 9.992   -4.105  -10.612 1.00 34.96 ? 210 HOH A O   1 
HETATM 1211 O O   . HOH B 2 .   ? 18.597  -0.400  11.749  1.00 32.90 ? 211 HOH A O   1 
HETATM 1212 O O   . HOH B 2 .   ? 5.676   -12.080 14.092  1.00 38.61 ? 212 HOH A O   1 
HETATM 1213 O O   . HOH B 2 .   ? -6.917  -16.358 0.467   1.00 28.02 ? 213 HOH A O   1 
HETATM 1214 O O   . HOH B 2 .   ? -3.333  -9.642  -3.904  1.00 34.44 ? 214 HOH A O   1 
HETATM 1215 O O   . HOH B 2 .   ? 3.013   -7.168  -7.970  1.00 31.72 ? 215 HOH A O   1 
HETATM 1216 O O   . HOH B 2 .   ? 6.665   12.223  7.719   1.00 60.05 ? 216 HOH A O   1 
HETATM 1217 O O   . HOH B 2 .   ? -6.623  9.392   1.363   1.00 54.21 ? 217 HOH A O   1 
HETATM 1218 O O   . HOH B 2 .   ? 21.559  11.818  5.071   1.00 43.87 ? 218 HOH A O   1 
HETATM 1219 O O   . HOH B 2 .   ? 1.103   -5.275  -0.044  1.00 28.28 ? 219 HOH A O   1 
HETATM 1220 O O   . HOH B 2 .   ? -12.081 6.989   -12.886 1.00 43.66 ? 220 HOH A O   1 
HETATM 1221 O O   . HOH B 2 .   ? 3.731   -10.593 13.182  1.00 28.31 ? 221 HOH A O   1 
HETATM 1222 O O   . HOH B 2 .   ? 9.725   -5.100  3.033   1.00 29.25 ? 222 HOH A O   1 
HETATM 1223 O O   . HOH B 2 .   ? -3.120  -6.555  -9.217  1.00 29.63 ? 223 HOH A O   1 
HETATM 1224 O O   . HOH B 2 .   ? -10.584 -14.044 -12.623 1.00 49.36 ? 224 HOH A O   1 
HETATM 1225 O O   . HOH B 2 .   ? -11.434 -12.389 -6.774  1.00 42.16 ? 225 HOH A O   1 
HETATM 1226 O O   . HOH B 2 .   ? 10.636  -3.700  -3.647  1.00 34.19 ? 226 HOH A O   1 
HETATM 1227 O O   . HOH B 2 .   ? 15.950  14.060  5.329   1.00 37.42 ? 227 HOH A O   1 
HETATM 1228 O O   . HOH B 2 .   ? 4.938   10.653  14.959  1.00 35.20 ? 228 HOH A O   1 
HETATM 1229 O O   . HOH B 2 .   ? 15.732  -4.015  18.064  1.00 46.54 ? 229 HOH A O   1 
HETATM 1230 O O   . HOH B 2 .   ? -11.528 5.251   1.588   1.00 32.83 ? 230 HOH A O   1 
HETATM 1231 O O   . HOH B 2 .   ? -9.324  -12.605 -5.069  1.00 48.34 ? 231 HOH A O   1 
HETATM 1232 O O   . HOH B 2 .   ? 6.374   -7.837  4.224   1.00 30.35 ? 232 HOH A O   1 
HETATM 1233 O O   . HOH B 2 .   ? 15.017  -3.885  5.949   1.00 35.90 ? 233 HOH A O   1 
HETATM 1234 O O   . HOH B 2 .   ? -13.300 5.029   -4.785  1.00 33.83 ? 234 HOH A O   1 
HETATM 1235 O O   . HOH B 2 .   ? 5.437   2.811   23.121  1.00 40.21 ? 235 HOH A O   1 
HETATM 1236 O O   . HOH B 2 .   ? -1.491  -11.247 2.615   1.00 29.10 ? 236 HOH A O   1 
HETATM 1237 O O   . HOH B 2 .   ? 21.222  11.833  11.581  1.00 30.24 ? 237 HOH A O   1 
HETATM 1238 O O   . HOH B 2 .   ? 3.273   11.517  17.061  1.00 48.05 ? 238 HOH A O   1 
HETATM 1239 O O   . HOH B 2 .   ? 8.925   0.340   -7.908  1.00 32.97 ? 239 HOH A O   1 
HETATM 1240 O O   . HOH B 2 .   ? 2.396   8.155   8.422   1.00 36.34 ? 240 HOH A O   1 
HETATM 1241 O O   . HOH B 2 .   ? -2.695  -8.669  -9.446  1.00 37.25 ? 241 HOH A O   1 
HETATM 1242 O O   . HOH B 2 .   ? 3.260   -7.954  15.045  1.00 24.91 ? 242 HOH A O   1 
HETATM 1243 O O   . HOH B 2 .   ? -19.415 2.055   -4.631  1.00 37.46 ? 243 HOH A O   1 
HETATM 1244 O O   . HOH B 2 .   ? 14.988  -0.210  1.013   1.00 35.74 ? 244 HOH A O   1 
HETATM 1245 O O   . HOH B 2 .   ? 15.184  -6.664  17.090  1.00 48.37 ? 245 HOH A O   1 
HETATM 1246 O O   . HOH B 2 .   ? -4.794  -1.849  10.356  1.00 36.66 ? 246 HOH A O   1 
HETATM 1247 O O   . HOH B 2 .   ? 10.720  -6.955  6.496   1.00 31.10 ? 247 HOH A O   1 
HETATM 1248 O O   . HOH B 2 .   ? 17.041  7.733   1.406   1.00 43.52 ? 248 HOH A O   1 
HETATM 1249 O O   . HOH B 2 .   ? 14.882  0.314   -1.508  1.00 45.18 ? 249 HOH A O   1 
HETATM 1250 O O   . HOH B 2 .   ? 1.782   -6.983  -10.396 1.00 27.84 ? 250 HOH A O   1 
HETATM 1251 O O   . HOH B 2 .   ? 3.871   -1.931  -15.979 0.50 38.23 ? 251 HOH A O   1 
HETATM 1252 O O   . HOH B 2 .   ? -8.716  8.003   -7.650  1.00 43.98 ? 252 HOH A O   1 
HETATM 1253 O O   . HOH B 2 .   ? 9.162   -11.636 12.738  1.00 39.06 ? 253 HOH A O   1 
HETATM 1254 O O   . HOH B 2 .   ? 19.451  5.737   7.871   1.00 44.13 ? 254 HOH A O   1 
HETATM 1255 O O   . HOH B 2 .   ? 3.180   10.876  12.885  1.00 51.46 ? 255 HOH A O   1 
HETATM 1256 O O   . HOH B 2 .   ? -10.642 -8.166  -21.029 1.00 62.73 ? 256 HOH A O   1 
HETATM 1257 O O   . HOH B 2 .   ? 0.886   -10.078 1.262   1.00 44.82 ? 257 HOH A O   1 
HETATM 1258 O O   . HOH B 2 .   ? 6.278   -13.174 11.776  1.00 41.47 ? 258 HOH A O   1 
HETATM 1259 O O   . HOH B 2 .   ? -13.235 3.431   -19.214 1.00 42.95 ? 259 HOH A O   1 
HETATM 1260 O O   . HOH B 2 .   ? -4.960  -7.609  -21.611 1.00 61.35 ? 260 HOH A O   1 
HETATM 1261 O O   . HOH B 2 .   ? 9.351   2.543   -7.230  1.00 42.25 ? 261 HOH A O   1 
HETATM 1262 O O   . HOH B 2 .   ? 20.033  5.663   5.712   1.00 46.69 ? 262 HOH A O   1 
HETATM 1263 O O   . HOH B 2 .   ? 10.080  -12.168 14.850  1.00 42.88 ? 263 HOH A O   1 
HETATM 1264 O O   . HOH B 2 .   ? 10.610  -0.064  26.306  1.00 45.72 ? 264 HOH A O   1 
HETATM 1265 O O   . HOH B 2 .   ? 8.468   -6.178  0.605   1.00 44.09 ? 265 HOH A O   1 
HETATM 1266 O O   . HOH B 2 .   ? -21.552 1.116   -5.428  1.00 48.54 ? 266 HOH A O   1 
HETATM 1267 O O   . HOH B 2 .   ? -5.078  -11.568 -3.032  1.00 41.57 ? 267 HOH A O   1 
HETATM 1268 O O   . HOH B 2 .   ? -6.382  -4.075  9.221   1.00 44.36 ? 268 HOH A O   1 
HETATM 1269 O O   . HOH B 2 .   ? 8.481   0.994   26.729  1.00 50.34 ? 269 HOH A O   1 
HETATM 1270 O O   . HOH B 2 .   ? 12.887  -6.844  5.299   1.00 54.52 ? 270 HOH A O   1 
HETATM 1271 O O   . HOH B 2 .   ? -7.024  -18.669 1.639   1.00 39.97 ? 271 HOH A O   1 
HETATM 1272 O O   . HOH B 2 .   ? 8.541   -6.256  5.259   1.00 31.81 ? 272 HOH A O   1 
HETATM 1273 O O   . HOH B 2 .   ? -12.348 4.586   4.412   1.00 43.76 ? 273 HOH A O   1 
HETATM 1274 O O   . HOH B 2 .   ? 0.861   -8.588  -0.423  1.00 35.23 ? 274 HOH A O   1 
HETATM 1275 O O   . HOH B 2 .   ? -11.285 5.189   6.558   1.00 55.19 ? 275 HOH A O   1 
# 
loop_
_pdbx_poly_seq_scheme.asym_id 
_pdbx_poly_seq_scheme.entity_id 
_pdbx_poly_seq_scheme.seq_id 
_pdbx_poly_seq_scheme.mon_id 
_pdbx_poly_seq_scheme.ndb_seq_num 
_pdbx_poly_seq_scheme.pdb_seq_num 
_pdbx_poly_seq_scheme.auth_seq_num 
_pdbx_poly_seq_scheme.pdb_mon_id 
_pdbx_poly_seq_scheme.auth_mon_id 
_pdbx_poly_seq_scheme.pdb_strand_id 
_pdbx_poly_seq_scheme.pdb_ins_code 
_pdbx_poly_seq_scheme.hetero 
A 1 1   MET 1   1   ?   ?   ?   A . n 
A 1 2   MET 2   2   ?   ?   ?   A . n 
A 1 3   VAL 3   3   3   VAL VAL A . n 
A 1 4   ILE 4   4   4   ILE ILE A . n 
A 1 5   SER 5   5   5   SER SER A . n 
A 1 6   GLU 6   6   6   GLU GLU A . n 
A 1 7   LYS 7   7   7   LYS LYS A . n 
A 1 8   VAL 8   8   8   VAL VAL A . n 
A 1 9   ARG 9   9   9   ARG ARG A . n 
A 1 10  LYS 10  10  10  LYS LYS A . n 
A 1 11  ALA 11  11  11  ALA ALA A . n 
A 1 12  LEU 12  12  12  LEU LEU A . n 
A 1 13  ASN 13  13  13  ASN ASN A . n 
A 1 14  ASP 14  14  14  ASP ASP A . n 
A 1 15  GLN 15  15  15  GLN GLN A . n 
A 1 16  LEU 16  16  16  LEU LEU A . n 
A 1 17  ASN 17  17  17  ASN ASN A . n 
A 1 18  ARG 18  18  18  ARG ARG A . n 
A 1 19  GLU 19  19  19  GLU GLU A . n 
A 1 20  ILE 20  20  20  ILE ILE A . n 
A 1 21  TYR 21  21  21  TYR TYR A . n 
A 1 22  SER 22  22  22  SER SER A . n 
A 1 23  SER 23  23  23  SER SER A . n 
A 1 24  TYR 24  24  24  TYR TYR A . n 
A 1 25  LEU 25  25  25  LEU LEU A . n 
A 1 26  TYR 26  26  26  TYR TYR A . n 
A 1 27  LEU 27  27  27  LEU LEU A . n 
A 1 28  SER 28  28  28  SER SER A . n 
A 1 29  MET 29  29  29  MET MET A . n 
A 1 30  ALA 30  30  30  ALA ALA A . n 
A 1 31  THR 31  31  31  THR THR A . n 
A 1 32  TYR 32  32  32  TYR TYR A . n 
A 1 33  PHE 33  33  33  PHE PHE A . n 
A 1 34  ASP 34  34  34  ASP ASP A . n 
A 1 35  ALA 35  35  35  ALA ALA A . n 
A 1 36  GLU 36  36  36  GLU GLU A . n 
A 1 37  GLY 37  37  37  GLY GLY A . n 
A 1 38  PHE 38  38  38  PHE PHE A . n 
A 1 39  LYS 39  39  39  LYS LYS A . n 
A 1 40  GLY 40  40  40  GLY GLY A . n 
A 1 41  PHE 41  41  41  PHE PHE A . n 
A 1 42  ALA 42  42  42  ALA ALA A . n 
A 1 43  HIS 43  43  43  HIS HIS A . n 
A 1 44  TRP 44  44  44  TRP TRP A . n 
A 1 45  MET 45  45  45  MET MET A . n 
A 1 46  LYS 46  46  46  LYS LYS A . n 
A 1 47  LYS 47  47  47  LYS LYS A . n 
A 1 48  GLN 48  48  48  GLN GLN A . n 
A 1 49  ALA 49  49  49  ALA ALA A . n 
A 1 50  GLN 50  50  50  GLN GLN A . n 
A 1 51  GLU 51  51  51  GLU GLU A . n 
A 1 52  GLU 52  52  52  GLU GLU A . n 
A 1 53  LEU 53  53  53  LEU LEU A . n 
A 1 54  THR 54  54  54  THR THR A . n 
A 1 55  HIS 55  55  55  HIS HIS A . n 
A 1 56  ALA 56  56  56  ALA ALA A . n 
A 1 57  MET 57  57  57  MET MET A . n 
A 1 58  LYS 58  58  58  LYS LYS A . n 
A 1 59  PHE 59  59  59  PHE PHE A . n 
A 1 60  TYR 60  60  60  TYR TYR A . n 
A 1 61  GLU 61  61  61  GLU GLU A . n 
A 1 62  TYR 62  62  62  TYR TYR A . n 
A 1 63  ILE 63  63  63  ILE ILE A . n 
A 1 64  TYR 64  64  64  TYR TYR A . n 
A 1 65  GLU 65  65  65  GLU GLU A . n 
A 1 66  ARG 66  66  66  ARG ARG A . n 
A 1 67  GLY 67  67  67  GLY GLY A . n 
A 1 68  GLY 68  68  68  GLY GLY A . n 
A 1 69  ARG 69  69  69  ARG ARG A . n 
A 1 70  VAL 70  70  70  VAL VAL A . n 
A 1 71  GLU 71  71  71  GLU GLU A . n 
A 1 72  LEU 72  72  72  LEU LEU A . n 
A 1 73  GLU 73  73  73  GLU GLU A . n 
A 1 74  ALA 74  74  74  ALA ALA A . n 
A 1 75  ILE 75  75  75  ILE ILE A . n 
A 1 76  GLU 76  76  76  GLU GLU A . n 
A 1 77  LYS 77  77  77  LYS LYS A . n 
A 1 78  PRO 78  78  78  PRO PRO A . n 
A 1 79  PRO 79  79  79  PRO PRO A . n 
A 1 80  SER 80  80  80  SER SER A . n 
A 1 81  ASN 81  81  81  ASN ASN A . n 
A 1 82  TRP 82  82  82  TRP TRP A . n 
A 1 83  ASN 83  83  83  ASN ASN A . n 
A 1 84  GLY 84  84  84  GLY GLY A . n 
A 1 85  ILE 85  85  85  ILE ILE A . n 
A 1 86  LYS 86  86  86  LYS LYS A . n 
A 1 87  ASP 87  87  87  ASP ASP A . n 
A 1 88  ALA 88  88  88  ALA ALA A . n 
A 1 89  PHE 89  89  89  PHE PHE A . n 
A 1 90  GLU 90  90  90  GLU GLU A . n 
A 1 91  ALA 91  91  91  ALA ALA A . n 
A 1 92  ALA 92  92  92  ALA ALA A . n 
A 1 93  LEU 93  93  93  LEU LEU A . n 
A 1 94  LYS 94  94  94  LYS LYS A . n 
A 1 95  HIS 95  95  95  HIS HIS A . n 
A 1 96  GLU 96  96  96  GLU GLU A . n 
A 1 97  GLU 97  97  97  GLU GLU A . n 
A 1 98  PHE 98  98  98  PHE PHE A . n 
A 1 99  VAL 99  99  99  VAL VAL A . n 
A 1 100 THR 100 100 100 THR THR A . n 
A 1 101 GLN 101 101 101 GLN GLN A . n 
A 1 102 SER 102 102 102 SER SER A . n 
A 1 103 ILE 103 103 103 ILE ILE A . n 
A 1 104 TYR 104 104 104 TYR TYR A . n 
A 1 105 ASN 105 105 105 ASN ASN A . n 
A 1 106 ILE 106 106 106 ILE ILE A . n 
A 1 107 LEU 107 107 107 LEU LEU A . n 
A 1 108 GLU 108 108 108 GLU GLU A . n 
A 1 109 LEU 109 109 109 LEU LEU A . n 
A 1 110 ALA 110 110 110 ALA ALA A . n 
A 1 111 PHE 111 111 111 PHE PHE A . n 
A 1 112 GLU 112 112 112 GLU GLU A . n 
A 1 113 GLU 113 113 113 GLU GLU A . n 
A 1 114 LYS 114 114 114 LYS LYS A . n 
A 1 115 ASP 115 115 115 ASP ASP A . n 
A 1 116 HIS 116 116 116 HIS HIS A . n 
A 1 117 ALA 117 117 117 ALA ALA A . n 
A 1 118 THR 118 118 118 THR THR A . n 
A 1 119 VAL 119 119 119 VAL VAL A . n 
A 1 120 SER 120 120 120 SER SER A . n 
A 1 121 PHE 121 121 121 PHE PHE A . n 
A 1 122 LEU 122 122 122 LEU LEU A . n 
A 1 123 LYS 123 123 123 LYS LYS A . n 
A 1 124 TRP 124 124 124 TRP TRP A . n 
A 1 125 PHE 125 125 125 PHE PHE A . n 
A 1 126 VAL 126 126 126 VAL VAL A . n 
A 1 127 ASP 127 127 127 ASP ASP A . n 
A 1 128 GLU 128 128 128 GLU GLU A . n 
A 1 129 GLN 129 129 129 GLN GLN A . n 
A 1 130 VAL 130 130 130 VAL VAL A . n 
A 1 131 GLU 131 131 131 GLU GLU A . n 
A 1 132 GLU 132 132 132 GLU GLU A . n 
A 1 133 GLU 133 133 133 GLU GLU A . n 
A 1 134 ASP 134 134 134 ASP ASP A . n 
A 1 135 GLN 135 135 135 GLN GLN A . n 
A 1 136 VAL 136 136 136 VAL VAL A . n 
A 1 137 ARG 137 137 137 ARG ARG A . n 
A 1 138 GLU 138 138 138 GLU GLU A . n 
A 1 139 ILE 139 139 139 ILE ILE A . n 
A 1 140 LEU 140 140 140 LEU LEU A . n 
A 1 141 ASP 141 141 141 ASP ASP A . n 
A 1 142 LEU 142 142 142 LEU LEU A . n 
A 1 143 LEU 143 143 143 LEU LEU A . n 
A 1 144 GLU 144 144 144 GLU GLU A . n 
A 1 145 LYS 145 145 145 LYS LYS A . n 
A 1 146 ALA 146 146 ?   ?   ?   A . n 
A 1 147 ASN 147 147 ?   ?   ?   A . n 
A 1 148 GLY 148 148 ?   ?   ?   A . n 
# 
_pdbx_contact_author.id                 2 
_pdbx_contact_author.email              gzhao@cau.edu.cn 
_pdbx_contact_author.name_first         Guanghua 
_pdbx_contact_author.name_last          Zhao 
_pdbx_contact_author.name_mi            ? 
_pdbx_contact_author.role               'principal investigator/group leader' 
_pdbx_contact_author.identifier_ORCID   0000-0001-8587-9680 
# 
loop_
_pdbx_nonpoly_scheme.asym_id 
_pdbx_nonpoly_scheme.entity_id 
_pdbx_nonpoly_scheme.mon_id 
_pdbx_nonpoly_scheme.ndb_seq_num 
_pdbx_nonpoly_scheme.pdb_seq_num 
_pdbx_nonpoly_scheme.auth_seq_num 
_pdbx_nonpoly_scheme.pdb_mon_id 
_pdbx_nonpoly_scheme.auth_mon_id 
_pdbx_nonpoly_scheme.pdb_strand_id 
_pdbx_nonpoly_scheme.pdb_ins_code 
B 2 HOH 1  201 67 HOH HOH A . 
B 2 HOH 2  202 17 HOH HOH A . 
B 2 HOH 3  203 48 HOH HOH A . 
B 2 HOH 4  204 38 HOH HOH A . 
B 2 HOH 5  205 5  HOH HOH A . 
B 2 HOH 6  206 15 HOH HOH A . 
B 2 HOH 7  207 22 HOH HOH A . 
B 2 HOH 8  208 19 HOH HOH A . 
B 2 HOH 9  209 59 HOH HOH A . 
B 2 HOH 10 210 24 HOH HOH A . 
B 2 HOH 11 211 11 HOH HOH A . 
B 2 HOH 12 212 56 HOH HOH A . 
B 2 HOH 13 213 9  HOH HOH A . 
B 2 HOH 14 214 33 HOH HOH A . 
B 2 HOH 15 215 23 HOH HOH A . 
B 2 HOH 16 216 72 HOH HOH A . 
B 2 HOH 17 217 44 HOH HOH A . 
B 2 HOH 18 218 27 HOH HOH A . 
B 2 HOH 19 219 12 HOH HOH A . 
B 2 HOH 20 220 74 HOH HOH A . 
B 2 HOH 21 221 2  HOH HOH A . 
B 2 HOH 22 222 4  HOH HOH A . 
B 2 HOH 23 223 13 HOH HOH A . 
B 2 HOH 24 224 47 HOH HOH A . 
B 2 HOH 25 225 39 HOH HOH A . 
B 2 HOH 26 226 41 HOH HOH A . 
B 2 HOH 27 227 34 HOH HOH A . 
B 2 HOH 28 228 18 HOH HOH A . 
B 2 HOH 29 229 28 HOH HOH A . 
B 2 HOH 30 230 30 HOH HOH A . 
B 2 HOH 31 231 55 HOH HOH A . 
B 2 HOH 32 232 8  HOH HOH A . 
B 2 HOH 33 233 35 HOH HOH A . 
B 2 HOH 34 234 31 HOH HOH A . 
B 2 HOH 35 235 51 HOH HOH A . 
B 2 HOH 36 236 10 HOH HOH A . 
B 2 HOH 37 237 3  HOH HOH A . 
B 2 HOH 38 238 60 HOH HOH A . 
B 2 HOH 39 239 66 HOH HOH A . 
B 2 HOH 40 240 21 HOH HOH A . 
B 2 HOH 41 241 43 HOH HOH A . 
B 2 HOH 42 242 1  HOH HOH A . 
B 2 HOH 43 243 29 HOH HOH A . 
B 2 HOH 44 244 26 HOH HOH A . 
B 2 HOH 45 245 75 HOH HOH A . 
B 2 HOH 46 246 65 HOH HOH A . 
B 2 HOH 47 247 20 HOH HOH A . 
B 2 HOH 48 248 57 HOH HOH A . 
B 2 HOH 49 249 64 HOH HOH A . 
B 2 HOH 50 250 7  HOH HOH A . 
B 2 HOH 51 251 25 HOH HOH A . 
B 2 HOH 52 252 49 HOH HOH A . 
B 2 HOH 53 253 32 HOH HOH A . 
B 2 HOH 54 254 63 HOH HOH A . 
B 2 HOH 55 255 62 HOH HOH A . 
B 2 HOH 56 256 69 HOH HOH A . 
B 2 HOH 57 257 45 HOH HOH A . 
B 2 HOH 58 258 71 HOH HOH A . 
B 2 HOH 59 259 52 HOH HOH A . 
B 2 HOH 60 260 42 HOH HOH A . 
B 2 HOH 61 261 68 HOH HOH A . 
B 2 HOH 62 262 76 HOH HOH A . 
B 2 HOH 63 263 40 HOH HOH A . 
B 2 HOH 64 264 58 HOH HOH A . 
B 2 HOH 65 265 61 HOH HOH A . 
B 2 HOH 66 266 50 HOH HOH A . 
B 2 HOH 67 267 36 HOH HOH A . 
B 2 HOH 68 268 53 HOH HOH A . 
B 2 HOH 69 269 70 HOH HOH A . 
B 2 HOH 70 270 37 HOH HOH A . 
B 2 HOH 71 271 54 HOH HOH A . 
B 2 HOH 72 272 14 HOH HOH A . 
B 2 HOH 73 273 46 HOH HOH A . 
B 2 HOH 74 274 16 HOH HOH A . 
B 2 HOH 75 275 73 HOH HOH A . 
# 
_pdbx_struct_assembly.id                   1 
_pdbx_struct_assembly.details              author_and_software_defined_assembly 
_pdbx_struct_assembly.method_details       PISA 
_pdbx_struct_assembly.oligomeric_details   dimeric 
_pdbx_struct_assembly.oligomeric_count     2 
# 
_pdbx_struct_assembly_gen.assembly_id       1 
_pdbx_struct_assembly_gen.oper_expression   1,2 
_pdbx_struct_assembly_gen.asym_id_list      A,B 
# 
loop_
_pdbx_struct_assembly_prop.biol_id 
_pdbx_struct_assembly_prop.type 
_pdbx_struct_assembly_prop.value 
_pdbx_struct_assembly_prop.details 
1 'ABSA (A^2)' 2350  ? 
1 MORE         -11   ? 
1 'SSA (A^2)'  13870 ? 
# 
loop_
_pdbx_struct_oper_list.id 
_pdbx_struct_oper_list.type 
_pdbx_struct_oper_list.name 
_pdbx_struct_oper_list.symmetry_operation 
_pdbx_struct_oper_list.matrix[1][1] 
_pdbx_struct_oper_list.matrix[1][2] 
_pdbx_struct_oper_list.matrix[1][3] 
_pdbx_struct_oper_list.vector[1] 
_pdbx_struct_oper_list.matrix[2][1] 
_pdbx_struct_oper_list.matrix[2][2] 
_pdbx_struct_oper_list.matrix[2][3] 
_pdbx_struct_oper_list.vector[2] 
_pdbx_struct_oper_list.matrix[3][1] 
_pdbx_struct_oper_list.matrix[3][2] 
_pdbx_struct_oper_list.matrix[3][3] 
_pdbx_struct_oper_list.vector[3] 
1 'identity operation'         1_555 x,y,z         1.0000000000  0.0000000000  0.0000000000  0.0000000000   0.0000000000  1.0000000000 0.0000000000 0.0000000000  0.0000000000  0.0000000000 1.0000000000  0.0000000000  
2 'crystal symmetry operation' 5_554 -x+y,y,-z-1/3 -0.8070330519 -0.5775019595 -0.1232442289 -15.3037858767 -0.5775019595 0.7283193648 0.3688392463 -8.9107450907 -0.1232442289 0.3688392463 -0.9212863129 17.7927024562 
# 
_pdbx_struct_special_symmetry.id              1 
_pdbx_struct_special_symmetry.PDB_model_num   1 
_pdbx_struct_special_symmetry.auth_asym_id    A 
_pdbx_struct_special_symmetry.auth_comp_id    HOH 
_pdbx_struct_special_symmetry.auth_seq_id     251 
_pdbx_struct_special_symmetry.PDB_ins_code    ? 
_pdbx_struct_special_symmetry.label_asym_id   B 
_pdbx_struct_special_symmetry.label_comp_id   HOH 
_pdbx_struct_special_symmetry.label_seq_id    . 
# 
loop_
_pdbx_audit_revision_history.ordinal 
_pdbx_audit_revision_history.data_content_type 
_pdbx_audit_revision_history.major_revision 
_pdbx_audit_revision_history.minor_revision 
_pdbx_audit_revision_history.revision_date 
1 'Structure model' 1 0 2023-03-22 
2 'Structure model' 1 1 2023-11-29 
# 
_pdbx_audit_revision_details.ordinal             1 
_pdbx_audit_revision_details.revision_ordinal    1 
_pdbx_audit_revision_details.data_content_type   'Structure model' 
_pdbx_audit_revision_details.provider            repository 
_pdbx_audit_revision_details.type                'Initial release' 
_pdbx_audit_revision_details.description         ? 
_pdbx_audit_revision_details.details             ? 
# 
loop_
_pdbx_audit_revision_group.ordinal 
_pdbx_audit_revision_group.revision_ordinal 
_pdbx_audit_revision_group.data_content_type 
_pdbx_audit_revision_group.group 
1 2 'Structure model' 'Data collection'        
2 2 'Structure model' 'Refinement description' 
# 
loop_
_pdbx_audit_revision_category.ordinal 
_pdbx_audit_revision_category.revision_ordinal 
_pdbx_audit_revision_category.data_content_type 
_pdbx_audit_revision_category.category 
1 2 'Structure model' chem_comp_atom                
2 2 'Structure model' chem_comp_bond                
3 2 'Structure model' pdbx_initial_refinement_model 
# 
loop_
_software.citation_id 
_software.classification 
_software.compiler_name 
_software.compiler_version 
_software.contact_author 
_software.contact_author_email 
_software.date 
_software.description 
_software.dependencies 
_software.hardware 
_software.language 
_software.location 
_software.mods 
_software.name 
_software.os 
_software.os_version 
_software.type 
_software.version 
_software.pdbx_ordinal 
? 'data scaling'    ? ? ? ? ? ? ? ? ? ? ? SCALEPACK   ? ? ? .           1 
? refinement        ? ? ? ? ? ? ? ? ? ? ? PHENIX      ? ? ? 1.17.1_3660 2 
? 'data extraction' ? ? ? ? ? ? ? ? ? ? ? PDB_EXTRACT ? ? ? 3.27        3 
? 'data reduction'  ? ? ? ? ? ? ? ? ? ? ? autoPROC    ? ? ? .           4 
? phasing           ? ? ? ? ? ? ? ? ? ? ? MOLREP      ? ? ? .           5 
# 
_pdbx_validate_close_contact.id               1 
_pdbx_validate_close_contact.PDB_model_num    1 
_pdbx_validate_close_contact.auth_atom_id_1   O 
_pdbx_validate_close_contact.auth_asym_id_1   A 
_pdbx_validate_close_contact.auth_comp_id_1   HOH 
_pdbx_validate_close_contact.auth_seq_id_1    223 
_pdbx_validate_close_contact.PDB_ins_code_1   ? 
_pdbx_validate_close_contact.label_alt_id_1   ? 
_pdbx_validate_close_contact.auth_atom_id_2   O 
_pdbx_validate_close_contact.auth_asym_id_2   A 
_pdbx_validate_close_contact.auth_comp_id_2   HOH 
_pdbx_validate_close_contact.auth_seq_id_2    241 
_pdbx_validate_close_contact.PDB_ins_code_2   ? 
_pdbx_validate_close_contact.label_alt_id_2   ? 
_pdbx_validate_close_contact.dist             2.17 
# 
_pdbx_validate_torsion.id              1 
_pdbx_validate_torsion.PDB_model_num   1 
_pdbx_validate_torsion.auth_comp_id    ASN 
_pdbx_validate_torsion.auth_asym_id    A 
_pdbx_validate_torsion.auth_seq_id     83 
_pdbx_validate_torsion.PDB_ins_code    ? 
_pdbx_validate_torsion.label_alt_id    ? 
_pdbx_validate_torsion.phi             -93.18 
_pdbx_validate_torsion.psi             58.73 
# 
loop_
_pdbx_unobs_or_zero_occ_residues.id 
_pdbx_unobs_or_zero_occ_residues.PDB_model_num 
_pdbx_unobs_or_zero_occ_residues.polymer_flag 
_pdbx_unobs_or_zero_occ_residues.occupancy_flag 
_pdbx_unobs_or_zero_occ_residues.auth_asym_id 
_pdbx_unobs_or_zero_occ_residues.auth_comp_id 
_pdbx_unobs_or_zero_occ_residues.auth_seq_id 
_pdbx_unobs_or_zero_occ_residues.PDB_ins_code 
_pdbx_unobs_or_zero_occ_residues.label_asym_id 
_pdbx_unobs_or_zero_occ_residues.label_comp_id 
_pdbx_unobs_or_zero_occ_residues.label_seq_id 
1 1 Y 1 A MET 1   ? A MET 1   
2 1 Y 1 A MET 2   ? A MET 2   
3 1 Y 1 A ALA 146 ? A ALA 146 
4 1 Y 1 A ASN 147 ? A ASN 147 
5 1 Y 1 A GLY 148 ? A GLY 148 
# 
loop_
_chem_comp_atom.comp_id 
_chem_comp_atom.atom_id 
_chem_comp_atom.type_symbol 
_chem_comp_atom.pdbx_aromatic_flag 
_chem_comp_atom.pdbx_stereo_config 
_chem_comp_atom.pdbx_ordinal 
ALA N    N N N 1   
ALA CA   C N S 2   
ALA C    C N N 3   
ALA O    O N N 4   
ALA CB   C N N 5   
ALA OXT  O N N 6   
ALA H    H N N 7   
ALA H2   H N N 8   
ALA HA   H N N 9   
ALA HB1  H N N 10  
ALA HB2  H N N 11  
ALA HB3  H N N 12  
ALA HXT  H N N 13  
ARG N    N N N 14  
ARG CA   C N S 15  
ARG C    C N N 16  
ARG O    O N N 17  
ARG CB   C N N 18  
ARG CG   C N N 19  
ARG CD   C N N 20  
ARG NE   N N N 21  
ARG CZ   C N N 22  
ARG NH1  N N N 23  
ARG NH2  N N N 24  
ARG OXT  O N N 25  
ARG H    H N N 26  
ARG H2   H N N 27  
ARG HA   H N N 28  
ARG HB2  H N N 29  
ARG HB3  H N N 30  
ARG HG2  H N N 31  
ARG HG3  H N N 32  
ARG HD2  H N N 33  
ARG HD3  H N N 34  
ARG HE   H N N 35  
ARG HH11 H N N 36  
ARG HH12 H N N 37  
ARG HH21 H N N 38  
ARG HH22 H N N 39  
ARG HXT  H N N 40  
ASN N    N N N 41  
ASN CA   C N S 42  
ASN C    C N N 43  
ASN O    O N N 44  
ASN CB   C N N 45  
ASN CG   C N N 46  
ASN OD1  O N N 47  
ASN ND2  N N N 48  
ASN OXT  O N N 49  
ASN H    H N N 50  
ASN H2   H N N 51  
ASN HA   H N N 52  
ASN HB2  H N N 53  
ASN HB3  H N N 54  
ASN HD21 H N N 55  
ASN HD22 H N N 56  
ASN HXT  H N N 57  
ASP N    N N N 58  
ASP CA   C N S 59  
ASP C    C N N 60  
ASP O    O N N 61  
ASP CB   C N N 62  
ASP CG   C N N 63  
ASP OD1  O N N 64  
ASP OD2  O N N 65  
ASP OXT  O N N 66  
ASP H    H N N 67  
ASP H2   H N N 68  
ASP HA   H N N 69  
ASP HB2  H N N 70  
ASP HB3  H N N 71  
ASP HD2  H N N 72  
ASP HXT  H N N 73  
GLN N    N N N 74  
GLN CA   C N S 75  
GLN C    C N N 76  
GLN O    O N N 77  
GLN CB   C N N 78  
GLN CG   C N N 79  
GLN CD   C N N 80  
GLN OE1  O N N 81  
GLN NE2  N N N 82  
GLN OXT  O N N 83  
GLN H    H N N 84  
GLN H2   H N N 85  
GLN HA   H N N 86  
GLN HB2  H N N 87  
GLN HB3  H N N 88  
GLN HG2  H N N 89  
GLN HG3  H N N 90  
GLN HE21 H N N 91  
GLN HE22 H N N 92  
GLN HXT  H N N 93  
GLU N    N N N 94  
GLU CA   C N S 95  
GLU C    C N N 96  
GLU O    O N N 97  
GLU CB   C N N 98  
GLU CG   C N N 99  
GLU CD   C N N 100 
GLU OE1  O N N 101 
GLU OE2  O N N 102 
GLU OXT  O N N 103 
GLU H    H N N 104 
GLU H2   H N N 105 
GLU HA   H N N 106 
GLU HB2  H N N 107 
GLU HB3  H N N 108 
GLU HG2  H N N 109 
GLU HG3  H N N 110 
GLU HE2  H N N 111 
GLU HXT  H N N 112 
GLY N    N N N 113 
GLY CA   C N N 114 
GLY C    C N N 115 
GLY O    O N N 116 
GLY OXT  O N N 117 
GLY H    H N N 118 
GLY H2   H N N 119 
GLY HA2  H N N 120 
GLY HA3  H N N 121 
GLY HXT  H N N 122 
HIS N    N N N 123 
HIS CA   C N S 124 
HIS C    C N N 125 
HIS O    O N N 126 
HIS CB   C N N 127 
HIS CG   C Y N 128 
HIS ND1  N Y N 129 
HIS CD2  C Y N 130 
HIS CE1  C Y N 131 
HIS NE2  N Y N 132 
HIS OXT  O N N 133 
HIS H    H N N 134 
HIS H2   H N N 135 
HIS HA   H N N 136 
HIS HB2  H N N 137 
HIS HB3  H N N 138 
HIS HD1  H N N 139 
HIS HD2  H N N 140 
HIS HE1  H N N 141 
HIS HE2  H N N 142 
HIS HXT  H N N 143 
HOH O    O N N 144 
HOH H1   H N N 145 
HOH H2   H N N 146 
ILE N    N N N 147 
ILE CA   C N S 148 
ILE C    C N N 149 
ILE O    O N N 150 
ILE CB   C N S 151 
ILE CG1  C N N 152 
ILE CG2  C N N 153 
ILE CD1  C N N 154 
ILE OXT  O N N 155 
ILE H    H N N 156 
ILE H2   H N N 157 
ILE HA   H N N 158 
ILE HB   H N N 159 
ILE HG12 H N N 160 
ILE HG13 H N N 161 
ILE HG21 H N N 162 
ILE HG22 H N N 163 
ILE HG23 H N N 164 
ILE HD11 H N N 165 
ILE HD12 H N N 166 
ILE HD13 H N N 167 
ILE HXT  H N N 168 
LEU N    N N N 169 
LEU CA   C N S 170 
LEU C    C N N 171 
LEU O    O N N 172 
LEU CB   C N N 173 
LEU CG   C N N 174 
LEU CD1  C N N 175 
LEU CD2  C N N 176 
LEU OXT  O N N 177 
LEU H    H N N 178 
LEU H2   H N N 179 
LEU HA   H N N 180 
LEU HB2  H N N 181 
LEU HB3  H N N 182 
LEU HG   H N N 183 
LEU HD11 H N N 184 
LEU HD12 H N N 185 
LEU HD13 H N N 186 
LEU HD21 H N N 187 
LEU HD22 H N N 188 
LEU HD23 H N N 189 
LEU HXT  H N N 190 
LYS N    N N N 191 
LYS CA   C N S 192 
LYS C    C N N 193 
LYS O    O N N 194 
LYS CB   C N N 195 
LYS CG   C N N 196 
LYS CD   C N N 197 
LYS CE   C N N 198 
LYS NZ   N N N 199 
LYS OXT  O N N 200 
LYS H    H N N 201 
LYS H2   H N N 202 
LYS HA   H N N 203 
LYS HB2  H N N 204 
LYS HB3  H N N 205 
LYS HG2  H N N 206 
LYS HG3  H N N 207 
LYS HD2  H N N 208 
LYS HD3  H N N 209 
LYS HE2  H N N 210 
LYS HE3  H N N 211 
LYS HZ1  H N N 212 
LYS HZ2  H N N 213 
LYS HZ3  H N N 214 
LYS HXT  H N N 215 
MET N    N N N 216 
MET CA   C N S 217 
MET C    C N N 218 
MET O    O N N 219 
MET CB   C N N 220 
MET CG   C N N 221 
MET SD   S N N 222 
MET CE   C N N 223 
MET OXT  O N N 224 
MET H    H N N 225 
MET H2   H N N 226 
MET HA   H N N 227 
MET HB2  H N N 228 
MET HB3  H N N 229 
MET HG2  H N N 230 
MET HG3  H N N 231 
MET HE1  H N N 232 
MET HE2  H N N 233 
MET HE3  H N N 234 
MET HXT  H N N 235 
PHE N    N N N 236 
PHE CA   C N S 237 
PHE C    C N N 238 
PHE O    O N N 239 
PHE CB   C N N 240 
PHE CG   C Y N 241 
PHE CD1  C Y N 242 
PHE CD2  C Y N 243 
PHE CE1  C Y N 244 
PHE CE2  C Y N 245 
PHE CZ   C Y N 246 
PHE OXT  O N N 247 
PHE H    H N N 248 
PHE H2   H N N 249 
PHE HA   H N N 250 
PHE HB2  H N N 251 
PHE HB3  H N N 252 
PHE HD1  H N N 253 
PHE HD2  H N N 254 
PHE HE1  H N N 255 
PHE HE2  H N N 256 
PHE HZ   H N N 257 
PHE HXT  H N N 258 
PRO N    N N N 259 
PRO CA   C N S 260 
PRO C    C N N 261 
PRO O    O N N 262 
PRO CB   C N N 263 
PRO CG   C N N 264 
PRO CD   C N N 265 
PRO OXT  O N N 266 
PRO H    H N N 267 
PRO HA   H N N 268 
PRO HB2  H N N 269 
PRO HB3  H N N 270 
PRO HG2  H N N 271 
PRO HG3  H N N 272 
PRO HD2  H N N 273 
PRO HD3  H N N 274 
PRO HXT  H N N 275 
SER N    N N N 276 
SER CA   C N S 277 
SER C    C N N 278 
SER O    O N N 279 
SER CB   C N N 280 
SER OG   O N N 281 
SER OXT  O N N 282 
SER H    H N N 283 
SER H2   H N N 284 
SER HA   H N N 285 
SER HB2  H N N 286 
SER HB3  H N N 287 
SER HG   H N N 288 
SER HXT  H N N 289 
THR N    N N N 290 
THR CA   C N S 291 
THR C    C N N 292 
THR O    O N N 293 
THR CB   C N R 294 
THR OG1  O N N 295 
THR CG2  C N N 296 
THR OXT  O N N 297 
THR H    H N N 298 
THR H2   H N N 299 
THR HA   H N N 300 
THR HB   H N N 301 
THR HG1  H N N 302 
THR HG21 H N N 303 
THR HG22 H N N 304 
THR HG23 H N N 305 
THR HXT  H N N 306 
TRP N    N N N 307 
TRP CA   C N S 308 
TRP C    C N N 309 
TRP O    O N N 310 
TRP CB   C N N 311 
TRP CG   C Y N 312 
TRP CD1  C Y N 313 
TRP CD2  C Y N 314 
TRP NE1  N Y N 315 
TRP CE2  C Y N 316 
TRP CE3  C Y N 317 
TRP CZ2  C Y N 318 
TRP CZ3  C Y N 319 
TRP CH2  C Y N 320 
TRP OXT  O N N 321 
TRP H    H N N 322 
TRP H2   H N N 323 
TRP HA   H N N 324 
TRP HB2  H N N 325 
TRP HB3  H N N 326 
TRP HD1  H N N 327 
TRP HE1  H N N 328 
TRP HE3  H N N 329 
TRP HZ2  H N N 330 
TRP HZ3  H N N 331 
TRP HH2  H N N 332 
TRP HXT  H N N 333 
TYR N    N N N 334 
TYR CA   C N S 335 
TYR C    C N N 336 
TYR O    O N N 337 
TYR CB   C N N 338 
TYR CG   C Y N 339 
TYR CD1  C Y N 340 
TYR CD2  C Y N 341 
TYR CE1  C Y N 342 
TYR CE2  C Y N 343 
TYR CZ   C Y N 344 
TYR OH   O N N 345 
TYR OXT  O N N 346 
TYR H    H N N 347 
TYR H2   H N N 348 
TYR HA   H N N 349 
TYR HB2  H N N 350 
TYR HB3  H N N 351 
TYR HD1  H N N 352 
TYR HD2  H N N 353 
TYR HE1  H N N 354 
TYR HE2  H N N 355 
TYR HH   H N N 356 
TYR HXT  H N N 357 
VAL N    N N N 358 
VAL CA   C N S 359 
VAL C    C N N 360 
VAL O    O N N 361 
VAL CB   C N N 362 
VAL CG1  C N N 363 
VAL CG2  C N N 364 
VAL OXT  O N N 365 
VAL H    H N N 366 
VAL H2   H N N 367 
VAL HA   H N N 368 
VAL HB   H N N 369 
VAL HG11 H N N 370 
VAL HG12 H N N 371 
VAL HG13 H N N 372 
VAL HG21 H N N 373 
VAL HG22 H N N 374 
VAL HG23 H N N 375 
VAL HXT  H N N 376 
# 
loop_
_chem_comp_bond.comp_id 
_chem_comp_bond.atom_id_1 
_chem_comp_bond.atom_id_2 
_chem_comp_bond.value_order 
_chem_comp_bond.pdbx_aromatic_flag 
_chem_comp_bond.pdbx_stereo_config 
_chem_comp_bond.pdbx_ordinal 
ALA N   CA   sing N N 1   
ALA N   H    sing N N 2   
ALA N   H2   sing N N 3   
ALA CA  C    sing N N 4   
ALA CA  CB   sing N N 5   
ALA CA  HA   sing N N 6   
ALA C   O    doub N N 7   
ALA C   OXT  sing N N 8   
ALA CB  HB1  sing N N 9   
ALA CB  HB2  sing N N 10  
ALA CB  HB3  sing N N 11  
ALA OXT HXT  sing N N 12  
ARG N   CA   sing N N 13  
ARG N   H    sing N N 14  
ARG N   H2   sing N N 15  
ARG CA  C    sing N N 16  
ARG CA  CB   sing N N 17  
ARG CA  HA   sing N N 18  
ARG C   O    doub N N 19  
ARG C   OXT  sing N N 20  
ARG CB  CG   sing N N 21  
ARG CB  HB2  sing N N 22  
ARG CB  HB3  sing N N 23  
ARG CG  CD   sing N N 24  
ARG CG  HG2  sing N N 25  
ARG CG  HG3  sing N N 26  
ARG CD  NE   sing N N 27  
ARG CD  HD2  sing N N 28  
ARG CD  HD3  sing N N 29  
ARG NE  CZ   sing N N 30  
ARG NE  HE   sing N N 31  
ARG CZ  NH1  sing N N 32  
ARG CZ  NH2  doub N N 33  
ARG NH1 HH11 sing N N 34  
ARG NH1 HH12 sing N N 35  
ARG NH2 HH21 sing N N 36  
ARG NH2 HH22 sing N N 37  
ARG OXT HXT  sing N N 38  
ASN N   CA   sing N N 39  
ASN N   H    sing N N 40  
ASN N   H2   sing N N 41  
ASN CA  C    sing N N 42  
ASN CA  CB   sing N N 43  
ASN CA  HA   sing N N 44  
ASN C   O    doub N N 45  
ASN C   OXT  sing N N 46  
ASN CB  CG   sing N N 47  
ASN CB  HB2  sing N N 48  
ASN CB  HB3  sing N N 49  
ASN CG  OD1  doub N N 50  
ASN CG  ND2  sing N N 51  
ASN ND2 HD21 sing N N 52  
ASN ND2 HD22 sing N N 53  
ASN OXT HXT  sing N N 54  
ASP N   CA   sing N N 55  
ASP N   H    sing N N 56  
ASP N   H2   sing N N 57  
ASP CA  C    sing N N 58  
ASP CA  CB   sing N N 59  
ASP CA  HA   sing N N 60  
ASP C   O    doub N N 61  
ASP C   OXT  sing N N 62  
ASP CB  CG   sing N N 63  
ASP CB  HB2  sing N N 64  
ASP CB  HB3  sing N N 65  
ASP CG  OD1  doub N N 66  
ASP CG  OD2  sing N N 67  
ASP OD2 HD2  sing N N 68  
ASP OXT HXT  sing N N 69  
GLN N   CA   sing N N 70  
GLN N   H    sing N N 71  
GLN N   H2   sing N N 72  
GLN CA  C    sing N N 73  
GLN CA  CB   sing N N 74  
GLN CA  HA   sing N N 75  
GLN C   O    doub N N 76  
GLN C   OXT  sing N N 77  
GLN CB  CG   sing N N 78  
GLN CB  HB2  sing N N 79  
GLN CB  HB3  sing N N 80  
GLN CG  CD   sing N N 81  
GLN CG  HG2  sing N N 82  
GLN CG  HG3  sing N N 83  
GLN CD  OE1  doub N N 84  
GLN CD  NE2  sing N N 85  
GLN NE2 HE21 sing N N 86  
GLN NE2 HE22 sing N N 87  
GLN OXT HXT  sing N N 88  
GLU N   CA   sing N N 89  
GLU N   H    sing N N 90  
GLU N   H2   sing N N 91  
GLU CA  C    sing N N 92  
GLU CA  CB   sing N N 93  
GLU CA  HA   sing N N 94  
GLU C   O    doub N N 95  
GLU C   OXT  sing N N 96  
GLU CB  CG   sing N N 97  
GLU CB  HB2  sing N N 98  
GLU CB  HB3  sing N N 99  
GLU CG  CD   sing N N 100 
GLU CG  HG2  sing N N 101 
GLU CG  HG3  sing N N 102 
GLU CD  OE1  doub N N 103 
GLU CD  OE2  sing N N 104 
GLU OE2 HE2  sing N N 105 
GLU OXT HXT  sing N N 106 
GLY N   CA   sing N N 107 
GLY N   H    sing N N 108 
GLY N   H2   sing N N 109 
GLY CA  C    sing N N 110 
GLY CA  HA2  sing N N 111 
GLY CA  HA3  sing N N 112 
GLY C   O    doub N N 113 
GLY C   OXT  sing N N 114 
GLY OXT HXT  sing N N 115 
HIS N   CA   sing N N 116 
HIS N   H    sing N N 117 
HIS N   H2   sing N N 118 
HIS CA  C    sing N N 119 
HIS CA  CB   sing N N 120 
HIS CA  HA   sing N N 121 
HIS C   O    doub N N 122 
HIS C   OXT  sing N N 123 
HIS CB  CG   sing N N 124 
HIS CB  HB2  sing N N 125 
HIS CB  HB3  sing N N 126 
HIS CG  ND1  sing Y N 127 
HIS CG  CD2  doub Y N 128 
HIS ND1 CE1  doub Y N 129 
HIS ND1 HD1  sing N N 130 
HIS CD2 NE2  sing Y N 131 
HIS CD2 HD2  sing N N 132 
HIS CE1 NE2  sing Y N 133 
HIS CE1 HE1  sing N N 134 
HIS NE2 HE2  sing N N 135 
HIS OXT HXT  sing N N 136 
HOH O   H1   sing N N 137 
HOH O   H2   sing N N 138 
ILE N   CA   sing N N 139 
ILE N   H    sing N N 140 
ILE N   H2   sing N N 141 
ILE CA  C    sing N N 142 
ILE CA  CB   sing N N 143 
ILE CA  HA   sing N N 144 
ILE C   O    doub N N 145 
ILE C   OXT  sing N N 146 
ILE CB  CG1  sing N N 147 
ILE CB  CG2  sing N N 148 
ILE CB  HB   sing N N 149 
ILE CG1 CD1  sing N N 150 
ILE CG1 HG12 sing N N 151 
ILE CG1 HG13 sing N N 152 
ILE CG2 HG21 sing N N 153 
ILE CG2 HG22 sing N N 154 
ILE CG2 HG23 sing N N 155 
ILE CD1 HD11 sing N N 156 
ILE CD1 HD12 sing N N 157 
ILE CD1 HD13 sing N N 158 
ILE OXT HXT  sing N N 159 
LEU N   CA   sing N N 160 
LEU N   H    sing N N 161 
LEU N   H2   sing N N 162 
LEU CA  C    sing N N 163 
LEU CA  CB   sing N N 164 
LEU CA  HA   sing N N 165 
LEU C   O    doub N N 166 
LEU C   OXT  sing N N 167 
LEU CB  CG   sing N N 168 
LEU CB  HB2  sing N N 169 
LEU CB  HB3  sing N N 170 
LEU CG  CD1  sing N N 171 
LEU CG  CD2  sing N N 172 
LEU CG  HG   sing N N 173 
LEU CD1 HD11 sing N N 174 
LEU CD1 HD12 sing N N 175 
LEU CD1 HD13 sing N N 176 
LEU CD2 HD21 sing N N 177 
LEU CD2 HD22 sing N N 178 
LEU CD2 HD23 sing N N 179 
LEU OXT HXT  sing N N 180 
LYS N   CA   sing N N 181 
LYS N   H    sing N N 182 
LYS N   H2   sing N N 183 
LYS CA  C    sing N N 184 
LYS CA  CB   sing N N 185 
LYS CA  HA   sing N N 186 
LYS C   O    doub N N 187 
LYS C   OXT  sing N N 188 
LYS CB  CG   sing N N 189 
LYS CB  HB2  sing N N 190 
LYS CB  HB3  sing N N 191 
LYS CG  CD   sing N N 192 
LYS CG  HG2  sing N N 193 
LYS CG  HG3  sing N N 194 
LYS CD  CE   sing N N 195 
LYS CD  HD2  sing N N 196 
LYS CD  HD3  sing N N 197 
LYS CE  NZ   sing N N 198 
LYS CE  HE2  sing N N 199 
LYS CE  HE3  sing N N 200 
LYS NZ  HZ1  sing N N 201 
LYS NZ  HZ2  sing N N 202 
LYS NZ  HZ3  sing N N 203 
LYS OXT HXT  sing N N 204 
MET N   CA   sing N N 205 
MET N   H    sing N N 206 
MET N   H2   sing N N 207 
MET CA  C    sing N N 208 
MET CA  CB   sing N N 209 
MET CA  HA   sing N N 210 
MET C   O    doub N N 211 
MET C   OXT  sing N N 212 
MET CB  CG   sing N N 213 
MET CB  HB2  sing N N 214 
MET CB  HB3  sing N N 215 
MET CG  SD   sing N N 216 
MET CG  HG2  sing N N 217 
MET CG  HG3  sing N N 218 
MET SD  CE   sing N N 219 
MET CE  HE1  sing N N 220 
MET CE  HE2  sing N N 221 
MET CE  HE3  sing N N 222 
MET OXT HXT  sing N N 223 
PHE N   CA   sing N N 224 
PHE N   H    sing N N 225 
PHE N   H2   sing N N 226 
PHE CA  C    sing N N 227 
PHE CA  CB   sing N N 228 
PHE CA  HA   sing N N 229 
PHE C   O    doub N N 230 
PHE C   OXT  sing N N 231 
PHE CB  CG   sing N N 232 
PHE CB  HB2  sing N N 233 
PHE CB  HB3  sing N N 234 
PHE CG  CD1  doub Y N 235 
PHE CG  CD2  sing Y N 236 
PHE CD1 CE1  sing Y N 237 
PHE CD1 HD1  sing N N 238 
PHE CD2 CE2  doub Y N 239 
PHE CD2 HD2  sing N N 240 
PHE CE1 CZ   doub Y N 241 
PHE CE1 HE1  sing N N 242 
PHE CE2 CZ   sing Y N 243 
PHE CE2 HE2  sing N N 244 
PHE CZ  HZ   sing N N 245 
PHE OXT HXT  sing N N 246 
PRO N   CA   sing N N 247 
PRO N   CD   sing N N 248 
PRO N   H    sing N N 249 
PRO CA  C    sing N N 250 
PRO CA  CB   sing N N 251 
PRO CA  HA   sing N N 252 
PRO C   O    doub N N 253 
PRO C   OXT  sing N N 254 
PRO CB  CG   sing N N 255 
PRO CB  HB2  sing N N 256 
PRO CB  HB3  sing N N 257 
PRO CG  CD   sing N N 258 
PRO CG  HG2  sing N N 259 
PRO CG  HG3  sing N N 260 
PRO CD  HD2  sing N N 261 
PRO CD  HD3  sing N N 262 
PRO OXT HXT  sing N N 263 
SER N   CA   sing N N 264 
SER N   H    sing N N 265 
SER N   H2   sing N N 266 
SER CA  C    sing N N 267 
SER CA  CB   sing N N 268 
SER CA  HA   sing N N 269 
SER C   O    doub N N 270 
SER C   OXT  sing N N 271 
SER CB  OG   sing N N 272 
SER CB  HB2  sing N N 273 
SER CB  HB3  sing N N 274 
SER OG  HG   sing N N 275 
SER OXT HXT  sing N N 276 
THR N   CA   sing N N 277 
THR N   H    sing N N 278 
THR N   H2   sing N N 279 
THR CA  C    sing N N 280 
THR CA  CB   sing N N 281 
THR CA  HA   sing N N 282 
THR C   O    doub N N 283 
THR C   OXT  sing N N 284 
THR CB  OG1  sing N N 285 
THR CB  CG2  sing N N 286 
THR CB  HB   sing N N 287 
THR OG1 HG1  sing N N 288 
THR CG2 HG21 sing N N 289 
THR CG2 HG22 sing N N 290 
THR CG2 HG23 sing N N 291 
THR OXT HXT  sing N N 292 
TRP N   CA   sing N N 293 
TRP N   H    sing N N 294 
TRP N   H2   sing N N 295 
TRP CA  C    sing N N 296 
TRP CA  CB   sing N N 297 
TRP CA  HA   sing N N 298 
TRP C   O    doub N N 299 
TRP C   OXT  sing N N 300 
TRP CB  CG   sing N N 301 
TRP CB  HB2  sing N N 302 
TRP CB  HB3  sing N N 303 
TRP CG  CD1  doub Y N 304 
TRP CG  CD2  sing Y N 305 
TRP CD1 NE1  sing Y N 306 
TRP CD1 HD1  sing N N 307 
TRP CD2 CE2  doub Y N 308 
TRP CD2 CE3  sing Y N 309 
TRP NE1 CE2  sing Y N 310 
TRP NE1 HE1  sing N N 311 
TRP CE2 CZ2  sing Y N 312 
TRP CE3 CZ3  doub Y N 313 
TRP CE3 HE3  sing N N 314 
TRP CZ2 CH2  doub Y N 315 
TRP CZ2 HZ2  sing N N 316 
TRP CZ3 CH2  sing Y N 317 
TRP CZ3 HZ3  sing N N 318 
TRP CH2 HH2  sing N N 319 
TRP OXT HXT  sing N N 320 
TYR N   CA   sing N N 321 
TYR N   H    sing N N 322 
TYR N   H2   sing N N 323 
TYR CA  C    sing N N 324 
TYR CA  CB   sing N N 325 
TYR CA  HA   sing N N 326 
TYR C   O    doub N N 327 
TYR C   OXT  sing N N 328 
TYR CB  CG   sing N N 329 
TYR CB  HB2  sing N N 330 
TYR CB  HB3  sing N N 331 
TYR CG  CD1  doub Y N 332 
TYR CG  CD2  sing Y N 333 
TYR CD1 CE1  sing Y N 334 
TYR CD1 HD1  sing N N 335 
TYR CD2 CE2  doub Y N 336 
TYR CD2 HD2  sing N N 337 
TYR CE1 CZ   doub Y N 338 
TYR CE1 HE1  sing N N 339 
TYR CE2 CZ   sing Y N 340 
TYR CE2 HE2  sing N N 341 
TYR CZ  OH   sing N N 342 
TYR OH  HH   sing N N 343 
TYR OXT HXT  sing N N 344 
VAL N   CA   sing N N 345 
VAL N   H    sing N N 346 
VAL N   H2   sing N N 347 
VAL CA  C    sing N N 348 
VAL CA  CB   sing N N 349 
VAL CA  HA   sing N N 350 
VAL C   O    doub N N 351 
VAL C   OXT  sing N N 352 
VAL CB  CG1  sing N N 353 
VAL CB  CG2  sing N N 354 
VAL CB  HB   sing N N 355 
VAL CG1 HG11 sing N N 356 
VAL CG1 HG12 sing N N 357 
VAL CG1 HG13 sing N N 358 
VAL CG2 HG21 sing N N 359 
VAL CG2 HG22 sing N N 360 
VAL CG2 HG23 sing N N 361 
VAL OXT HXT  sing N N 362 
# 
_pdbx_audit_support.funding_organization   'National Natural Science Foundation of China (NSFC)' 
_pdbx_audit_support.country                China 
_pdbx_audit_support.grant_number           ? 
_pdbx_audit_support.ordinal                1 
# 
_pdbx_entity_nonpoly.entity_id   2 
_pdbx_entity_nonpoly.name        water 
_pdbx_entity_nonpoly.comp_id     HOH 
# 
_pdbx_initial_refinement_model.id               1 
_pdbx_initial_refinement_model.entity_id_list   ? 
_pdbx_initial_refinement_model.type             'experimental model' 
_pdbx_initial_refinement_model.source_name      PDB 
_pdbx_initial_refinement_model.accession_code   1VLG 
_pdbx_initial_refinement_model.details          ? 
# 
_pdbx_struct_assembly_auth_evidence.id                     1 
_pdbx_struct_assembly_auth_evidence.assembly_id            1 
_pdbx_struct_assembly_auth_evidence.experimental_support   none 
_pdbx_struct_assembly_auth_evidence.details                ? 
# 
